data_4IPA
#
_entry.id   4IPA
#
_cell.length_a   191.998
_cell.length_b   193.316
_cell.length_c   70.913
_cell.angle_alpha   90.00
_cell.angle_beta   90.00
_cell.angle_gamma   90.00
#
_symmetry.space_group_name_H-M   'P 21 21 2'
#
loop_
_entity.id
_entity.type
_entity.pdbx_description
1 polymer 'Putative curved DNA-binding protein'
2 non-polymer 'SULFATE ION'
3 water water
#
_entity_poly.entity_id   1
_entity_poly.type   'polypeptide(L)'
_entity_poly.pdbx_seq_one_letter_code
;MGHHHHHHMATEKKEADNVAISVDVLTKYKTAAQISEKVLAEVSKLCVPGAKIIDICEQGDKLMEEELSKVYRDKKTNKG
FSHPTTVSPAAFITPYTPLRSDEKEAATEIQPGEPIKIQLGAQIDGYGTIVCDTIVAKNANDPDVIEGRQADLFLATYYA
NEVLLRLMVPPGLLATGTDEEKAKAAAVKPPSQAKISSLLEKVAKAYDCNIIESTTSWLFDKNEIEGKKKIILSPGENIK
GEGVPEVGDVWGVEVGCSLGSGKVKQFEQRATLHRRTNNTYALKRPTSRKIYSEVQKKFGTFPFSLRQLEDERDAKSGVI
ECVRGGVFRQYEVTGDKDNAPVCRLLTTIAITKNGITRIGGPPAWDLSKFKTDKKIEDEEILKILEQPLSKNAGKNKNKK
KKKKAKKAAAKPDEGEEESSDEE
;
_entity_poly.pdbx_strand_id   A,B,C,D
#
loop_
_chem_comp.id
_chem_comp.type
_chem_comp.name
_chem_comp.formula
SO4 non-polymer 'SULFATE ION' 'O4 S -2'
#
# COMPACT_ATOMS: atom_id res chain seq x y z
N ALA A 20 -8.71 9.59 0.28
CA ALA A 20 -9.67 10.67 0.53
C ALA A 20 -8.96 11.96 0.91
N ILE A 21 -9.50 13.07 0.43
CA ILE A 21 -8.96 14.38 0.78
C ILE A 21 -9.45 14.79 2.16
N SER A 22 -8.53 15.24 3.01
CA SER A 22 -8.88 15.56 4.38
C SER A 22 -9.75 16.82 4.42
N VAL A 23 -10.49 16.98 5.51
CA VAL A 23 -11.27 18.19 5.72
C VAL A 23 -10.34 19.39 5.63
N ASP A 24 -9.17 19.27 6.23
CA ASP A 24 -8.25 20.41 6.27
C ASP A 24 -7.87 20.90 4.85
N VAL A 25 -7.48 19.96 4.01
CA VAL A 25 -7.06 20.27 2.66
C VAL A 25 -8.24 20.72 1.77
N LEU A 26 -9.33 19.97 1.82
CA LEU A 26 -10.50 20.32 1.07
C LEU A 26 -10.96 21.74 1.41
N THR A 27 -10.96 22.07 2.70
CA THR A 27 -11.40 23.36 3.21
C THR A 27 -10.49 24.52 2.78
N LYS A 28 -9.20 24.25 2.65
CA LYS A 28 -8.25 25.26 2.18
C LYS A 28 -8.43 25.53 0.69
N TYR A 29 -8.58 24.47 -0.10
CA TYR A 29 -8.99 24.62 -1.49
C TYR A 29 -10.27 25.42 -1.56
N LYS A 30 -11.24 25.07 -0.72
CA LYS A 30 -12.53 25.77 -0.76
C LYS A 30 -12.42 27.25 -0.38
N THR A 31 -11.56 27.57 0.58
CA THR A 31 -11.37 28.97 0.94
C THR A 31 -10.78 29.72 -0.24
N ALA A 32 -9.81 29.09 -0.91
CA ALA A 32 -9.22 29.64 -2.11
C ALA A 32 -10.26 29.86 -3.22
N ALA A 33 -11.14 28.89 -3.42
CA ALA A 33 -12.17 28.97 -4.45
C ALA A 33 -13.14 30.12 -4.21
N GLN A 34 -13.59 30.27 -2.98
CA GLN A 34 -14.52 31.34 -2.66
C GLN A 34 -13.87 32.69 -2.93
N ILE A 35 -12.59 32.83 -2.58
CA ILE A 35 -11.88 34.06 -2.90
C ILE A 35 -11.78 34.25 -4.41
N SER A 36 -11.39 33.20 -5.14
CA SER A 36 -11.20 33.34 -6.58
C SER A 36 -12.51 33.68 -7.27
N GLU A 37 -13.58 33.03 -6.86
CA GLU A 37 -14.86 33.29 -7.51
C GLU A 37 -15.37 34.70 -7.22
N LYS A 38 -15.11 35.20 -6.01
CA LYS A 38 -15.51 36.56 -5.66
C LYS A 38 -14.69 37.60 -6.43
N VAL A 39 -13.38 37.38 -6.56
CA VAL A 39 -12.55 38.30 -7.34
C VAL A 39 -12.91 38.22 -8.83
N LEU A 40 -13.26 37.02 -9.28
CA LEU A 40 -13.63 36.83 -10.68
C LEU A 40 -14.89 37.63 -11.00
N ALA A 41 -15.81 37.68 -10.05
CA ALA A 41 -17.08 38.36 -10.28
C ALA A 41 -16.85 39.86 -10.32
N GLU A 42 -16.03 40.36 -9.39
CA GLU A 42 -15.70 41.78 -9.34
C GLU A 42 -14.91 42.20 -10.55
N VAL A 43 -14.00 41.35 -11.01
CA VAL A 43 -13.22 41.66 -12.21
C VAL A 43 -14.10 41.65 -13.47
N SER A 44 -15.04 40.71 -13.56
CA SER A 44 -15.91 40.62 -14.74
C SER A 44 -16.75 41.90 -14.90
N LYS A 45 -17.18 42.49 -13.79
CA LYS A 45 -17.94 43.73 -13.83
C LYS A 45 -17.11 44.91 -14.38
N LEU A 46 -15.79 44.86 -14.20
CA LEU A 46 -14.93 45.92 -14.72
C LEU A 46 -14.70 45.79 -16.23
N CYS A 47 -15.00 44.63 -16.80
CA CYS A 47 -14.67 44.39 -18.21
C CYS A 47 -15.70 44.96 -19.18
N VAL A 48 -15.85 46.27 -19.15
CA VAL A 48 -16.75 46.98 -20.05
C VAL A 48 -15.97 47.58 -21.23
N PRO A 49 -16.64 47.81 -22.36
CA PRO A 49 -15.95 48.42 -23.50
C PRO A 49 -15.28 49.72 -23.09
N GLY A 50 -14.03 49.93 -23.50
CA GLY A 50 -13.30 51.15 -23.20
C GLY A 50 -12.36 51.03 -22.00
N ALA A 51 -12.59 50.03 -21.14
CA ALA A 51 -11.73 49.84 -19.98
C ALA A 51 -10.34 49.40 -20.43
N LYS A 52 -9.33 49.92 -19.76
CA LYS A 52 -7.95 49.56 -20.01
C LYS A 52 -7.62 48.26 -19.29
N ILE A 53 -7.14 47.28 -20.05
CA ILE A 53 -6.76 45.99 -19.48
C ILE A 53 -5.82 46.10 -18.28
N ILE A 54 -4.82 46.98 -18.36
CA ILE A 54 -3.84 47.05 -17.27
C ILE A 54 -4.49 47.52 -15.96
N ASP A 55 -5.53 48.35 -16.07
CA ASP A 55 -6.24 48.81 -14.89
C ASP A 55 -7.02 47.68 -14.24
N ILE A 56 -7.68 46.87 -15.07
CA ILE A 56 -8.45 45.72 -14.59
C ILE A 56 -7.57 44.69 -13.87
N CYS A 57 -6.45 44.32 -14.49
CA CYS A 57 -5.51 43.38 -13.88
C CYS A 57 -4.98 43.92 -12.55
N GLU A 58 -4.60 45.20 -12.53
CA GLU A 58 -4.11 45.78 -11.29
C GLU A 58 -5.19 45.76 -10.21
N GLN A 59 -6.41 46.14 -10.58
CA GLN A 59 -7.50 46.16 -9.63
C GLN A 59 -7.86 44.76 -9.13
N GLY A 60 -7.82 43.79 -10.03
CA GLY A 60 -8.10 42.41 -9.67
C GLY A 60 -7.07 41.93 -8.66
N ASP A 61 -5.80 42.26 -8.92
CA ASP A 61 -4.72 41.81 -8.05
C ASP A 61 -4.83 42.44 -6.66
N LYS A 62 -5.23 43.70 -6.64
CA LYS A 62 -5.47 44.43 -5.43
C LYS A 62 -6.60 43.81 -4.63
N LEU A 63 -7.71 43.55 -5.26
CA LEU A 63 -8.78 42.84 -4.65
C LEU A 63 -8.41 41.50 -4.05
N MET A 64 -7.57 40.76 -4.75
CA MET A 64 -7.14 39.49 -4.32
C MET A 64 -6.36 39.58 -3.04
N GLU A 65 -5.49 40.55 -2.99
CA GLU A 65 -4.72 40.73 -1.77
C GLU A 65 -5.61 41.13 -0.58
N GLU A 66 -6.54 42.05 -0.79
CA GLU A 66 -7.50 42.41 0.26
C GLU A 66 -8.24 41.17 0.76
N GLU A 67 -8.81 40.40 -0.17
CA GLU A 67 -9.55 39.20 0.19
C GLU A 67 -8.66 38.26 0.98
N LEU A 68 -7.42 38.12 0.51
CA LEU A 68 -6.47 37.21 1.14
C LEU A 68 -6.16 37.65 2.58
N SER A 69 -6.01 38.95 2.78
CA SER A 69 -5.67 39.44 4.11
C SER A 69 -6.82 39.27 5.09
N LYS A 70 -8.01 38.97 4.57
CA LYS A 70 -9.19 38.79 5.41
C LYS A 70 -9.39 37.37 5.90
N VAL A 71 -8.51 36.44 5.52
CA VAL A 71 -8.65 35.05 5.96
C VAL A 71 -7.33 34.54 6.54
N TYR A 72 -7.37 33.36 7.17
CA TYR A 72 -6.18 32.77 7.82
C TYR A 72 -5.22 33.82 8.32
N ARG A 73 -5.72 34.69 9.20
CA ARG A 73 -4.93 35.77 9.77
C ARG A 73 -4.14 35.21 10.93
N ASP A 74 -4.85 34.46 11.78
CA ASP A 74 -4.21 33.74 12.87
C ASP A 74 -3.03 32.93 12.32
N LYS A 75 -1.89 33.06 12.97
CA LYS A 75 -0.72 32.25 12.64
C LYS A 75 0.03 32.70 11.38
N LYS A 76 1.04 31.91 11.02
CA LYS A 76 1.88 32.18 9.87
C LYS A 76 1.48 31.29 8.70
N THR A 77 0.17 31.18 8.47
CA THR A 77 -0.34 30.34 7.39
C THR A 77 -0.03 30.98 6.03
N ASN A 78 0.84 30.32 5.25
CA ASN A 78 1.16 30.77 3.88
C ASN A 78 -0.10 30.91 3.04
N LYS A 79 -0.10 31.87 2.14
CA LYS A 79 -1.25 32.11 1.26
C LYS A 79 -0.83 33.15 0.25
N GLY A 80 -1.57 33.25 -0.86
CA GLY A 80 -1.25 34.19 -1.91
C GLY A 80 -2.00 33.91 -3.20
N PHE A 81 -1.49 34.43 -4.31
CA PHE A 81 -2.05 34.13 -5.64
C PHE A 81 -1.73 32.69 -6.08
N SER A 82 -2.69 32.00 -6.69
CA SER A 82 -2.39 30.82 -7.48
C SER A 82 -2.23 31.25 -8.94
N HIS A 83 -2.70 32.46 -9.26
CA HIS A 83 -2.64 32.95 -10.65
C HIS A 83 -2.98 34.41 -10.69
N PRO A 84 -2.12 35.21 -11.34
CA PRO A 84 -2.37 36.65 -11.49
C PRO A 84 -3.69 36.92 -12.20
N THR A 85 -4.30 38.06 -11.92
CA THR A 85 -5.48 38.48 -12.67
C THR A 85 -5.08 38.71 -14.12
N THR A 86 -5.75 38.04 -15.04
CA THR A 86 -5.43 38.25 -16.45
C THR A 86 -6.71 38.49 -17.21
N VAL A 87 -6.61 39.28 -18.28
CA VAL A 87 -7.77 39.68 -19.04
C VAL A 87 -7.38 39.64 -20.50
N SER A 88 -7.88 38.63 -21.22
CA SER A 88 -7.37 38.33 -22.55
C SER A 88 -8.39 38.59 -23.64
N PRO A 89 -8.04 39.45 -24.61
CA PRO A 89 -8.92 39.74 -25.74
C PRO A 89 -9.20 38.53 -26.63
N ALA A 90 -9.95 38.78 -27.71
CA ALA A 90 -10.60 37.77 -28.53
C ALA A 90 -9.72 36.61 -29.00
N ALA A 91 -8.61 36.90 -29.64
CA ALA A 91 -7.75 35.85 -30.16
C ALA A 91 -6.58 35.48 -29.25
N PHE A 92 -6.56 36.01 -28.03
CA PHE A 92 -5.47 35.70 -27.10
C PHE A 92 -5.70 34.36 -26.39
N ILE A 93 -4.67 33.50 -26.39
CA ILE A 93 -4.75 32.23 -25.65
C ILE A 93 -3.98 32.29 -24.33
N THR A 94 -2.69 32.57 -24.38
CA THR A 94 -1.95 32.80 -23.16
C THR A 94 -2.64 33.89 -22.30
N PRO A 95 -2.86 33.61 -21.01
CA PRO A 95 -3.51 34.63 -20.17
C PRO A 95 -2.71 35.94 -20.23
N TYR A 96 -3.39 37.05 -20.49
CA TYR A 96 -2.77 38.34 -20.76
C TYR A 96 -2.69 39.22 -19.50
N THR A 97 -1.51 39.79 -19.24
CA THR A 97 -1.31 40.66 -18.08
C THR A 97 -0.06 41.55 -18.27
N PRO A 98 -0.21 42.62 -19.07
CA PRO A 98 0.94 43.37 -19.60
C PRO A 98 1.61 44.32 -18.61
N LEU A 99 2.81 44.81 -18.97
CA LEU A 99 3.52 45.80 -18.14
C LEU A 99 2.93 47.19 -18.28
N ARG A 100 2.95 47.95 -17.21
CA ARG A 100 2.53 49.35 -17.26
C ARG A 100 3.50 50.20 -18.11
N SER A 101 4.79 49.85 -18.07
CA SER A 101 5.83 50.58 -18.79
C SER A 101 5.93 50.22 -20.28
N ASP A 102 5.22 49.19 -20.72
CA ASP A 102 5.04 48.95 -22.14
C ASP A 102 3.86 49.80 -22.57
N GLU A 103 4.14 51.01 -23.02
CA GLU A 103 3.11 52.03 -23.22
C GLU A 103 1.96 51.60 -24.13
N LYS A 104 2.28 51.00 -25.26
CA LYS A 104 1.24 50.58 -26.21
C LYS A 104 0.36 49.45 -25.62
N GLU A 105 0.98 48.42 -25.07
CA GLU A 105 0.22 47.32 -24.49
C GLU A 105 -0.65 47.82 -23.33
N ALA A 106 -0.09 48.66 -22.47
CA ALA A 106 -0.79 49.11 -21.27
C ALA A 106 -1.97 50.04 -21.59
N ALA A 107 -2.11 50.42 -22.85
CA ALA A 107 -3.22 51.28 -23.28
C ALA A 107 -4.30 50.49 -23.99
N THR A 108 -4.05 49.19 -24.19
CA THR A 108 -5.05 48.29 -24.78
C THR A 108 -6.38 48.36 -24.00
N GLU A 109 -7.49 48.50 -24.72
CA GLU A 109 -8.80 48.58 -24.10
C GLU A 109 -9.71 47.45 -24.53
N ILE A 110 -10.63 47.08 -23.63
CA ILE A 110 -11.68 46.11 -23.94
C ILE A 110 -12.47 46.58 -25.16
N GLN A 111 -12.60 45.71 -26.15
CA GLN A 111 -13.39 45.98 -27.33
C GLN A 111 -14.79 45.38 -27.19
N PRO A 112 -15.83 46.15 -27.55
CA PRO A 112 -17.22 45.69 -27.39
C PRO A 112 -17.53 44.40 -28.16
N GLY A 113 -18.31 43.53 -27.51
CA GLY A 113 -18.74 42.28 -28.11
C GLY A 113 -17.68 41.18 -28.13
N GLU A 114 -16.44 41.49 -27.76
CA GLU A 114 -15.39 40.48 -27.84
C GLU A 114 -15.48 39.48 -26.70
N PRO A 115 -15.08 38.24 -26.95
CA PRO A 115 -15.00 37.23 -25.88
C PRO A 115 -13.70 37.41 -25.08
N ILE A 116 -13.86 37.79 -23.82
CA ILE A 116 -12.76 38.13 -22.93
C ILE A 116 -12.57 36.99 -21.94
N LYS A 117 -11.34 36.48 -21.85
CA LYS A 117 -11.02 35.41 -20.91
C LYS A 117 -10.48 36.02 -19.64
N ILE A 118 -11.12 35.72 -18.53
CA ILE A 118 -10.67 36.20 -17.25
C ILE A 118 -10.25 34.99 -16.43
N GLN A 119 -8.96 34.91 -16.17
CA GLN A 119 -8.38 33.79 -15.45
C GLN A 119 -7.55 34.35 -14.30
N LEU A 120 -7.81 33.83 -13.11
CA LEU A 120 -7.13 34.29 -11.92
C LEU A 120 -7.29 33.22 -10.87
N GLY A 121 -6.64 33.39 -9.73
CA GLY A 121 -6.83 32.44 -8.66
C GLY A 121 -6.07 32.73 -7.39
N ALA A 122 -6.58 32.14 -6.30
CA ALA A 122 -5.96 32.26 -4.99
C ALA A 122 -5.45 30.93 -4.48
N GLN A 123 -4.76 31.02 -3.35
CA GLN A 123 -3.87 29.98 -2.87
C GLN A 123 -3.85 30.05 -1.32
N ILE A 124 -4.25 28.97 -0.65
CA ILE A 124 -4.10 28.88 0.82
C ILE A 124 -3.27 27.67 1.26
N ASP A 125 -2.16 27.94 1.93
CA ASP A 125 -1.24 26.92 2.44
C ASP A 125 -0.79 25.97 1.35
N GLY A 126 -0.60 26.51 0.15
CA GLY A 126 -0.08 25.76 -0.98
C GLY A 126 -1.16 25.06 -1.78
N TYR A 127 -2.42 25.26 -1.39
CA TYR A 127 -3.53 24.67 -2.12
C TYR A 127 -4.26 25.74 -2.94
N GLY A 128 -4.07 25.69 -4.26
CA GLY A 128 -4.59 26.72 -5.13
C GLY A 128 -5.80 26.32 -5.97
N THR A 129 -6.64 27.31 -6.25
CA THR A 129 -7.73 27.12 -7.18
C THR A 129 -7.54 28.15 -8.28
N ILE A 130 -7.54 27.70 -9.53
CA ILE A 130 -7.50 28.61 -10.66
C ILE A 130 -8.85 28.55 -11.38
N VAL A 131 -9.38 29.71 -11.76
CA VAL A 131 -10.67 29.78 -12.46
C VAL A 131 -10.52 30.60 -13.73
N CYS A 132 -11.29 30.26 -14.76
CA CYS A 132 -11.35 31.05 -15.98
C CYS A 132 -12.77 31.03 -16.51
N ASP A 133 -13.34 32.22 -16.69
CA ASP A 133 -14.62 32.40 -17.36
C ASP A 133 -14.34 33.16 -18.66
N THR A 134 -15.18 32.96 -19.66
CA THR A 134 -15.18 33.83 -20.82
C THR A 134 -16.50 34.61 -20.85
N ILE A 135 -16.41 35.92 -20.94
CA ILE A 135 -17.60 36.76 -21.01
C ILE A 135 -17.58 37.59 -22.28
N VAL A 136 -18.74 38.12 -22.64
CA VAL A 136 -18.86 39.03 -23.78
C VAL A 136 -18.77 40.46 -23.26
N ALA A 137 -17.79 41.20 -23.76
CA ALA A 137 -17.60 42.56 -23.31
C ALA A 137 -18.83 43.40 -23.68
N LYS A 138 -19.38 44.11 -22.70
CA LYS A 138 -20.58 44.89 -22.94
C LYS A 138 -20.94 45.74 -21.73
N ASN A 139 -21.79 46.74 -21.96
CA ASN A 139 -22.28 47.58 -20.87
C ASN A 139 -23.48 46.96 -20.17
N ALA A 140 -23.72 47.40 -18.94
CA ALA A 140 -24.77 46.84 -18.11
C ALA A 140 -26.12 46.76 -18.78
N ASN A 141 -26.44 47.75 -19.60
CA ASN A 141 -27.73 47.78 -20.28
C ASN A 141 -27.68 47.37 -21.75
N ASP A 142 -26.66 46.59 -22.11
CA ASP A 142 -26.64 45.97 -23.44
C ASP A 142 -27.42 44.65 -23.34
N PRO A 143 -27.94 44.18 -24.49
CA PRO A 143 -28.69 42.92 -24.52
C PRO A 143 -27.84 41.74 -24.04
N ASP A 144 -28.49 40.78 -23.38
CA ASP A 144 -27.78 39.61 -22.85
C ASP A 144 -27.52 38.57 -23.93
N VAL A 145 -28.33 38.59 -24.97
CA VAL A 145 -28.32 37.56 -26.00
C VAL A 145 -27.01 37.46 -26.78
N ILE A 146 -26.60 36.22 -27.06
CA ILE A 146 -25.44 35.94 -27.87
C ILE A 146 -25.92 35.16 -29.07
N GLU A 147 -25.52 35.58 -30.25
CA GLU A 147 -26.02 34.95 -31.47
C GLU A 147 -24.90 34.70 -32.46
N GLY A 148 -25.27 34.26 -33.66
CA GLY A 148 -24.32 34.04 -34.74
C GLY A 148 -23.31 32.95 -34.40
N ARG A 149 -22.12 33.06 -34.98
CA ARG A 149 -21.10 32.04 -34.77
C ARG A 149 -20.50 32.22 -33.38
N GLN A 150 -20.72 33.38 -32.77
CA GLN A 150 -20.26 33.63 -31.42
C GLN A 150 -21.01 32.75 -30.43
N ALA A 151 -22.29 32.54 -30.71
CA ALA A 151 -23.08 31.61 -29.91
C ALA A 151 -22.53 30.18 -30.07
N ASP A 152 -22.13 29.82 -31.29
CA ASP A 152 -21.57 28.50 -31.53
C ASP A 152 -20.26 28.28 -30.76
N LEU A 153 -19.39 29.28 -30.76
CA LEU A 153 -18.11 29.25 -30.07
C LEU A 153 -18.30 28.98 -28.58
N PHE A 154 -19.19 29.74 -27.95
CA PHE A 154 -19.50 29.57 -26.55
C PHE A 154 -20.09 28.20 -26.21
N LEU A 155 -21.06 27.75 -27.00
CA LEU A 155 -21.71 26.46 -26.73
C LEU A 155 -20.75 25.29 -26.91
N ALA A 156 -19.86 25.37 -27.91
CA ALA A 156 -18.84 24.34 -28.09
C ALA A 156 -17.99 24.24 -26.83
N THR A 157 -17.62 25.39 -26.29
CA THR A 157 -16.74 25.42 -25.13
C THR A 157 -17.47 24.89 -23.90
N TYR A 158 -18.71 25.33 -23.74
CA TYR A 158 -19.55 24.86 -22.65
C TYR A 158 -19.69 23.33 -22.68
N TYR A 159 -20.07 22.78 -23.84
CA TYR A 159 -20.30 21.34 -23.91
C TYR A 159 -19.03 20.55 -23.89
N ALA A 160 -17.97 21.11 -24.46
CA ALA A 160 -16.68 20.45 -24.35
C ALA A 160 -16.35 20.26 -22.87
N ASN A 161 -16.62 21.29 -22.06
CA ASN A 161 -16.34 21.26 -20.63
C ASN A 161 -17.19 20.22 -19.89
N GLU A 162 -18.48 20.19 -20.18
CA GLU A 162 -19.39 19.21 -19.60
C GLU A 162 -19.01 17.78 -19.95
N VAL A 163 -18.59 17.57 -21.20
CA VAL A 163 -18.12 16.25 -21.62
C VAL A 163 -16.81 15.87 -20.94
N LEU A 164 -15.81 16.76 -20.99
CA LEU A 164 -14.53 16.50 -20.34
C LEU A 164 -14.68 16.12 -18.86
N LEU A 165 -15.44 16.91 -18.11
CA LEU A 165 -15.67 16.63 -16.69
C LEU A 165 -16.21 15.20 -16.44
N ARG A 166 -17.14 14.78 -17.30
CA ARG A 166 -17.75 13.45 -17.21
C ARG A 166 -16.78 12.35 -17.62
N LEU A 167 -15.87 12.64 -18.55
CA LEU A 167 -14.85 11.68 -18.96
C LEU A 167 -13.82 11.50 -17.85
N MET A 168 -13.88 12.34 -16.83
CA MET A 168 -12.88 12.30 -15.77
C MET A 168 -13.34 11.54 -14.53
N VAL A 169 -14.63 11.26 -14.45
CA VAL A 169 -15.14 10.39 -13.40
C VAL A 169 -14.52 9.00 -13.59
N PRO A 170 -13.78 8.52 -12.58
CA PRO A 170 -13.19 7.17 -12.61
C PRO A 170 -14.27 6.14 -12.92
N PRO A 171 -13.96 5.16 -13.78
CA PRO A 171 -14.96 4.21 -14.26
C PRO A 171 -15.72 3.55 -13.12
N GLY A 172 -17.04 3.59 -13.19
CA GLY A 172 -17.88 2.85 -12.27
C GLY A 172 -18.21 3.53 -10.95
N LEU A 173 -17.52 4.63 -10.65
CA LEU A 173 -17.73 5.34 -9.39
C LEU A 173 -19.20 5.71 -9.16
N LEU A 174 -19.90 6.06 -10.22
CA LEU A 174 -21.29 6.49 -10.07
C LEU A 174 -22.28 5.56 -10.78
N ALA A 175 -21.81 4.41 -11.24
CA ALA A 175 -22.67 3.44 -11.93
C ALA A 175 -23.87 3.07 -11.06
N THR A 176 -25.01 2.94 -11.70
CA THR A 176 -26.23 2.53 -11.00
C THR A 176 -26.72 1.20 -11.58
N GLY A 177 -27.77 0.66 -10.99
CA GLY A 177 -28.39 -0.55 -11.52
C GLY A 177 -27.98 -1.80 -10.78
N THR A 178 -27.96 -2.91 -11.50
CA THR A 178 -27.61 -4.20 -10.92
C THR A 178 -26.14 -4.25 -10.52
N ASP A 179 -25.80 -5.19 -9.66
CA ASP A 179 -24.41 -5.42 -9.31
C ASP A 179 -23.59 -5.79 -10.55
N GLU A 180 -24.22 -6.46 -11.50
CA GLU A 180 -23.52 -6.90 -12.69
C GLU A 180 -23.19 -5.72 -13.62
N GLU A 181 -24.09 -4.76 -13.66
CA GLU A 181 -23.92 -3.53 -14.46
C GLU A 181 -22.85 -2.67 -13.82
N LYS A 182 -22.95 -2.54 -12.50
CA LYS A 182 -21.95 -1.83 -11.70
C LYS A 182 -20.55 -2.40 -11.83
N ALA A 183 -20.43 -3.73 -11.89
CA ALA A 183 -19.12 -4.37 -12.04
C ALA A 183 -18.57 -4.21 -13.45
N LYS A 184 -19.45 -4.21 -14.45
CA LYS A 184 -19.07 -4.02 -15.85
C LYS A 184 -18.54 -2.58 -16.07
N ALA A 185 -19.21 -1.60 -15.46
CA ALA A 185 -18.76 -0.22 -15.47
C ALA A 185 -17.38 0.00 -14.81
N ALA A 186 -17.18 -0.54 -13.61
CA ALA A 186 -15.91 -0.38 -12.88
C ALA A 186 -14.73 -1.07 -13.58
N ALA A 187 -15.01 -2.06 -14.40
CA ALA A 187 -13.96 -2.81 -15.08
C ALA A 187 -13.65 -2.21 -16.43
N VAL A 188 -14.45 -1.23 -16.87
CA VAL A 188 -14.14 -0.52 -18.09
C VAL A 188 -12.90 0.33 -17.82
N LYS A 189 -11.92 0.24 -18.71
CA LYS A 189 -10.72 1.05 -18.58
C LYS A 189 -11.01 2.56 -18.75
N PRO A 190 -10.28 3.39 -18.00
CA PRO A 190 -10.33 4.83 -18.25
C PRO A 190 -9.99 5.09 -19.69
N PRO A 191 -10.76 5.98 -20.35
CA PRO A 191 -10.57 6.28 -21.76
C PRO A 191 -9.15 6.78 -22.02
N SER A 192 -8.53 6.41 -23.14
CA SER A 192 -7.24 6.98 -23.48
C SER A 192 -7.34 8.50 -23.69
N GLN A 193 -6.22 9.19 -23.70
CA GLN A 193 -6.26 10.61 -24.00
C GLN A 193 -6.57 10.90 -25.48
N ALA A 194 -6.21 9.97 -26.35
CA ALA A 194 -6.64 10.05 -27.75
C ALA A 194 -8.17 9.99 -27.90
N LYS A 195 -8.81 9.17 -27.07
CA LYS A 195 -10.25 9.01 -27.11
C LYS A 195 -10.94 10.26 -26.55
N ILE A 196 -10.43 10.75 -25.42
CA ILE A 196 -10.87 12.00 -24.85
C ILE A 196 -10.80 13.12 -25.89
N SER A 197 -9.66 13.24 -26.56
CA SER A 197 -9.47 14.26 -27.59
C SER A 197 -10.49 14.17 -28.71
N SER A 198 -10.65 12.98 -29.29
CA SER A 198 -11.55 12.83 -30.43
C SER A 198 -13.00 13.15 -30.05
N LEU A 199 -13.41 12.74 -28.86
CA LEU A 199 -14.75 13.10 -28.38
C LEU A 199 -14.92 14.63 -28.23
N LEU A 200 -13.98 15.30 -27.57
CA LEU A 200 -14.08 16.75 -27.46
C LEU A 200 -14.03 17.43 -28.84
N GLU A 201 -13.26 16.88 -29.77
CA GLU A 201 -13.21 17.44 -31.11
C GLU A 201 -14.55 17.27 -31.79
N LYS A 202 -15.20 16.15 -31.51
CA LYS A 202 -16.53 15.87 -32.02
C LYS A 202 -17.49 16.94 -31.50
N VAL A 203 -17.36 17.29 -30.23
CA VAL A 203 -18.25 18.27 -29.62
C VAL A 203 -18.10 19.64 -30.29
N ALA A 204 -16.86 20.07 -30.47
CA ALA A 204 -16.58 21.36 -31.13
C ALA A 204 -17.11 21.37 -32.56
N LYS A 205 -16.93 20.25 -33.25
CA LYS A 205 -17.33 20.13 -34.65
C LYS A 205 -18.84 20.27 -34.82
N ALA A 206 -19.63 19.87 -33.83
CA ALA A 206 -21.08 20.01 -33.96
C ALA A 206 -21.44 21.49 -34.05
N TYR A 207 -20.50 22.34 -33.66
CA TYR A 207 -20.73 23.76 -33.68
C TYR A 207 -19.79 24.41 -34.69
N ASP A 208 -19.19 23.60 -35.55
CA ASP A 208 -18.20 24.09 -36.51
C ASP A 208 -17.07 24.90 -35.83
N CYS A 209 -16.73 24.52 -34.61
CA CYS A 209 -15.57 25.10 -33.96
C CYS A 209 -14.48 24.05 -33.80
N ASN A 210 -13.30 24.48 -33.36
CA ASN A 210 -12.22 23.53 -33.11
C ASN A 210 -11.66 23.64 -31.69
N ILE A 211 -11.23 22.51 -31.15
CA ILE A 211 -10.57 22.51 -29.84
C ILE A 211 -9.22 23.17 -30.00
N ILE A 212 -8.85 24.02 -29.04
CA ILE A 212 -7.51 24.59 -29.07
C ILE A 212 -6.39 23.57 -28.78
N GLU A 213 -5.53 23.39 -29.76
CA GLU A 213 -4.43 22.43 -29.65
C GLU A 213 -3.68 22.49 -28.32
N SER A 214 -3.54 21.32 -27.68
CA SER A 214 -2.71 21.16 -26.49
C SER A 214 -3.25 21.86 -25.26
N THR A 215 -4.56 22.12 -25.25
CA THR A 215 -5.22 22.61 -24.05
C THR A 215 -5.06 21.56 -22.95
N THR A 216 -4.45 21.94 -21.84
CA THR A 216 -4.00 20.97 -20.86
C THR A 216 -4.69 21.12 -19.51
N SER A 217 -5.15 19.99 -18.97
CA SER A 217 -5.62 19.93 -17.59
C SER A 217 -4.54 19.33 -16.69
N TRP A 218 -4.34 19.91 -15.52
CA TRP A 218 -3.23 19.49 -14.65
C TRP A 218 -3.71 19.03 -13.28
N LEU A 219 -3.07 17.99 -12.78
CA LEU A 219 -3.20 17.62 -11.39
C LEU A 219 -2.65 18.76 -10.54
N PHE A 220 -3.37 19.13 -9.49
CA PHE A 220 -2.82 20.08 -8.51
C PHE A 220 -2.35 19.29 -7.28
N ASP A 221 -1.43 19.87 -6.54
CA ASP A 221 -1.08 19.37 -5.22
C ASP A 221 -0.51 20.52 -4.40
N LYS A 222 -0.08 20.24 -3.18
CA LYS A 222 0.44 21.28 -2.32
C LYS A 222 1.56 22.00 -3.06
N ASN A 223 1.45 23.33 -3.16
CA ASN A 223 2.43 24.14 -3.87
C ASN A 223 2.62 23.70 -5.32
N GLU A 224 1.59 23.13 -5.94
CA GLU A 224 1.76 22.69 -7.33
C GLU A 224 0.51 22.85 -8.18
N ILE A 225 0.60 23.62 -9.25
CA ILE A 225 -0.51 23.71 -10.20
C ILE A 225 -0.19 23.06 -11.54
N GLU A 226 0.95 22.38 -11.61
CA GLU A 226 1.30 21.58 -12.78
C GLU A 226 1.85 20.23 -12.33
N GLY A 227 0.97 19.43 -11.74
CA GLY A 227 1.33 18.18 -11.06
C GLY A 227 1.76 17.01 -11.93
N LYS A 228 1.78 15.81 -11.35
CA LYS A 228 2.43 14.67 -12.01
C LYS A 228 1.52 13.92 -12.96
N LYS A 229 0.27 14.37 -13.08
CA LYS A 229 -0.62 13.85 -14.11
C LYS A 229 -1.17 15.03 -14.91
N LYS A 230 -1.43 14.80 -16.19
CA LYS A 230 -2.02 15.83 -17.03
C LYS A 230 -2.77 15.23 -18.23
N ILE A 231 -3.83 15.91 -18.64
CA ILE A 231 -4.54 15.54 -19.84
C ILE A 231 -4.31 16.60 -20.89
N ILE A 232 -3.78 16.21 -22.05
CA ILE A 232 -3.54 17.19 -23.10
C ILE A 232 -4.50 16.96 -24.26
N LEU A 233 -5.42 17.90 -24.49
CA LEU A 233 -6.38 17.79 -25.61
C LEU A 233 -5.73 18.05 -26.97
N SER A 234 -6.20 17.33 -28.01
CA SER A 234 -5.67 17.46 -29.36
C SER A 234 -4.18 17.74 -29.37
N PRO A 235 -3.41 16.85 -28.75
CA PRO A 235 -1.96 17.02 -28.68
C PRO A 235 -1.35 17.34 -30.05
N GLY A 236 -1.87 16.67 -31.07
CA GLY A 236 -1.25 16.71 -32.38
C GLY A 236 -0.07 15.75 -32.45
N GLU A 237 1.14 16.29 -32.50
CA GLU A 237 2.31 15.51 -32.90
C GLU A 237 3.18 14.93 -31.78
N ASN A 238 4.36 15.51 -31.59
CA ASN A 238 5.34 14.94 -30.64
C ASN A 238 5.00 15.22 -29.17
N ILE A 239 3.71 15.34 -28.87
CA ILE A 239 3.25 15.69 -27.54
C ILE A 239 2.13 14.75 -27.09
N LYS A 240 2.04 14.52 -25.78
CA LYS A 240 1.03 13.64 -25.23
C LYS A 240 0.95 13.80 -23.73
N GLY A 241 -0.25 13.71 -23.18
CA GLY A 241 -0.43 13.77 -21.75
C GLY A 241 -0.28 12.37 -21.16
N GLU A 242 -0.26 12.31 -19.84
CA GLU A 242 -0.07 11.06 -19.12
C GLU A 242 -0.71 11.10 -17.75
N GLY A 243 -1.40 10.03 -17.40
CA GLY A 243 -1.99 9.91 -16.08
C GLY A 243 -3.51 9.96 -16.13
N VAL A 244 -4.13 9.34 -15.15
CA VAL A 244 -5.58 9.23 -15.13
C VAL A 244 -6.12 9.81 -13.84
N PRO A 245 -7.28 10.47 -13.92
CA PRO A 245 -7.89 11.02 -12.70
C PRO A 245 -8.32 9.92 -11.75
N GLU A 246 -8.07 10.11 -10.46
CA GLU A 246 -8.39 9.14 -9.43
C GLU A 246 -9.07 9.85 -8.28
N VAL A 247 -9.93 9.11 -7.59
CA VAL A 247 -10.50 9.58 -6.33
C VAL A 247 -9.36 10.04 -5.45
N GLY A 248 -9.51 11.18 -4.78
CA GLY A 248 -8.42 11.78 -4.03
C GLY A 248 -7.72 12.93 -4.75
N ASP A 249 -7.90 13.04 -6.06
CA ASP A 249 -7.22 14.06 -6.88
C ASP A 249 -7.92 15.43 -6.84
N VAL A 250 -7.11 16.48 -6.90
CA VAL A 250 -7.62 17.78 -7.35
C VAL A 250 -7.01 18.19 -8.71
N TRP A 251 -7.87 18.62 -9.63
CA TRP A 251 -7.45 19.02 -10.96
C TRP A 251 -7.86 20.44 -11.36
N GLY A 252 -6.99 21.10 -12.12
CA GLY A 252 -7.36 22.31 -12.82
C GLY A 252 -7.80 21.90 -14.23
N VAL A 253 -9.11 21.84 -14.46
CA VAL A 253 -9.63 21.33 -15.71
C VAL A 253 -9.91 22.47 -16.69
N GLU A 254 -9.23 22.44 -17.84
CA GLU A 254 -9.37 23.47 -18.86
C GLU A 254 -9.84 22.93 -20.20
N VAL A 255 -10.76 23.67 -20.81
CA VAL A 255 -11.11 23.48 -22.22
C VAL A 255 -11.03 24.81 -22.97
N GLY A 256 -10.68 24.73 -24.24
CA GLY A 256 -10.72 25.89 -25.11
C GLY A 256 -11.18 25.60 -26.54
N CYS A 257 -11.95 26.51 -27.10
CA CYS A 257 -12.40 26.36 -28.46
C CYS A 257 -12.05 27.59 -29.29
N SER A 258 -12.10 27.41 -30.60
CA SER A 258 -11.74 28.47 -31.51
C SER A 258 -12.73 28.49 -32.65
N LEU A 259 -13.03 29.70 -33.14
CA LEU A 259 -13.80 29.83 -34.36
C LEU A 259 -12.93 29.52 -35.57
N GLY A 260 -11.62 29.44 -35.34
CA GLY A 260 -10.68 29.06 -36.39
C GLY A 260 -10.27 27.60 -36.27
N SER A 261 -9.06 27.28 -36.73
CA SER A 261 -8.58 25.90 -36.79
C SER A 261 -8.26 25.32 -35.41
N GLY A 262 -8.16 26.18 -34.41
CA GLY A 262 -7.73 25.72 -33.12
C GLY A 262 -6.22 25.51 -33.09
N LYS A 263 -5.52 26.13 -34.04
CA LYS A 263 -4.06 26.11 -34.03
C LYS A 263 -3.52 27.30 -33.25
N VAL A 264 -2.33 27.13 -32.70
CA VAL A 264 -1.76 28.10 -31.79
C VAL A 264 -0.51 28.69 -32.45
N LYS A 265 -0.27 29.98 -32.22
CA LYS A 265 0.91 30.61 -32.79
C LYS A 265 1.47 31.70 -31.87
N GLN A 266 2.78 31.86 -31.85
CA GLN A 266 3.38 32.90 -31.01
C GLN A 266 3.06 34.33 -31.48
N PHE A 267 2.61 35.17 -30.56
CA PHE A 267 2.40 36.58 -30.85
C PHE A 267 3.53 37.44 -30.27
N GLU A 268 3.48 38.74 -30.50
CA GLU A 268 4.66 39.59 -30.26
C GLU A 268 4.64 40.35 -28.93
N GLN A 269 3.52 40.30 -28.23
CA GLN A 269 3.46 40.90 -26.90
C GLN A 269 4.50 40.28 -25.97
N ARG A 270 5.00 41.09 -25.05
CA ARG A 270 5.99 40.65 -24.10
C ARG A 270 5.43 39.55 -23.18
N ALA A 271 6.19 38.47 -23.01
CA ALA A 271 5.86 37.42 -22.06
C ALA A 271 6.01 37.96 -20.63
N THR A 272 4.90 38.08 -19.90
CA THR A 272 4.96 38.54 -18.52
C THR A 272 4.57 37.47 -17.53
N LEU A 273 3.84 36.46 -17.99
CA LEU A 273 3.39 35.39 -17.12
C LEU A 273 4.49 34.34 -16.91
N HIS A 274 4.83 34.06 -15.65
CA HIS A 274 5.93 33.15 -15.34
C HIS A 274 5.63 32.39 -14.04
N ARG A 275 6.47 31.42 -13.70
CA ARG A 275 6.43 30.80 -12.38
C ARG A 275 7.80 30.21 -12.03
N ARG A 276 8.13 30.21 -10.75
CA ARG A 276 9.35 29.57 -10.27
C ARG A 276 9.26 28.07 -10.45
N THR A 277 10.35 27.45 -10.92
CA THR A 277 10.46 25.98 -10.94
C THR A 277 11.35 25.51 -9.80
N ASN A 278 11.51 24.20 -9.67
CA ASN A 278 12.37 23.64 -8.62
C ASN A 278 13.83 23.39 -9.05
N ASN A 279 14.19 23.79 -10.27
CA ASN A 279 15.58 23.72 -10.72
C ASN A 279 16.55 24.52 -9.84
N THR A 280 17.77 24.02 -9.71
CA THR A 280 18.75 24.61 -8.77
C THR A 280 19.82 25.49 -9.42
N TYR A 281 19.70 25.73 -10.72
CA TYR A 281 20.65 26.57 -11.44
C TYR A 281 21.09 27.77 -10.59
N ALA A 282 22.40 28.03 -10.53
CA ALA A 282 22.89 29.17 -9.75
C ALA A 282 22.91 30.45 -10.60
N LEU A 283 22.15 31.44 -10.18
CA LEU A 283 22.09 32.72 -10.90
C LEU A 283 23.35 33.53 -10.64
N LYS A 284 23.93 34.08 -11.72
CA LYS A 284 25.15 34.87 -11.61
C LYS A 284 24.86 36.36 -11.43
N ARG A 285 23.75 36.82 -12.01
CA ARG A 285 23.44 38.24 -12.04
C ARG A 285 22.65 38.67 -10.81
N PRO A 286 23.10 39.76 -10.18
CA PRO A 286 22.50 40.19 -8.92
C PRO A 286 21.03 40.56 -9.06
N THR A 287 20.63 41.16 -10.18
CA THR A 287 19.21 41.47 -10.32
C THR A 287 18.39 40.20 -10.55
N SER A 288 19.01 39.18 -11.12
CA SER A 288 18.36 37.88 -11.24
C SER A 288 18.07 37.29 -9.85
N ARG A 289 19.08 37.27 -8.99
CA ARG A 289 18.88 36.70 -7.66
C ARG A 289 17.88 37.52 -6.88
N LYS A 290 17.90 38.82 -7.12
CA LYS A 290 17.03 39.75 -6.39
C LYS A 290 15.56 39.49 -6.72
N ILE A 291 15.28 39.36 -8.00
CA ILE A 291 13.94 39.11 -8.50
C ILE A 291 13.53 37.69 -8.11
N TYR A 292 14.50 36.78 -8.16
CA TYR A 292 14.25 35.39 -7.80
C TYR A 292 13.77 35.27 -6.36
N SER A 293 14.44 35.98 -5.46
CA SER A 293 14.08 35.95 -4.05
C SER A 293 12.77 36.66 -3.79
N GLU A 294 12.57 37.79 -4.44
CA GLU A 294 11.29 38.49 -4.33
C GLU A 294 10.13 37.55 -4.70
N VAL A 295 10.34 36.72 -5.72
CA VAL A 295 9.28 35.86 -6.22
C VAL A 295 9.09 34.63 -5.32
N GLN A 296 10.20 34.04 -4.88
CA GLN A 296 10.11 32.90 -4.00
C GLN A 296 9.28 33.26 -2.77
N LYS A 297 9.55 34.43 -2.20
CA LYS A 297 8.86 34.85 -0.99
C LYS A 297 7.40 35.22 -1.21
N LYS A 298 7.10 35.92 -2.29
CA LYS A 298 5.72 36.33 -2.50
C LYS A 298 4.86 35.19 -3.11
N PHE A 299 5.40 34.51 -4.11
CA PHE A 299 4.57 33.61 -4.91
C PHE A 299 4.92 32.14 -4.73
N GLY A 300 6.09 31.85 -4.16
CA GLY A 300 6.56 30.48 -4.10
C GLY A 300 6.67 29.90 -5.49
N THR A 301 5.90 28.85 -5.78
CA THR A 301 5.98 28.20 -7.07
C THR A 301 4.73 28.48 -7.92
N PHE A 302 3.97 29.49 -7.53
CA PHE A 302 2.74 29.82 -8.24
C PHE A 302 2.93 30.84 -9.37
N PRO A 303 2.11 30.74 -10.43
CA PRO A 303 2.26 31.70 -11.53
C PRO A 303 2.10 33.13 -11.06
N PHE A 304 2.85 34.04 -11.69
CA PHE A 304 2.77 35.45 -11.37
C PHE A 304 3.01 36.27 -12.64
N SER A 305 2.61 37.54 -12.59
CA SER A 305 2.88 38.45 -13.69
C SER A 305 4.06 39.33 -13.33
N LEU A 306 4.95 39.60 -14.28
CA LEU A 306 6.02 40.57 -14.06
C LEU A 306 5.50 41.95 -13.59
N ARG A 307 4.30 42.33 -14.01
CA ARG A 307 3.75 43.60 -13.55
C ARG A 307 3.50 43.60 -12.04
N GLN A 308 3.50 42.43 -11.42
CA GLN A 308 3.21 42.36 -9.99
C GLN A 308 4.43 42.68 -9.16
N LEU A 309 5.61 42.59 -9.76
CA LEU A 309 6.85 42.78 -9.00
C LEU A 309 7.00 44.25 -8.59
N GLU A 310 7.89 44.51 -7.63
CA GLU A 310 8.09 45.85 -7.10
C GLU A 310 8.56 46.87 -8.13
N ASP A 311 9.43 46.45 -9.05
CA ASP A 311 10.02 47.37 -10.02
C ASP A 311 10.16 46.76 -11.42
N GLU A 312 9.48 47.33 -12.40
CA GLU A 312 9.46 46.72 -13.74
C GLU A 312 10.84 46.66 -14.38
N ARG A 313 11.65 47.69 -14.18
CA ARG A 313 13.01 47.65 -14.70
C ARG A 313 13.85 46.51 -14.15
N ASP A 314 13.85 46.31 -12.84
CA ASP A 314 14.45 45.12 -12.26
C ASP A 314 13.80 43.84 -12.82
N ALA A 315 12.49 43.90 -13.05
CA ALA A 315 11.76 42.71 -13.48
C ALA A 315 12.32 42.28 -14.82
N LYS A 316 12.46 43.22 -15.75
CA LYS A 316 12.91 42.92 -17.11
C LYS A 316 14.36 42.47 -17.17
N SER A 317 15.17 42.98 -16.26
CA SER A 317 16.58 42.64 -16.24
C SER A 317 16.81 41.25 -15.67
N GLY A 318 16.27 40.99 -14.49
CA GLY A 318 16.48 39.72 -13.82
C GLY A 318 15.76 38.53 -14.45
N VAL A 319 14.61 38.77 -15.07
CA VAL A 319 13.85 37.66 -15.64
C VAL A 319 14.65 36.90 -16.71
N ILE A 320 15.47 37.62 -17.45
CA ILE A 320 16.23 37.04 -18.54
C ILE A 320 17.05 35.81 -18.10
N GLU A 321 17.97 36.00 -17.15
CA GLU A 321 18.76 34.88 -16.68
C GLU A 321 17.92 33.80 -15.99
N CYS A 322 16.87 34.23 -15.30
CA CYS A 322 16.03 33.27 -14.59
C CYS A 322 15.37 32.30 -15.57
N VAL A 323 14.95 32.80 -16.73
CA VAL A 323 14.31 31.97 -17.76
C VAL A 323 15.36 31.14 -18.49
N ARG A 324 16.46 31.80 -18.88
CA ARG A 324 17.50 31.11 -19.60
C ARG A 324 18.00 29.95 -18.73
N GLY A 325 18.09 30.19 -17.42
CA GLY A 325 18.60 29.19 -16.51
C GLY A 325 17.63 28.11 -16.12
N GLY A 326 16.37 28.28 -16.51
CA GLY A 326 15.34 27.32 -16.16
C GLY A 326 14.76 27.36 -14.74
N VAL A 327 15.01 28.43 -13.99
CA VAL A 327 14.45 28.55 -12.64
C VAL A 327 13.11 29.27 -12.67
N PHE A 328 12.87 30.09 -13.69
CA PHE A 328 11.53 30.55 -14.01
C PHE A 328 11.08 29.81 -15.26
N ARG A 329 9.83 29.36 -15.28
CA ARG A 329 9.20 28.96 -16.51
C ARG A 329 8.53 30.21 -17.11
N GLN A 330 8.69 30.40 -18.41
CA GLN A 330 8.04 31.52 -19.07
C GLN A 330 6.90 30.98 -19.90
N TYR A 331 5.75 31.61 -19.80
CA TYR A 331 4.60 31.25 -20.65
C TYR A 331 4.53 32.22 -21.80
N GLU A 332 5.01 31.76 -22.94
CA GLU A 332 5.05 32.60 -24.13
C GLU A 332 3.67 33.06 -24.52
N VAL A 333 3.62 34.25 -25.09
CA VAL A 333 2.39 34.81 -25.59
C VAL A 333 1.95 34.10 -26.88
N THR A 334 0.79 33.45 -26.83
CA THR A 334 0.25 32.79 -28.01
C THR A 334 -1.21 33.19 -28.20
N GLY A 335 -1.67 33.03 -29.42
CA GLY A 335 -3.04 33.35 -29.79
C GLY A 335 -3.46 32.49 -30.97
N ASP A 336 -4.70 32.64 -31.38
CA ASP A 336 -5.23 31.82 -32.45
C ASP A 336 -4.43 32.04 -33.75
N LYS A 337 -3.99 30.94 -34.36
CA LYS A 337 -3.13 31.03 -35.54
C LYS A 337 -3.84 31.79 -36.67
N ASP A 338 -5.15 31.66 -36.72
CA ASP A 338 -5.94 32.34 -37.76
C ASP A 338 -6.40 33.72 -37.30
N ASN A 339 -6.03 34.11 -36.09
CA ASN A 339 -6.47 35.38 -35.51
C ASN A 339 -7.97 35.40 -35.29
N ALA A 340 -8.54 34.22 -35.11
CA ALA A 340 -9.95 34.07 -34.80
C ALA A 340 -10.20 34.11 -33.29
N PRO A 341 -11.42 34.45 -32.88
CA PRO A 341 -11.78 34.48 -31.46
C PRO A 341 -11.71 33.11 -30.81
N VAL A 342 -11.34 33.09 -29.53
CA VAL A 342 -11.30 31.86 -28.76
C VAL A 342 -12.09 32.00 -27.49
N CYS A 343 -12.53 30.86 -26.95
CA CYS A 343 -13.29 30.81 -25.73
C CYS A 343 -12.65 29.77 -24.81
N ARG A 344 -12.54 30.08 -23.52
CA ARG A 344 -11.89 29.17 -22.56
C ARG A 344 -12.63 29.09 -21.23
N LEU A 345 -12.65 27.89 -20.65
CA LEU A 345 -13.11 27.73 -19.29
C LEU A 345 -12.09 26.93 -18.49
N LEU A 346 -11.99 27.23 -17.21
CA LEU A 346 -11.06 26.54 -16.35
C LEU A 346 -11.76 26.40 -15.01
N THR A 347 -11.86 25.15 -14.57
CA THR A 347 -12.54 24.83 -13.34
C THR A 347 -11.58 24.03 -12.48
N THR A 348 -11.48 24.37 -11.20
CA THR A 348 -10.72 23.52 -10.27
C THR A 348 -11.67 22.53 -9.59
N ILE A 349 -11.44 21.24 -9.79
CA ILE A 349 -12.34 20.21 -9.24
C ILE A 349 -11.70 19.33 -8.18
N ALA A 350 -12.56 18.70 -7.39
CA ALA A 350 -12.13 17.62 -6.51
C ALA A 350 -12.83 16.32 -6.90
N ILE A 351 -12.08 15.23 -6.88
CA ILE A 351 -12.61 13.93 -7.17
C ILE A 351 -12.69 13.15 -5.88
N THR A 352 -13.90 12.82 -5.44
CA THR A 352 -14.07 12.04 -4.22
C THR A 352 -14.96 10.83 -4.47
N LYS A 353 -15.18 10.07 -3.40
CA LYS A 353 -16.12 8.97 -3.35
C LYS A 353 -17.37 9.24 -4.14
N ASN A 354 -17.90 10.45 -3.95
CA ASN A 354 -19.17 10.84 -4.52
C ASN A 354 -19.07 11.42 -5.92
N GLY A 355 -17.91 11.25 -6.54
CA GLY A 355 -17.69 11.80 -7.86
C GLY A 355 -17.00 13.17 -7.86
N ILE A 356 -17.37 14.00 -8.82
CA ILE A 356 -16.64 15.22 -9.08
C ILE A 356 -17.39 16.43 -8.59
N THR A 357 -16.71 17.21 -7.74
CA THR A 357 -17.20 18.47 -7.22
C THR A 357 -16.41 19.66 -7.78
N ARG A 358 -17.12 20.69 -8.22
CA ARG A 358 -16.47 21.90 -8.70
C ARG A 358 -16.15 22.80 -7.51
N ILE A 359 -14.94 22.71 -6.99
CA ILE A 359 -14.56 23.53 -5.84
C ILE A 359 -14.63 25.00 -6.22
N GLY A 360 -14.07 25.30 -7.38
CA GLY A 360 -13.93 26.67 -7.84
C GLY A 360 -13.92 26.75 -9.35
N GLY A 361 -14.80 27.59 -9.87
CA GLY A 361 -14.88 27.77 -11.30
C GLY A 361 -15.77 28.93 -11.62
N PRO A 362 -15.99 29.14 -12.92
CA PRO A 362 -16.84 30.20 -13.47
C PRO A 362 -18.31 29.95 -13.13
N PRO A 363 -19.12 31.01 -13.11
CA PRO A 363 -20.55 30.90 -12.82
C PRO A 363 -21.24 30.21 -13.97
N ALA A 364 -22.17 29.32 -13.68
CA ALA A 364 -22.93 28.62 -14.69
C ALA A 364 -23.46 29.58 -15.77
N TRP A 365 -23.40 29.17 -17.03
CA TRP A 365 -23.94 29.99 -18.10
C TRP A 365 -25.43 29.72 -18.29
N ASP A 366 -26.17 30.80 -18.46
CA ASP A 366 -27.58 30.69 -18.82
C ASP A 366 -27.66 30.33 -20.30
N LEU A 367 -28.00 29.08 -20.58
CA LEU A 367 -28.02 28.58 -21.96
C LEU A 367 -29.14 29.22 -22.75
N SER A 368 -30.15 29.75 -22.07
CA SER A 368 -31.27 30.37 -22.77
C SER A 368 -30.83 31.58 -23.60
N LYS A 369 -29.67 32.14 -23.27
CA LYS A 369 -29.17 33.36 -23.92
C LYS A 369 -28.46 33.11 -25.26
N PHE A 370 -28.19 31.85 -25.57
CA PHE A 370 -27.46 31.47 -26.78
C PHE A 370 -28.42 31.13 -27.93
N LYS A 371 -28.19 31.75 -29.09
CA LYS A 371 -29.10 31.60 -30.23
C LYS A 371 -28.42 30.99 -31.44
N THR A 372 -28.78 29.76 -31.76
CA THR A 372 -28.19 29.08 -32.90
C THR A 372 -29.04 27.90 -33.32
N ASP A 373 -28.87 27.46 -34.57
CA ASP A 373 -29.56 26.27 -35.05
C ASP A 373 -28.73 25.02 -34.78
N LYS A 374 -27.43 25.21 -34.57
CA LYS A 374 -26.56 24.06 -34.36
C LYS A 374 -26.83 23.33 -33.04
N LYS A 375 -26.57 22.03 -33.07
CA LYS A 375 -26.91 21.15 -31.96
C LYS A 375 -26.02 19.93 -32.04
N ILE A 376 -25.65 19.38 -30.88
CA ILE A 376 -24.95 18.12 -30.86
C ILE A 376 -25.94 17.00 -31.17
N GLU A 377 -25.58 16.15 -32.13
CA GLU A 377 -26.48 15.07 -32.51
C GLU A 377 -25.87 13.68 -32.31
N ASP A 378 -24.56 13.63 -32.14
CA ASP A 378 -23.87 12.36 -31.96
C ASP A 378 -24.41 11.64 -30.72
N GLU A 379 -24.79 10.38 -30.89
CA GLU A 379 -25.44 9.62 -29.82
C GLU A 379 -24.51 9.31 -28.66
N GLU A 380 -23.27 8.97 -28.97
CA GLU A 380 -22.27 8.67 -27.95
C GLU A 380 -22.12 9.88 -27.03
N ILE A 381 -21.94 11.06 -27.62
CA ILE A 381 -21.82 12.28 -26.84
C ILE A 381 -23.06 12.63 -26.03
N LEU A 382 -24.24 12.57 -26.64
CA LEU A 382 -25.48 12.87 -25.89
C LEU A 382 -25.66 11.94 -24.70
N LYS A 383 -25.21 10.70 -24.87
CA LYS A 383 -25.28 9.72 -23.79
C LYS A 383 -24.32 10.09 -22.64
N ILE A 384 -23.07 10.39 -22.96
CA ILE A 384 -22.14 10.91 -21.97
C ILE A 384 -22.72 12.11 -21.20
N LEU A 385 -23.31 13.06 -21.90
CA LEU A 385 -23.93 14.21 -21.26
C LEU A 385 -25.02 13.87 -20.27
N GLU A 386 -25.64 12.69 -20.43
CA GLU A 386 -26.66 12.22 -19.49
C GLU A 386 -26.06 11.65 -18.19
N GLN A 387 -24.80 11.24 -18.25
CA GLN A 387 -24.12 10.73 -17.07
C GLN A 387 -23.99 11.82 -16.02
N PRO A 388 -24.09 11.44 -14.74
CA PRO A 388 -23.98 12.43 -13.66
C PRO A 388 -22.53 12.77 -13.39
N LEU A 389 -22.29 13.90 -12.76
CA LEU A 389 -20.94 14.31 -12.39
C LEU A 389 -20.63 13.84 -10.97
N SER A 390 -21.67 13.67 -10.18
CA SER A 390 -21.51 13.27 -8.79
C SER A 390 -22.81 12.66 -8.29
N LYS A 391 -22.79 12.13 -7.06
CA LYS A 391 -23.99 11.73 -6.35
C LYS A 391 -24.40 12.88 -5.45
N ALA B 16 -1.71 -6.51 14.84
CA ALA B 16 -1.87 -5.11 15.28
C ALA B 16 -1.73 -4.95 16.80
N ASP B 17 -0.83 -4.07 17.23
CA ASP B 17 -0.52 -3.86 18.65
C ASP B 17 -1.78 -3.77 19.52
N ASN B 18 -1.90 -4.67 20.49
CA ASN B 18 -2.97 -4.63 21.47
C ASN B 18 -2.41 -5.01 22.85
N VAL B 19 -3.24 -5.02 23.89
CA VAL B 19 -2.78 -5.22 25.27
C VAL B 19 -2.36 -6.66 25.60
N ALA B 20 -2.73 -7.61 24.75
CA ALA B 20 -2.33 -9.00 24.97
C ALA B 20 -0.94 -9.30 24.42
N ILE B 21 -0.49 -8.50 23.44
CA ILE B 21 0.76 -8.77 22.75
C ILE B 21 1.75 -7.59 22.76
N SER B 22 1.40 -6.49 23.40
CA SER B 22 2.32 -5.35 23.44
C SER B 22 2.46 -4.66 24.79
N VAL B 23 3.62 -4.80 25.41
CA VAL B 23 3.90 -4.17 26.69
C VAL B 23 3.79 -2.64 26.56
N ASP B 24 4.12 -2.14 25.39
CA ASP B 24 4.08 -0.71 25.08
C ASP B 24 2.67 -0.14 25.20
N VAL B 25 1.73 -0.72 24.44
CA VAL B 25 0.35 -0.28 24.46
C VAL B 25 -0.25 -0.42 25.86
N LEU B 26 0.05 -1.53 26.53
CA LEU B 26 -0.50 -1.74 27.87
C LEU B 26 -0.03 -0.66 28.84
N THR B 27 1.26 -0.31 28.74
CA THR B 27 1.86 0.74 29.55
C THR B 27 1.26 2.11 29.26
N LYS B 28 0.97 2.40 28.00
CA LYS B 28 0.35 3.67 27.65
C LYS B 28 -1.06 3.79 28.22
N TYR B 29 -1.85 2.73 28.11
CA TYR B 29 -3.19 2.71 28.70
C TYR B 29 -3.14 2.93 30.21
N LYS B 30 -2.26 2.19 30.88
CA LYS B 30 -2.11 2.32 32.34
C LYS B 30 -1.70 3.72 32.75
N THR B 31 -0.93 4.39 31.89
CA THR B 31 -0.51 5.75 32.20
C THR B 31 -1.71 6.67 32.01
N ALA B 32 -2.47 6.44 30.94
CA ALA B 32 -3.70 7.20 30.75
C ALA B 32 -4.60 7.02 31.97
N ALA B 33 -4.77 5.78 32.42
CA ALA B 33 -5.63 5.46 33.55
C ALA B 33 -5.18 6.12 34.85
N GLN B 34 -3.89 6.06 35.11
CA GLN B 34 -3.34 6.65 36.31
C GLN B 34 -3.71 8.14 36.39
N ILE B 35 -3.52 8.85 35.28
CA ILE B 35 -3.87 10.27 35.18
C ILE B 35 -5.37 10.46 35.40
N SER B 36 -6.16 9.65 34.71
CA SER B 36 -7.59 9.78 34.75
C SER B 36 -8.16 9.56 36.15
N GLU B 37 -7.58 8.62 36.89
CA GLU B 37 -8.05 8.32 38.23
C GLU B 37 -7.66 9.43 39.21
N LYS B 38 -6.44 9.96 39.06
CA LYS B 38 -5.96 11.04 39.91
C LYS B 38 -6.84 12.28 39.73
N VAL B 39 -7.03 12.69 38.48
CA VAL B 39 -7.90 13.82 38.18
C VAL B 39 -9.33 13.57 38.67
N LEU B 40 -9.85 12.38 38.45
CA LEU B 40 -11.18 12.03 38.93
C LEU B 40 -11.28 12.25 40.44
N ALA B 41 -10.22 11.93 41.17
CA ALA B 41 -10.22 12.07 42.63
C ALA B 41 -10.22 13.54 43.02
N GLU B 42 -9.34 14.31 42.39
CA GLU B 42 -9.27 15.74 42.65
C GLU B 42 -10.58 16.46 42.32
N VAL B 43 -11.19 16.10 41.19
CA VAL B 43 -12.45 16.72 40.77
C VAL B 43 -13.60 16.41 41.72
N SER B 44 -13.74 15.14 42.10
CA SER B 44 -14.78 14.73 43.05
C SER B 44 -14.68 15.56 44.32
N LYS B 45 -13.45 15.90 44.68
CA LYS B 45 -13.13 16.68 45.86
C LYS B 45 -13.78 18.06 45.80
N LEU B 46 -13.90 18.61 44.59
CA LEU B 46 -14.48 19.93 44.39
C LEU B 46 -16.00 19.91 44.25
N CYS B 47 -16.60 18.72 44.14
CA CYS B 47 -18.04 18.66 43.94
C CYS B 47 -18.81 18.82 45.25
N VAL B 48 -18.58 19.92 45.94
CA VAL B 48 -19.31 20.18 47.17
C VAL B 48 -20.54 21.04 46.86
N PRO B 49 -21.57 20.99 47.72
CA PRO B 49 -22.74 21.83 47.50
C PRO B 49 -22.36 23.30 47.29
N GLY B 50 -23.11 23.99 46.43
CA GLY B 50 -22.88 25.40 46.20
C GLY B 50 -21.65 25.72 45.36
N ALA B 51 -20.93 24.70 44.93
CA ALA B 51 -19.86 24.90 43.96
C ALA B 51 -20.46 24.99 42.56
N LYS B 52 -19.83 25.78 41.70
CA LYS B 52 -20.29 25.99 40.34
C LYS B 52 -19.72 24.93 39.41
N ILE B 53 -20.60 24.21 38.74
CA ILE B 53 -20.20 23.27 37.71
C ILE B 53 -19.12 23.81 36.74
N ILE B 54 -19.23 25.08 36.34
CA ILE B 54 -18.29 25.62 35.36
C ILE B 54 -16.87 25.66 35.93
N ASP B 55 -16.74 26.01 37.21
CA ASP B 55 -15.44 26.07 37.85
C ASP B 55 -14.86 24.66 37.99
N ILE B 56 -15.71 23.70 38.31
CA ILE B 56 -15.28 22.32 38.49
C ILE B 56 -14.73 21.76 37.17
N CYS B 57 -15.50 21.89 36.10
CA CYS B 57 -15.06 21.49 34.76
C CYS B 57 -13.78 22.17 34.29
N GLU B 58 -13.69 23.49 34.47
CA GLU B 58 -12.47 24.20 34.07
C GLU B 58 -11.29 23.71 34.88
N GLN B 59 -11.49 23.63 36.19
CA GLN B 59 -10.43 23.21 37.09
C GLN B 59 -9.98 21.79 36.76
N GLY B 60 -10.95 20.89 36.59
CA GLY B 60 -10.66 19.54 36.14
C GLY B 60 -9.82 19.50 34.87
N ASP B 61 -10.23 20.26 33.85
CA ASP B 61 -9.49 20.29 32.59
C ASP B 61 -8.06 20.79 32.77
N LYS B 62 -7.89 21.79 33.66
CA LYS B 62 -6.57 22.35 34.00
C LYS B 62 -5.68 21.36 34.76
N LEU B 63 -6.28 20.59 35.67
CA LEU B 63 -5.54 19.52 36.32
C LEU B 63 -5.05 18.52 35.27
N MET B 64 -5.97 18.02 34.45
CA MET B 64 -5.64 17.09 33.38
C MET B 64 -4.43 17.59 32.60
N GLU B 65 -4.49 18.84 32.15
CA GLU B 65 -3.41 19.35 31.32
C GLU B 65 -2.10 19.38 32.07
N GLU B 66 -2.13 19.75 33.34
CA GLU B 66 -0.92 19.74 34.16
C GLU B 66 -0.37 18.33 34.34
N GLU B 67 -1.28 17.38 34.50
CA GLU B 67 -0.91 15.98 34.70
C GLU B 67 -0.26 15.39 33.46
N LEU B 68 -0.79 15.74 32.29
CA LEU B 68 -0.28 15.22 31.04
C LEU B 68 1.15 15.69 30.79
N SER B 69 1.47 16.89 31.22
CA SER B 69 2.79 17.46 30.92
C SER B 69 3.88 16.79 31.75
N LYS B 70 3.48 16.05 32.76
CA LYS B 70 4.44 15.38 33.62
C LYS B 70 4.91 14.04 33.03
N VAL B 71 4.29 13.62 31.93
CA VAL B 71 4.55 12.29 31.41
C VAL B 71 4.87 12.32 29.90
N TYR B 72 5.50 11.26 29.40
CA TYR B 72 5.92 11.17 28.00
C TYR B 72 6.31 12.53 27.41
N ARG B 73 7.39 13.11 27.93
CA ARG B 73 7.83 14.42 27.47
C ARG B 73 8.64 14.33 26.18
N LYS B 76 8.37 13.52 23.03
CA LYS B 76 7.93 13.62 21.63
C LYS B 76 6.72 12.71 21.32
N THR B 77 5.71 12.75 22.19
CA THR B 77 4.57 11.82 22.06
C THR B 77 3.20 12.53 21.99
N ASN B 78 2.31 12.03 21.12
CA ASN B 78 0.92 12.50 21.07
C ASN B 78 0.21 12.20 22.38
N LYS B 79 -0.60 13.13 22.87
CA LYS B 79 -1.32 12.92 24.12
C LYS B 79 -2.32 14.05 24.39
N GLY B 80 -3.21 13.82 25.36
CA GLY B 80 -4.24 14.80 25.67
C GLY B 80 -5.48 14.17 26.29
N PHE B 81 -6.61 14.84 26.14
CA PHE B 81 -7.87 14.35 26.68
C PHE B 81 -8.40 13.17 25.89
N SER B 82 -8.98 12.21 26.60
CA SER B 82 -9.84 11.21 25.95
C SER B 82 -11.29 11.62 26.15
N HIS B 83 -11.50 12.62 26.99
CA HIS B 83 -12.83 13.06 27.38
C HIS B 83 -12.76 14.26 28.28
N PRO B 84 -13.56 15.30 27.99
CA PRO B 84 -13.46 16.50 28.81
C PRO B 84 -13.96 16.21 30.24
N THR B 85 -13.56 17.04 31.19
CA THR B 85 -14.12 16.93 32.54
C THR B 85 -15.59 17.28 32.50
N THR B 86 -16.44 16.34 32.92
CA THR B 86 -17.87 16.61 32.98
C THR B 86 -18.50 16.29 34.36
N VAL B 87 -19.49 17.09 34.72
CA VAL B 87 -20.11 17.05 36.04
C VAL B 87 -21.61 17.18 35.85
N SER B 88 -22.32 16.08 35.99
CA SER B 88 -23.71 16.04 35.54
C SER B 88 -24.70 15.82 36.66
N PRO B 89 -25.69 16.73 36.78
CA PRO B 89 -26.65 16.73 37.88
C PRO B 89 -27.56 15.52 37.87
N ALA B 90 -28.33 15.36 38.94
CA ALA B 90 -29.17 14.20 39.18
C ALA B 90 -29.73 13.54 37.92
N ALA B 91 -30.55 14.26 37.15
CA ALA B 91 -31.24 13.67 36.01
C ALA B 91 -30.51 13.82 34.66
N PHE B 92 -29.32 14.42 34.67
CA PHE B 92 -28.53 14.57 33.44
C PHE B 92 -27.89 13.26 32.98
N ILE B 93 -28.16 12.85 31.75
CA ILE B 93 -27.52 11.65 31.20
C ILE B 93 -26.27 11.98 30.37
N THR B 94 -26.43 12.84 29.37
CA THR B 94 -25.30 13.31 28.59
C THR B 94 -24.26 13.95 29.50
N PRO B 95 -23.00 13.53 29.37
CA PRO B 95 -21.99 14.20 30.19
C PRO B 95 -22.11 15.71 29.99
N TYR B 96 -22.10 16.49 31.06
CA TYR B 96 -22.44 17.90 31.09
C TYR B 96 -21.24 18.78 31.27
N THR B 97 -21.09 19.74 30.38
CA THR B 97 -19.98 20.66 30.37
C THR B 97 -20.35 21.99 29.69
N PRO B 98 -20.95 22.97 30.51
CA PRO B 98 -21.52 24.10 29.77
C PRO B 98 -20.58 25.25 29.45
N LEU B 99 -20.95 26.10 28.51
CA LEU B 99 -20.12 27.27 28.23
C LEU B 99 -20.20 28.26 29.38
N ARG B 100 -19.13 29.01 29.61
CA ARG B 100 -19.14 30.06 30.62
C ARG B 100 -19.97 31.26 30.18
N SER B 101 -20.04 31.50 28.88
CA SER B 101 -20.79 32.63 28.35
C SER B 101 -22.28 32.31 28.35
N ASP B 102 -22.62 31.06 28.63
CA ASP B 102 -24.02 30.73 28.83
C ASP B 102 -24.38 31.11 30.25
N GLU B 103 -24.78 32.36 30.41
CA GLU B 103 -25.10 33.00 31.70
C GLU B 103 -25.80 32.13 32.74
N LYS B 104 -26.95 31.59 32.35
CA LYS B 104 -27.83 30.82 33.22
C LYS B 104 -27.10 29.54 33.63
N GLU B 105 -26.59 28.83 32.63
CA GLU B 105 -25.94 27.54 32.82
C GLU B 105 -24.63 27.63 33.61
N ALA B 106 -23.86 28.68 33.36
CA ALA B 106 -22.62 28.91 34.08
C ALA B 106 -22.85 29.24 35.56
N ALA B 107 -24.11 29.39 35.96
CA ALA B 107 -24.42 29.70 37.35
C ALA B 107 -24.84 28.44 38.10
N THR B 108 -25.03 27.35 37.37
CA THR B 108 -25.48 26.11 37.96
C THR B 108 -24.54 25.68 39.07
N GLU B 109 -25.12 25.23 40.18
CA GLU B 109 -24.36 24.89 41.36
C GLU B 109 -24.66 23.47 41.78
N ILE B 110 -23.63 22.78 42.25
CA ILE B 110 -23.83 21.46 42.84
C ILE B 110 -24.88 21.57 43.93
N GLN B 111 -25.87 20.68 43.88
CA GLN B 111 -26.87 20.63 44.91
C GLN B 111 -26.54 19.54 45.94
N PRO B 112 -26.79 19.83 47.23
CA PRO B 112 -26.55 18.85 48.30
C PRO B 112 -27.41 17.60 48.20
N GLY B 113 -26.76 16.43 48.19
CA GLY B 113 -27.44 15.16 48.15
C GLY B 113 -27.69 14.54 46.78
N GLU B 114 -27.59 15.31 45.71
CA GLU B 114 -27.88 14.77 44.37
C GLU B 114 -26.75 13.88 43.86
N PRO B 115 -27.11 12.82 43.14
CA PRO B 115 -26.08 11.99 42.50
C PRO B 115 -25.43 12.74 41.34
N ILE B 116 -24.14 13.05 41.52
CA ILE B 116 -23.36 13.76 40.54
C ILE B 116 -22.51 12.79 39.72
N LYS B 117 -22.64 12.81 38.40
CA LYS B 117 -21.79 12.01 37.53
C LYS B 117 -20.54 12.79 37.13
N ILE B 118 -19.38 12.19 37.38
CA ILE B 118 -18.12 12.78 36.98
C ILE B 118 -17.43 11.88 35.96
N GLN B 119 -17.34 12.36 34.73
CA GLN B 119 -16.78 11.60 33.62
C GLN B 119 -15.70 12.42 32.93
N LEU B 120 -14.58 11.76 32.62
CA LEU B 120 -13.40 12.40 32.04
C LEU B 120 -12.38 11.34 31.69
N GLY B 121 -11.29 11.74 31.04
CA GLY B 121 -10.23 10.80 30.79
C GLY B 121 -9.03 11.40 30.06
N ALA B 122 -7.95 10.64 30.06
CA ALA B 122 -6.75 11.00 29.34
C ALA B 122 -6.45 9.96 28.28
N GLN B 123 -5.55 10.33 27.38
CA GLN B 123 -5.09 9.42 26.34
C GLN B 123 -3.61 9.65 26.08
N ILE B 124 -2.89 8.56 25.93
CA ILE B 124 -1.48 8.62 25.59
C ILE B 124 -1.29 7.92 24.26
N ASP B 125 -0.69 8.64 23.32
CA ASP B 125 -0.41 8.13 21.99
C ASP B 125 -1.65 7.52 21.34
N GLY B 126 -2.81 8.07 21.66
CA GLY B 126 -4.04 7.61 21.04
C GLY B 126 -4.71 6.48 21.81
N TYR B 127 -4.07 6.05 22.89
CA TYR B 127 -4.66 5.02 23.74
C TYR B 127 -5.38 5.65 24.93
N GLY B 128 -6.70 5.65 24.90
CA GLY B 128 -7.48 6.40 25.88
C GLY B 128 -8.18 5.57 26.94
N THR B 129 -8.34 6.15 28.12
CA THR B 129 -9.15 5.54 29.17
C THR B 129 -10.19 6.57 29.58
N ILE B 130 -11.45 6.16 29.63
CA ILE B 130 -12.51 7.02 30.10
C ILE B 130 -13.08 6.43 31.37
N VAL B 131 -13.45 7.31 32.30
CA VAL B 131 -13.95 6.88 33.59
C VAL B 131 -15.13 7.75 34.02
N CYS B 132 -16.05 7.14 34.76
CA CYS B 132 -17.17 7.83 35.31
C CYS B 132 -17.50 7.23 36.67
N ASP B 133 -17.49 8.08 37.70
CA ASP B 133 -17.97 7.74 39.03
C ASP B 133 -19.25 8.51 39.32
N THR B 134 -20.10 7.96 40.17
CA THR B 134 -21.19 8.75 40.70
C THR B 134 -21.05 8.94 42.21
N ILE B 135 -21.09 10.20 42.63
CA ILE B 135 -20.97 10.58 44.05
C ILE B 135 -22.21 11.32 44.54
N VAL B 136 -22.46 11.27 45.85
CA VAL B 136 -23.49 12.07 46.50
C VAL B 136 -22.89 13.39 47.02
N ALA B 137 -23.33 14.51 46.45
CA ALA B 137 -22.79 15.82 46.78
C ALA B 137 -22.96 16.09 48.28
N LYS B 138 -21.92 16.62 48.90
CA LYS B 138 -21.90 16.84 50.33
C LYS B 138 -20.58 17.49 50.75
N ASN B 139 -20.55 18.07 51.95
CA ASN B 139 -19.31 18.61 52.48
C ASN B 139 -18.48 17.52 53.15
N ALA B 140 -17.22 17.82 53.41
CA ALA B 140 -16.33 16.87 54.07
C ALA B 140 -16.88 16.44 55.43
N ASN B 141 -17.39 17.41 56.19
CA ASN B 141 -17.96 17.16 57.52
C ASN B 141 -19.21 16.27 57.50
N ASP B 142 -19.78 16.08 56.32
CA ASP B 142 -20.98 15.25 56.19
C ASP B 142 -20.55 13.80 56.16
N PRO B 143 -21.35 12.91 56.76
CA PRO B 143 -21.03 11.49 56.78
C PRO B 143 -21.28 10.84 55.41
N ASP B 144 -20.31 10.05 54.94
CA ASP B 144 -20.45 9.35 53.67
C ASP B 144 -21.39 8.17 53.83
N VAL B 145 -22.68 8.43 53.68
CA VAL B 145 -23.71 7.41 53.79
C VAL B 145 -24.74 7.65 52.70
N ILE B 146 -25.28 6.57 52.14
CA ILE B 146 -26.28 6.68 51.10
C ILE B 146 -27.47 5.90 51.55
N GLU B 147 -28.66 6.49 51.46
CA GLU B 147 -29.83 5.82 52.01
C GLU B 147 -31.08 6.03 51.14
N GLY B 148 -32.21 5.55 51.65
CA GLY B 148 -33.47 5.68 50.94
C GLY B 148 -33.36 5.06 49.57
N ARG B 149 -34.01 5.67 48.59
CA ARG B 149 -34.06 5.14 47.23
C ARG B 149 -32.76 5.39 46.46
N GLN B 150 -31.98 6.36 46.91
CA GLN B 150 -30.65 6.57 46.37
C GLN B 150 -29.79 5.33 46.58
N ALA B 151 -29.93 4.71 47.74
CA ALA B 151 -29.19 3.49 48.06
C ALA B 151 -29.52 2.40 47.05
N ASP B 152 -30.81 2.21 46.75
CA ASP B 152 -31.22 1.23 45.75
C ASP B 152 -30.67 1.58 44.37
N LEU B 153 -30.66 2.88 44.06
CA LEU B 153 -30.22 3.33 42.76
C LEU B 153 -28.72 3.06 42.54
N PHE B 154 -27.89 3.36 43.55
CA PHE B 154 -26.46 3.12 43.44
C PHE B 154 -26.11 1.60 43.40
N LEU B 155 -26.75 0.80 44.25
CA LEU B 155 -26.54 -0.66 44.24
C LEU B 155 -27.00 -1.34 42.93
N ALA B 156 -28.12 -0.89 42.39
CA ALA B 156 -28.53 -1.36 41.07
C ALA B 156 -27.40 -1.11 40.07
N THR B 157 -26.79 0.07 40.14
CA THR B 157 -25.76 0.46 39.19
C THR B 157 -24.46 -0.29 39.45
N TYR B 158 -24.14 -0.49 40.72
CA TYR B 158 -22.93 -1.21 41.11
C TYR B 158 -22.96 -2.66 40.63
N TYR B 159 -24.09 -3.33 40.84
CA TYR B 159 -24.22 -4.75 40.51
C TYR B 159 -24.48 -4.99 39.03
N ALA B 160 -25.14 -4.04 38.36
CA ALA B 160 -25.26 -4.17 36.93
C ALA B 160 -23.85 -4.13 36.34
N ASN B 161 -22.98 -3.28 36.88
CA ASN B 161 -21.60 -3.22 36.42
C ASN B 161 -20.84 -4.53 36.67
N GLU B 162 -20.98 -5.07 37.88
CA GLU B 162 -20.31 -6.33 38.25
C GLU B 162 -20.77 -7.49 37.40
N VAL B 163 -22.04 -7.46 37.01
CA VAL B 163 -22.57 -8.54 36.23
C VAL B 163 -22.11 -8.42 34.77
N LEU B 164 -22.20 -7.21 34.23
CA LEU B 164 -21.77 -6.97 32.85
C LEU B 164 -20.32 -7.38 32.62
N LEU B 165 -19.46 -6.99 33.54
CA LEU B 165 -18.03 -7.27 33.38
C LEU B 165 -17.82 -8.78 33.30
N ARG B 166 -18.45 -9.50 34.23
CA ARG B 166 -18.35 -10.94 34.26
C ARG B 166 -18.89 -11.55 32.97
N LEU B 167 -19.93 -10.94 32.42
CA LEU B 167 -20.55 -11.45 31.21
C LEU B 167 -19.64 -11.25 30.01
N MET B 168 -18.74 -10.29 30.10
CA MET B 168 -17.82 -10.02 29.00
C MET B 168 -16.57 -10.94 28.97
N VAL B 169 -16.32 -11.69 30.04
CA VAL B 169 -15.15 -12.58 30.09
C VAL B 169 -15.30 -13.70 29.07
N PRO B 170 -14.45 -13.71 28.04
CA PRO B 170 -14.49 -14.77 27.02
C PRO B 170 -14.67 -16.14 27.67
N PRO B 171 -15.63 -16.93 27.17
CA PRO B 171 -15.83 -18.23 27.82
C PRO B 171 -14.57 -19.09 27.73
N GLY B 172 -14.19 -19.70 28.85
CA GLY B 172 -13.02 -20.55 28.90
C GLY B 172 -11.72 -19.83 29.24
N LEU B 173 -11.80 -18.53 29.46
CA LEU B 173 -10.60 -17.73 29.70
C LEU B 173 -9.98 -17.99 31.08
N LEU B 174 -10.81 -18.21 32.08
CA LEU B 174 -10.35 -18.33 33.46
C LEU B 174 -10.39 -19.76 33.98
N ALA B 175 -10.97 -20.66 33.20
CA ALA B 175 -11.07 -22.07 33.58
C ALA B 175 -9.72 -22.65 34.04
N THR B 176 -9.75 -23.52 35.04
CA THR B 176 -8.54 -24.16 35.51
C THR B 176 -8.65 -25.65 35.35
N GLY B 177 -7.58 -26.37 35.63
CA GLY B 177 -7.60 -27.83 35.61
C GLY B 177 -7.10 -28.49 34.34
N THR B 178 -7.71 -29.62 34.00
CA THR B 178 -7.28 -30.51 32.91
C THR B 178 -7.66 -30.00 31.52
N ASP B 179 -7.02 -30.56 30.50
CA ASP B 179 -7.38 -30.22 29.13
C ASP B 179 -8.88 -30.35 28.95
N GLU B 180 -9.45 -31.41 29.54
CA GLU B 180 -10.87 -31.71 29.42
C GLU B 180 -11.78 -30.60 29.98
N GLU B 181 -11.56 -30.21 31.23
CA GLU B 181 -12.39 -29.14 31.81
C GLU B 181 -12.18 -27.81 31.09
N LYS B 182 -10.96 -27.51 30.67
CA LYS B 182 -10.74 -26.29 29.90
C LYS B 182 -11.48 -26.34 28.57
N ALA B 183 -11.44 -27.48 27.90
CA ALA B 183 -12.18 -27.61 26.64
C ALA B 183 -13.66 -27.45 26.91
N LYS B 184 -14.12 -27.94 28.06
CA LYS B 184 -15.52 -27.82 28.45
C LYS B 184 -15.91 -26.34 28.56
N ALA B 185 -15.09 -25.56 29.26
CA ALA B 185 -15.37 -24.15 29.46
C ALA B 185 -15.30 -23.36 28.16
N ALA B 186 -14.47 -23.82 27.23
CA ALA B 186 -14.32 -23.09 25.98
C ALA B 186 -15.45 -23.36 24.99
N ALA B 187 -16.20 -24.43 25.21
CA ALA B 187 -17.33 -24.76 24.34
C ALA B 187 -18.62 -24.00 24.70
N VAL B 188 -18.68 -23.49 25.93
CA VAL B 188 -19.79 -22.65 26.35
C VAL B 188 -19.96 -21.45 25.42
N LYS B 189 -21.20 -21.15 25.03
CA LYS B 189 -21.44 -20.01 24.17
C LYS B 189 -21.45 -18.71 24.97
N PRO B 190 -20.94 -17.62 24.36
CA PRO B 190 -21.00 -16.31 25.02
C PRO B 190 -22.41 -15.74 24.92
N PRO B 191 -22.83 -14.98 25.94
CA PRO B 191 -24.21 -14.52 26.02
C PRO B 191 -24.54 -13.63 24.84
N SER B 192 -25.70 -13.81 24.22
CA SER B 192 -26.17 -12.86 23.20
C SER B 192 -26.49 -11.53 23.88
N GLN B 193 -26.51 -10.43 23.14
CA GLN B 193 -26.74 -9.13 23.77
C GLN B 193 -28.15 -9.02 24.35
N ALA B 194 -29.10 -9.75 23.77
CA ALA B 194 -30.45 -9.78 24.32
C ALA B 194 -30.43 -10.42 25.70
N LYS B 195 -29.54 -11.39 25.87
CA LYS B 195 -29.38 -12.07 27.14
C LYS B 195 -28.72 -11.17 28.17
N ILE B 196 -27.67 -10.46 27.76
CA ILE B 196 -27.01 -9.49 28.65
C ILE B 196 -28.01 -8.43 29.13
N SER B 197 -28.81 -7.90 28.21
CA SER B 197 -29.82 -6.89 28.53
C SER B 197 -30.78 -7.42 29.57
N SER B 198 -31.36 -8.57 29.27
CA SER B 198 -32.30 -9.21 30.18
C SER B 198 -31.71 -9.36 31.57
N LEU B 199 -30.48 -9.88 31.63
CA LEU B 199 -29.83 -10.03 32.93
C LEU B 199 -29.67 -8.70 33.66
N LEU B 200 -29.14 -7.68 33.00
CA LEU B 200 -28.96 -6.40 33.67
C LEU B 200 -30.29 -5.77 34.14
N GLU B 201 -31.33 -5.87 33.33
CA GLU B 201 -32.65 -5.43 33.77
C GLU B 201 -33.11 -6.13 35.05
N LYS B 202 -32.84 -7.43 35.15
CA LYS B 202 -33.22 -8.18 36.35
C LYS B 202 -32.50 -7.59 37.56
N VAL B 203 -31.21 -7.30 37.40
CA VAL B 203 -30.45 -6.70 38.47
C VAL B 203 -31.12 -5.40 38.93
N ALA B 204 -31.36 -4.50 37.99
CA ALA B 204 -31.95 -3.19 38.30
C ALA B 204 -33.30 -3.36 38.99
N LYS B 205 -34.11 -4.25 38.44
CA LYS B 205 -35.46 -4.47 38.97
C LYS B 205 -35.45 -4.98 40.42
N ALA B 206 -34.42 -5.69 40.83
CA ALA B 206 -34.36 -6.20 42.20
C ALA B 206 -34.29 -5.04 43.19
N TYR B 207 -33.86 -3.88 42.69
CA TYR B 207 -33.78 -2.66 43.47
C TYR B 207 -34.84 -1.64 43.01
N ASP B 208 -35.81 -2.12 42.23
CA ASP B 208 -36.88 -1.28 41.70
C ASP B 208 -36.37 -0.08 40.92
N CYS B 209 -35.36 -0.32 40.10
CA CYS B 209 -34.82 0.70 39.20
C CYS B 209 -34.83 0.15 37.81
N ASN B 210 -34.39 0.96 36.85
CA ASN B 210 -34.34 0.56 35.46
C ASN B 210 -33.05 0.93 34.78
N ILE B 211 -32.65 0.11 33.81
CA ILE B 211 -31.46 0.39 33.03
C ILE B 211 -31.79 1.54 32.08
N ILE B 212 -30.91 2.53 32.01
CA ILE B 212 -31.09 3.61 31.04
C ILE B 212 -31.00 3.02 29.63
N GLU B 213 -32.03 3.25 28.83
CA GLU B 213 -32.10 2.65 27.49
C GLU B 213 -30.90 3.03 26.63
N SER B 214 -30.39 2.03 25.89
CA SER B 214 -29.30 2.23 24.93
C SER B 214 -27.97 2.60 25.56
N THR B 215 -27.80 2.26 26.83
CA THR B 215 -26.51 2.48 27.45
C THR B 215 -25.54 1.58 26.72
N THR B 216 -24.44 2.17 26.25
CA THR B 216 -23.57 1.49 25.31
C THR B 216 -22.14 1.41 25.79
N SER B 217 -21.57 0.22 25.70
CA SER B 217 -20.16 0.00 25.96
C SER B 217 -19.45 -0.17 24.63
N TRP B 218 -18.32 0.51 24.46
CA TRP B 218 -17.60 0.53 23.19
C TRP B 218 -16.21 -0.11 23.23
N LEU B 219 -15.86 -0.81 22.16
CA LEU B 219 -14.46 -1.19 21.95
C LEU B 219 -13.64 0.07 21.71
N PHE B 220 -12.47 0.16 22.36
CA PHE B 220 -11.52 1.24 22.09
C PHE B 220 -10.43 0.74 21.12
N ASP B 221 -9.79 1.66 20.43
CA ASP B 221 -8.60 1.34 19.66
C ASP B 221 -7.74 2.59 19.62
N LYS B 222 -6.59 2.53 18.96
CA LYS B 222 -5.74 3.72 18.88
C LYS B 222 -6.53 4.88 18.26
N ASN B 223 -6.59 6.02 18.94
CA ASN B 223 -7.35 7.15 18.44
C ASN B 223 -8.82 6.90 18.20
N GLU B 224 -9.42 5.98 18.94
CA GLU B 224 -10.82 5.64 18.75
C GLU B 224 -11.51 5.25 20.07
N ILE B 225 -12.52 6.01 20.49
CA ILE B 225 -13.28 5.61 21.67
C ILE B 225 -14.68 5.08 21.35
N GLU B 226 -14.96 4.90 20.06
CA GLU B 226 -16.18 4.24 19.62
C GLU B 226 -15.84 3.27 18.49
N GLY B 227 -15.15 2.19 18.86
CA GLY B 227 -14.63 1.24 17.89
C GLY B 227 -15.67 0.32 17.27
N LYS B 228 -15.19 -0.75 16.64
CA LYS B 228 -15.99 -1.59 15.75
C LYS B 228 -16.82 -2.65 16.48
N LYS B 229 -16.74 -2.67 17.80
CA LYS B 229 -17.63 -3.51 18.59
C LYS B 229 -18.36 -2.62 19.58
N LYS B 230 -19.60 -2.96 19.88
CA LYS B 230 -20.34 -2.30 20.95
C LYS B 230 -21.37 -3.21 21.59
N ILE B 231 -21.65 -2.95 22.87
CA ILE B 231 -22.74 -3.62 23.57
C ILE B 231 -23.76 -2.56 23.92
N ILE B 232 -25.02 -2.80 23.54
CA ILE B 232 -26.08 -1.82 23.77
C ILE B 232 -27.11 -2.40 24.71
N LEU B 233 -27.18 -1.88 25.93
CA LEU B 233 -28.09 -2.42 26.94
C LEU B 233 -29.49 -1.88 26.69
N SER B 234 -30.49 -2.74 26.88
CA SER B 234 -31.90 -2.34 26.79
C SER B 234 -32.11 -1.39 25.62
N PRO B 235 -31.87 -1.86 24.39
CA PRO B 235 -32.10 -0.98 23.26
C PRO B 235 -33.58 -0.81 23.00
N GLY B 236 -34.39 -1.75 23.50
CA GLY B 236 -35.83 -1.77 23.23
C GLY B 236 -36.10 -1.91 21.74
N GLU B 237 -36.99 -1.08 21.22
CA GLU B 237 -36.99 -0.83 19.79
C GLU B 237 -35.78 0.07 19.59
N ASN B 238 -34.99 -0.19 18.55
CA ASN B 238 -33.75 0.53 18.29
C ASN B 238 -32.58 -0.37 17.90
N ILE B 239 -31.48 0.29 17.55
CA ILE B 239 -30.45 -0.27 16.66
C ILE B 239 -29.78 -1.63 17.00
N LYS B 240 -29.65 -1.97 18.28
CA LYS B 240 -29.00 -3.23 18.68
C LYS B 240 -27.48 -3.17 18.49
N GLY B 241 -26.74 -3.80 19.41
CA GLY B 241 -25.29 -3.79 19.34
C GLY B 241 -24.68 -5.00 18.63
N GLU B 242 -23.37 -4.99 18.44
CA GLU B 242 -22.70 -6.09 17.75
C GLU B 242 -21.25 -6.29 18.21
N GLY B 243 -20.87 -7.55 18.38
CA GLY B 243 -19.49 -7.86 18.68
C GLY B 243 -19.34 -8.57 20.02
N VAL B 244 -18.38 -9.49 20.09
CA VAL B 244 -18.12 -10.24 21.30
C VAL B 244 -16.72 -9.93 21.82
N PRO B 245 -16.62 -9.51 23.09
CA PRO B 245 -15.31 -9.17 23.65
C PRO B 245 -14.32 -10.32 23.48
N GLU B 246 -13.05 -9.98 23.26
CA GLU B 246 -11.97 -10.94 23.03
C GLU B 246 -10.70 -10.52 23.75
N VAL B 247 -9.90 -11.50 24.16
CA VAL B 247 -8.55 -11.23 24.66
C VAL B 247 -7.88 -10.26 23.71
N GLY B 248 -7.24 -9.25 24.28
CA GLY B 248 -6.63 -8.19 23.49
C GLY B 248 -7.49 -6.94 23.42
N ASP B 249 -8.80 -7.07 23.68
CA ASP B 249 -9.68 -5.89 23.60
C ASP B 249 -9.49 -4.94 24.78
N VAL B 250 -9.49 -3.64 24.50
CA VAL B 250 -9.85 -2.66 25.52
C VAL B 250 -11.26 -2.13 25.28
N TRP B 251 -12.05 -2.09 26.36
CA TRP B 251 -13.41 -1.52 26.31
C TRP B 251 -13.65 -0.46 27.37
N GLY B 252 -14.44 0.54 26.98
CA GLY B 252 -15.07 1.47 27.91
C GLY B 252 -16.44 0.91 28.24
N VAL B 253 -16.55 0.27 29.41
CA VAL B 253 -17.79 -0.34 29.81
C VAL B 253 -18.62 0.67 30.59
N GLU B 254 -19.85 0.92 30.14
CA GLU B 254 -20.73 1.83 30.85
C GLU B 254 -21.99 1.12 31.29
N VAL B 255 -22.41 1.37 32.53
CA VAL B 255 -23.77 1.04 32.95
C VAL B 255 -24.44 2.27 33.55
N GLY B 256 -25.75 2.39 33.37
CA GLY B 256 -26.51 3.45 33.99
C GLY B 256 -27.89 2.98 34.42
N CYS B 257 -28.35 3.46 35.58
CA CYS B 257 -29.68 3.10 36.07
C CYS B 257 -30.46 4.35 36.41
N SER B 258 -31.77 4.23 36.42
CA SER B 258 -32.66 5.34 36.75
C SER B 258 -33.67 4.97 37.84
N LEU B 259 -33.99 5.94 38.69
CA LEU B 259 -35.07 5.79 39.65
C LEU B 259 -36.38 5.91 38.88
N GLY B 260 -36.28 6.47 37.68
CA GLY B 260 -37.39 6.59 36.75
C GLY B 260 -37.53 5.37 35.85
N SER B 261 -38.07 5.57 34.65
CA SER B 261 -38.34 4.46 33.73
C SER B 261 -37.11 4.01 32.95
N GLY B 262 -36.04 4.81 33.01
CA GLY B 262 -34.87 4.56 32.20
C GLY B 262 -35.04 5.00 30.76
N LYS B 263 -36.09 5.77 30.49
CA LYS B 263 -36.25 6.35 29.17
C LYS B 263 -35.44 7.63 29.09
N VAL B 264 -35.05 8.00 27.89
CA VAL B 264 -34.23 9.17 27.66
C VAL B 264 -35.04 10.24 26.92
N LYS B 265 -34.78 11.51 27.24
CA LYS B 265 -35.40 12.60 26.51
C LYS B 265 -34.44 13.76 26.31
N GLN B 266 -34.55 14.41 25.16
CA GLN B 266 -33.73 15.58 24.92
C GLN B 266 -34.11 16.69 25.89
N PHE B 267 -33.11 17.30 26.49
CA PHE B 267 -33.32 18.49 27.32
C PHE B 267 -32.86 19.71 26.52
N GLU B 268 -32.77 20.86 27.17
CA GLU B 268 -32.66 22.11 26.42
C GLU B 268 -31.35 22.83 26.58
N GLN B 269 -30.53 22.36 27.52
CA GLN B 269 -29.17 22.89 27.65
C GLN B 269 -28.44 22.79 26.30
N ARG B 270 -27.53 23.71 26.04
CA ARG B 270 -26.82 23.69 24.76
C ARG B 270 -25.92 22.48 24.68
N ALA B 271 -25.93 21.82 23.53
CA ALA B 271 -25.07 20.68 23.30
C ALA B 271 -23.64 21.18 23.17
N THR B 272 -22.75 20.81 24.10
CA THR B 272 -21.34 21.21 23.99
C THR B 272 -20.41 20.02 23.81
N LEU B 273 -20.94 18.81 24.02
CA LEU B 273 -20.13 17.61 23.84
C LEU B 273 -20.09 17.24 22.35
N HIS B 274 -18.88 17.13 21.81
CA HIS B 274 -18.66 16.82 20.38
C HIS B 274 -17.41 15.99 20.19
N ARG B 275 -17.27 15.39 19.02
CA ARG B 275 -15.98 14.86 18.56
C ARG B 275 -15.89 14.87 17.04
N ARG B 276 -14.68 15.02 16.52
CA ARG B 276 -14.46 14.96 15.07
C ARG B 276 -14.74 13.56 14.57
N THR B 277 -15.38 13.46 13.42
CA THR B 277 -15.59 12.18 12.76
C THR B 277 -14.43 11.90 11.80
N ASN B 278 -14.54 10.77 11.08
CA ASN B 278 -13.57 10.45 10.03
C ASN B 278 -14.14 10.85 8.67
N ASN B 279 -15.26 11.58 8.71
CA ASN B 279 -15.88 12.11 7.49
C ASN B 279 -15.12 13.29 6.91
N THR B 280 -15.34 13.54 5.63
CA THR B 280 -14.72 14.67 4.96
C THR B 280 -15.78 15.59 4.37
N TYR B 281 -15.41 16.84 4.16
CA TYR B 281 -16.35 17.88 3.80
C TYR B 281 -15.54 19.14 3.58
N ALA B 282 -16.03 20.04 2.75
CA ALA B 282 -15.34 21.32 2.59
C ALA B 282 -16.07 22.39 3.39
N LEU B 283 -15.44 22.85 4.46
CA LEU B 283 -16.06 23.87 5.27
C LEU B 283 -15.99 25.21 4.53
N LYS B 284 -17.11 25.95 4.54
CA LYS B 284 -17.19 27.24 3.84
C LYS B 284 -17.02 28.46 4.75
N ARG B 285 -17.54 28.37 5.98
CA ARG B 285 -17.48 29.51 6.89
C ARG B 285 -16.19 29.53 7.68
N PRO B 286 -15.60 30.72 7.81
CA PRO B 286 -14.35 31.01 8.52
C PRO B 286 -14.30 30.45 9.95
N THR B 287 -15.34 30.64 10.75
CA THR B 287 -15.37 30.13 12.12
C THR B 287 -15.40 28.61 12.13
N SER B 288 -16.01 28.02 11.11
CA SER B 288 -16.09 26.56 11.00
C SER B 288 -14.69 26.04 10.80
N ARG B 289 -13.98 26.64 9.85
CA ARG B 289 -12.66 26.14 9.52
C ARG B 289 -11.66 26.38 10.64
N LYS B 290 -11.81 27.48 11.35
CA LYS B 290 -10.85 27.74 12.40
C LYS B 290 -11.08 26.85 13.63
N ILE B 291 -12.33 26.62 14.01
CA ILE B 291 -12.54 25.72 15.14
C ILE B 291 -12.23 24.29 14.73
N TYR B 292 -12.51 23.94 13.48
CA TYR B 292 -12.16 22.60 13.00
C TYR B 292 -10.68 22.30 13.20
N SER B 293 -9.82 23.28 12.90
CA SER B 293 -8.38 23.08 12.95
C SER B 293 -7.93 22.99 14.40
N GLU B 294 -8.41 23.94 15.19
CA GLU B 294 -8.15 23.99 16.63
C GLU B 294 -8.45 22.64 17.26
N VAL B 295 -9.60 22.08 16.93
CA VAL B 295 -10.02 20.79 17.47
C VAL B 295 -9.13 19.65 17.00
N GLN B 296 -8.98 19.53 15.69
CA GLN B 296 -8.11 18.52 15.12
C GLN B 296 -6.76 18.53 15.81
N LYS B 297 -6.17 19.71 15.95
CA LYS B 297 -4.84 19.82 16.52
C LYS B 297 -4.80 19.45 18.00
N LYS B 298 -5.76 19.93 18.79
CA LYS B 298 -5.70 19.74 20.22
C LYS B 298 -6.32 18.40 20.67
N PHE B 299 -7.37 17.95 20.01
CA PHE B 299 -8.10 16.78 20.50
C PHE B 299 -8.03 15.56 19.60
N GLY B 300 -7.67 15.74 18.34
CA GLY B 300 -7.68 14.63 17.40
C GLY B 300 -9.09 14.14 17.16
N THR B 301 -9.33 12.85 17.35
CA THR B 301 -10.68 12.29 17.22
C THR B 301 -11.40 12.06 18.55
N PHE B 302 -10.84 12.56 19.64
CA PHE B 302 -11.44 12.36 20.97
C PHE B 302 -12.49 13.41 21.35
N PRO B 303 -13.47 13.03 22.17
CA PRO B 303 -14.55 13.96 22.55
C PRO B 303 -13.99 15.20 23.23
N PHE B 304 -14.69 16.32 23.13
CA PHE B 304 -14.22 17.56 23.73
C PHE B 304 -15.43 18.45 24.03
N SER B 305 -15.21 19.54 24.75
CA SER B 305 -16.29 20.46 25.04
C SER B 305 -16.04 21.80 24.36
N LEU B 306 -17.10 22.41 23.83
CA LEU B 306 -16.93 23.73 23.24
C LEU B 306 -16.30 24.70 24.22
N ARG B 307 -16.55 24.52 25.51
CA ARG B 307 -15.98 25.41 26.50
C ARG B 307 -14.46 25.36 26.52
N GLN B 308 -13.88 24.26 26.03
CA GLN B 308 -12.43 24.13 26.02
C GLN B 308 -11.78 25.00 24.93
N LEU B 309 -12.55 25.42 23.93
CA LEU B 309 -12.00 26.17 22.81
C LEU B 309 -11.64 27.61 23.17
N GLU B 310 -10.67 28.17 22.46
CA GLU B 310 -10.13 29.48 22.79
C GLU B 310 -11.18 30.58 22.85
N ASP B 311 -12.18 30.55 21.98
CA ASP B 311 -13.20 31.61 21.92
C ASP B 311 -14.62 31.08 21.76
N GLU B 312 -15.48 31.36 22.75
CA GLU B 312 -16.82 30.79 22.77
C GLU B 312 -17.74 31.30 21.64
N ARG B 313 -17.58 32.56 21.22
CA ARG B 313 -18.38 33.07 20.10
C ARG B 313 -18.08 32.29 18.82
N ASP B 314 -16.79 32.13 18.54
CA ASP B 314 -16.35 31.30 17.43
C ASP B 314 -16.87 29.88 17.55
N ALA B 315 -16.67 29.27 18.72
CA ALA B 315 -17.14 27.91 18.96
C ALA B 315 -18.59 27.77 18.53
N LYS B 316 -19.44 28.68 19.00
CA LYS B 316 -20.86 28.61 18.70
C LYS B 316 -21.18 28.78 17.22
N SER B 317 -20.64 29.83 16.59
CA SER B 317 -20.92 30.06 15.17
C SER B 317 -20.28 28.97 14.32
N GLY B 318 -19.05 28.58 14.65
CA GLY B 318 -18.33 27.60 13.86
C GLY B 318 -18.84 26.17 13.93
N VAL B 319 -19.48 25.80 15.05
CA VAL B 319 -19.92 24.41 15.26
C VAL B 319 -21.12 24.02 14.40
N ILE B 320 -21.91 25.01 14.01
CA ILE B 320 -23.11 24.77 13.22
C ILE B 320 -22.77 23.95 11.98
N GLU B 321 -21.82 24.44 11.18
CA GLU B 321 -21.53 23.84 9.88
C GLU B 321 -20.77 22.53 10.02
N CYS B 322 -19.90 22.45 11.03
CA CYS B 322 -19.20 21.20 11.28
C CYS B 322 -20.18 20.07 11.54
N VAL B 323 -21.20 20.36 12.34
CA VAL B 323 -22.18 19.37 12.70
C VAL B 323 -22.99 19.00 11.46
N ARG B 324 -23.49 20.03 10.77
CA ARG B 324 -24.33 19.81 9.60
C ARG B 324 -23.60 19.04 8.51
N GLY B 325 -22.30 19.28 8.37
CA GLY B 325 -21.51 18.60 7.36
C GLY B 325 -21.05 17.24 7.80
N GLY B 326 -21.22 16.95 9.09
CA GLY B 326 -20.95 15.63 9.61
C GLY B 326 -19.48 15.38 9.90
N VAL B 327 -18.72 16.45 10.06
CA VAL B 327 -17.33 16.31 10.45
C VAL B 327 -17.12 16.48 11.96
N PHE B 328 -18.10 17.05 12.64
CA PHE B 328 -18.23 16.90 14.10
C PHE B 328 -19.41 16.00 14.39
N ARG B 329 -19.27 15.18 15.42
CA ARG B 329 -20.41 14.46 15.97
C ARG B 329 -20.88 15.29 17.15
N GLN B 330 -22.18 15.57 17.21
CA GLN B 330 -22.74 16.30 18.34
C GLN B 330 -23.45 15.32 19.27
N TYR B 331 -23.08 15.32 20.53
CA TYR B 331 -23.82 14.54 21.51
C TYR B 331 -24.92 15.43 22.12
N GLU B 332 -26.16 15.18 21.71
CA GLU B 332 -27.27 15.98 22.22
C GLU B 332 -27.43 15.80 23.73
N VAL B 333 -27.94 16.86 24.35
CA VAL B 333 -28.20 16.86 25.77
C VAL B 333 -29.43 16.01 26.02
N THR B 334 -29.27 14.91 26.76
CA THR B 334 -30.40 14.11 27.17
C THR B 334 -30.43 13.94 28.69
N GLY B 335 -31.61 13.66 29.21
CA GLY B 335 -31.80 13.45 30.63
C GLY B 335 -32.89 12.42 30.82
N ASP B 336 -33.06 11.94 32.04
CA ASP B 336 -34.12 10.98 32.32
C ASP B 336 -35.50 11.54 31.95
N LYS B 337 -36.27 10.78 31.17
CA LYS B 337 -37.57 11.26 30.71
C LYS B 337 -38.44 11.75 31.85
N ASP B 338 -38.42 11.02 32.96
CA ASP B 338 -39.27 11.32 34.11
C ASP B 338 -38.63 12.37 35.01
N ASN B 339 -37.43 12.82 34.66
CA ASN B 339 -36.68 13.73 35.50
C ASN B 339 -36.27 13.09 36.83
N ALA B 340 -36.21 11.76 36.88
CA ALA B 340 -35.70 11.08 38.06
C ALA B 340 -34.17 11.04 38.07
N PRO B 341 -33.57 10.92 39.27
CA PRO B 341 -32.12 10.78 39.36
C PRO B 341 -31.58 9.58 38.59
N VAL B 342 -30.40 9.72 37.99
CA VAL B 342 -29.74 8.59 37.35
C VAL B 342 -28.38 8.35 37.97
N CYS B 343 -27.89 7.15 37.79
CA CYS B 343 -26.56 6.78 38.29
C CYS B 343 -25.81 6.09 37.16
N ARG B 344 -24.54 6.45 36.95
CA ARG B 344 -23.77 5.85 35.87
C ARG B 344 -22.36 5.45 36.32
N LEU B 345 -21.89 4.30 35.83
CA LEU B 345 -20.49 3.93 35.99
C LEU B 345 -19.84 3.66 34.62
N LEU B 346 -18.61 4.10 34.47
CA LEU B 346 -17.87 3.82 33.25
C LEU B 346 -16.44 3.39 33.57
N THR B 347 -16.09 2.18 33.14
CA THR B 347 -14.78 1.62 33.44
C THR B 347 -14.08 1.21 32.14
N THR B 348 -12.85 1.67 31.96
CA THR B 348 -12.05 1.18 30.85
C THR B 348 -11.35 -0.10 31.27
N ILE B 349 -11.67 -1.20 30.60
CA ILE B 349 -11.04 -2.50 30.90
C ILE B 349 -10.12 -3.00 29.79
N ALA B 350 -9.16 -3.83 30.20
CA ALA B 350 -8.31 -4.59 29.28
C ALA B 350 -8.69 -6.06 29.44
N ILE B 351 -8.87 -6.76 28.33
CA ILE B 351 -9.07 -8.19 28.40
C ILE B 351 -7.76 -8.90 28.07
N THR B 352 -7.15 -9.53 29.08
CA THR B 352 -5.88 -10.22 28.89
C THR B 352 -6.01 -11.70 29.19
N LYS B 353 -4.89 -12.43 29.09
CA LYS B 353 -4.89 -13.85 29.41
C LYS B 353 -5.13 -14.05 30.90
N ASN B 354 -4.97 -12.98 31.68
CA ASN B 354 -5.31 -12.98 33.10
C ASN B 354 -6.79 -12.68 33.37
N GLY B 355 -7.56 -12.49 32.30
CA GLY B 355 -8.95 -12.14 32.45
C GLY B 355 -9.19 -10.66 32.20
N ILE B 356 -10.12 -10.09 32.96
CA ILE B 356 -10.48 -8.69 32.80
C ILE B 356 -9.79 -7.80 33.84
N THR B 357 -8.92 -6.91 33.39
CA THR B 357 -8.26 -5.98 34.29
C THR B 357 -8.96 -4.64 34.22
N ARG B 358 -9.27 -4.05 35.37
CA ARG B 358 -9.85 -2.72 35.40
C ARG B 358 -8.75 -1.67 35.29
N ILE B 359 -8.44 -1.24 34.08
CA ILE B 359 -7.32 -0.31 33.87
C ILE B 359 -7.59 1.03 34.53
N GLY B 360 -8.69 1.66 34.14
CA GLY B 360 -9.07 2.95 34.70
C GLY B 360 -10.55 2.95 34.97
N GLY B 361 -10.93 3.24 36.19
CA GLY B 361 -12.33 3.23 36.57
C GLY B 361 -12.62 4.07 37.80
N PRO B 362 -13.85 3.98 38.30
CA PRO B 362 -14.21 4.69 39.52
C PRO B 362 -13.60 3.94 40.70
N PRO B 363 -13.37 4.64 41.82
CA PRO B 363 -12.76 3.99 42.99
C PRO B 363 -13.75 2.98 43.58
N ALA B 364 -13.24 1.98 44.27
CA ALA B 364 -14.12 0.92 44.77
C ALA B 364 -15.15 1.49 45.72
N TRP B 365 -16.42 1.16 45.55
CA TRP B 365 -17.43 1.66 46.45
C TRP B 365 -17.41 0.84 47.74
N ASP B 366 -17.59 1.50 48.86
CA ASP B 366 -17.75 0.80 50.10
C ASP B 366 -19.20 0.43 50.26
N LEU B 367 -19.50 -0.83 50.15
CA LEU B 367 -20.85 -1.32 50.16
C LEU B 367 -21.58 -1.22 51.47
N SER B 368 -20.80 -1.11 52.53
CA SER B 368 -21.30 -0.92 53.86
C SER B 368 -22.06 0.39 54.03
N LYS B 369 -21.72 1.39 53.25
CA LYS B 369 -22.39 2.66 53.32
C LYS B 369 -23.79 2.75 52.76
N PHE B 370 -24.25 1.75 52.05
CA PHE B 370 -25.54 1.76 51.43
C PHE B 370 -26.61 1.12 52.25
N LYS B 371 -27.56 1.93 52.67
CA LYS B 371 -28.60 1.52 53.56
C LYS B 371 -29.88 1.19 52.87
N THR B 372 -30.14 -0.08 52.73
CA THR B 372 -31.36 -0.61 52.19
C THR B 372 -31.59 -2.06 52.59
N ASP B 373 -32.82 -2.51 52.48
CA ASP B 373 -33.17 -3.90 52.76
C ASP B 373 -33.40 -4.69 51.48
N LYS B 374 -33.26 -4.01 50.33
CA LYS B 374 -33.42 -4.70 49.05
C LYS B 374 -32.15 -5.45 48.68
N LYS B 375 -32.32 -6.50 47.89
CA LYS B 375 -31.17 -7.28 47.43
C LYS B 375 -31.57 -8.20 46.30
N ILE B 376 -30.55 -8.72 45.61
CA ILE B 376 -30.77 -9.66 44.51
C ILE B 376 -31.07 -11.06 45.06
N GLU B 377 -32.14 -11.66 44.60
CA GLU B 377 -32.46 -13.02 45.03
C GLU B 377 -32.37 -14.03 43.90
N ASP B 378 -32.23 -13.53 42.67
CA ASP B 378 -32.21 -14.36 41.48
C ASP B 378 -30.98 -15.25 41.45
N GLU B 379 -31.20 -16.57 41.44
CA GLU B 379 -30.10 -17.53 41.52
C GLU B 379 -29.11 -17.44 40.37
N GLU B 380 -29.61 -17.16 39.18
CA GLU B 380 -28.76 -17.05 38.01
C GLU B 380 -27.73 -15.94 38.20
N ILE B 381 -28.21 -14.76 38.58
CA ILE B 381 -27.35 -13.60 38.77
C ILE B 381 -26.38 -13.77 39.92
N LEU B 382 -26.87 -14.32 41.03
CA LEU B 382 -26.01 -14.56 42.18
C LEU B 382 -24.89 -15.53 41.79
N LYS B 383 -25.24 -16.55 41.02
CA LYS B 383 -24.25 -17.50 40.51
C LYS B 383 -23.21 -16.80 39.63
N ILE B 384 -23.69 -15.92 38.73
CA ILE B 384 -22.77 -15.13 37.90
C ILE B 384 -21.88 -14.22 38.73
N LEU B 385 -22.44 -13.59 39.77
CA LEU B 385 -21.67 -12.71 40.64
C LEU B 385 -20.54 -13.43 41.37
N GLU B 386 -20.67 -14.74 41.55
CA GLU B 386 -19.60 -15.54 42.19
C GLU B 386 -18.41 -15.78 41.25
N GLN B 387 -18.59 -15.53 39.95
CA GLN B 387 -17.50 -15.75 39.01
C GLN B 387 -16.37 -14.77 39.25
N PRO B 388 -15.14 -15.21 38.97
CA PRO B 388 -13.93 -14.39 39.09
C PRO B 388 -13.78 -13.49 37.85
N LEU B 389 -13.05 -12.39 37.97
CA LEU B 389 -12.82 -11.52 36.84
C LEU B 389 -11.43 -11.72 36.24
N SER B 390 -10.46 -11.93 37.11
CA SER B 390 -9.07 -12.12 36.72
C SER B 390 -8.27 -12.89 37.78
N ALA C 16 -14.98 -25.41 14.30
CA ALA C 16 -14.77 -26.83 14.00
C ALA C 16 -14.10 -27.59 15.16
N ASP C 17 -14.76 -28.65 15.61
CA ASP C 17 -14.34 -29.42 16.78
C ASP C 17 -12.86 -29.78 16.83
N ASN C 18 -12.19 -29.33 17.88
CA ASN C 18 -10.79 -29.64 18.13
C ASN C 18 -10.56 -29.88 19.63
N VAL C 19 -9.34 -30.23 20.01
CA VAL C 19 -9.05 -30.60 21.40
C VAL C 19 -9.09 -29.42 22.38
N ALA C 20 -9.16 -28.20 21.86
CA ALA C 20 -9.23 -27.05 22.73
C ALA C 20 -10.67 -26.75 23.15
N ILE C 21 -11.63 -27.12 22.31
CA ILE C 21 -13.01 -26.70 22.51
C ILE C 21 -14.02 -27.86 22.60
N SER C 22 -13.55 -29.09 22.46
CA SER C 22 -14.43 -30.25 22.37
C SER C 22 -13.91 -31.43 23.17
N VAL C 23 -14.58 -31.73 24.28
CA VAL C 23 -14.22 -32.84 25.16
C VAL C 23 -14.35 -34.18 24.43
N ASP C 24 -15.27 -34.23 23.47
CA ASP C 24 -15.50 -35.42 22.67
C ASP C 24 -14.24 -35.79 21.89
N VAL C 25 -13.74 -34.82 21.14
CA VAL C 25 -12.57 -35.02 20.29
C VAL C 25 -11.36 -35.49 21.11
N LEU C 26 -11.15 -34.85 22.26
CA LEU C 26 -10.00 -35.12 23.12
C LEU C 26 -10.06 -36.55 23.63
N THR C 27 -11.26 -36.94 24.02
CA THR C 27 -11.52 -38.27 24.54
C THR C 27 -11.32 -39.36 23.47
N LYS C 28 -11.68 -39.05 22.23
CA LYS C 28 -11.51 -39.98 21.13
C LYS C 28 -10.03 -40.21 20.79
N TYR C 29 -9.25 -39.12 20.70
CA TYR C 29 -7.81 -39.21 20.59
C TYR C 29 -7.21 -40.02 21.74
N LYS C 30 -7.63 -39.73 22.96
CA LYS C 30 -7.01 -40.38 24.11
C LYS C 30 -7.27 -41.88 24.09
N THR C 31 -8.44 -42.28 23.61
CA THR C 31 -8.73 -43.69 23.49
C THR C 31 -7.83 -44.31 22.44
N ALA C 32 -7.72 -43.66 21.28
CA ALA C 32 -6.77 -44.08 20.26
C ALA C 32 -5.38 -44.27 20.87
N ALA C 33 -4.89 -43.27 21.57
CA ALA C 33 -3.56 -43.33 22.15
C ALA C 33 -3.40 -44.49 23.13
N GLN C 34 -4.43 -44.74 23.93
CA GLN C 34 -4.31 -45.76 24.95
C GLN C 34 -4.12 -47.11 24.27
N ILE C 35 -4.90 -47.36 23.22
CA ILE C 35 -4.76 -48.56 22.43
C ILE C 35 -3.39 -48.62 21.75
N SER C 36 -3.01 -47.53 21.11
CA SER C 36 -1.73 -47.48 20.40
C SER C 36 -0.58 -47.81 21.35
N GLU C 37 -0.63 -47.28 22.57
CA GLU C 37 0.47 -47.45 23.51
C GLU C 37 0.54 -48.87 24.10
N LYS C 38 -0.62 -49.46 24.35
CA LYS C 38 -0.67 -50.83 24.80
C LYS C 38 -0.08 -51.78 23.74
N VAL C 39 -0.60 -51.69 22.52
CA VAL C 39 -0.13 -52.51 21.41
C VAL C 39 1.37 -52.30 21.18
N LEU C 40 1.81 -51.06 21.31
CA LEU C 40 3.22 -50.74 21.21
C LEU C 40 4.04 -51.51 22.25
N ALA C 41 3.59 -51.53 23.51
CA ALA C 41 4.35 -52.24 24.54
C ALA C 41 4.45 -53.74 24.23
N GLU C 42 3.34 -54.34 23.81
CA GLU C 42 3.33 -55.76 23.52
C GLU C 42 4.21 -56.14 22.36
N VAL C 43 4.07 -55.39 21.26
CA VAL C 43 4.86 -55.66 20.06
C VAL C 43 6.35 -55.48 20.38
N SER C 44 6.66 -54.54 21.25
CA SER C 44 8.04 -54.32 21.65
C SER C 44 8.63 -55.51 22.39
N LYS C 45 7.83 -56.15 23.25
CA LYS C 45 8.27 -57.36 23.94
C LYS C 45 8.68 -58.43 22.94
N LEU C 46 7.99 -58.47 21.80
CA LEU C 46 8.19 -59.49 20.77
C LEU C 46 9.48 -59.28 19.96
N CYS C 47 10.03 -58.07 20.00
CA CYS C 47 11.16 -57.72 19.14
C CYS C 47 12.52 -58.21 19.68
N VAL C 48 12.67 -59.52 19.76
CA VAL C 48 13.91 -60.09 20.28
C VAL C 48 14.80 -60.59 19.15
N PRO C 49 16.11 -60.65 19.40
CA PRO C 49 17.01 -61.23 18.39
C PRO C 49 16.49 -62.60 17.93
N GLY C 50 16.39 -62.81 16.62
CA GLY C 50 15.93 -64.07 16.09
C GLY C 50 14.49 -64.06 15.61
N ALA C 51 13.69 -63.12 16.12
CA ALA C 51 12.28 -63.05 15.75
C ALA C 51 12.12 -62.57 14.31
N LYS C 52 11.19 -63.18 13.59
CA LYS C 52 10.87 -62.77 12.23
C LYS C 52 9.99 -61.52 12.23
N ILE C 53 10.39 -60.54 11.46
CA ILE C 53 9.70 -59.28 11.35
C ILE C 53 8.26 -59.48 10.91
N ILE C 54 8.03 -60.36 9.93
CA ILE C 54 6.67 -60.57 9.44
C ILE C 54 5.74 -61.14 10.52
N ASP C 55 6.26 -62.04 11.35
CA ASP C 55 5.44 -62.57 12.45
C ASP C 55 5.04 -61.46 13.43
N ILE C 56 5.93 -60.51 13.66
CA ILE C 56 5.69 -59.48 14.65
C ILE C 56 4.65 -58.47 14.16
N CYS C 57 4.71 -58.13 12.87
CA CYS C 57 3.76 -57.23 12.25
C CYS C 57 2.39 -57.89 12.23
N GLU C 58 2.34 -59.16 11.83
CA GLU C 58 1.08 -59.90 11.89
C GLU C 58 0.53 -59.88 13.30
N GLN C 59 1.34 -60.31 14.26
CA GLN C 59 0.86 -60.36 15.63
C GLN C 59 0.41 -58.97 16.13
N GLY C 60 1.17 -57.94 15.76
CA GLY C 60 0.80 -56.57 16.07
C GLY C 60 -0.55 -56.12 15.53
N ASP C 61 -0.78 -56.34 14.24
CA ASP C 61 -2.05 -55.96 13.63
C ASP C 61 -3.22 -56.75 14.24
N LYS C 62 -2.95 -57.99 14.62
CA LYS C 62 -3.93 -58.83 15.29
C LYS C 62 -4.30 -58.30 16.67
N LEU C 63 -3.27 -57.92 17.44
CA LEU C 63 -3.47 -57.27 18.73
C LEU C 63 -4.25 -55.95 18.61
N MET C 64 -3.93 -55.17 17.58
CA MET C 64 -4.64 -53.91 17.34
C MET C 64 -6.15 -54.13 17.21
N GLU C 65 -6.54 -55.04 16.30
CA GLU C 65 -7.94 -55.31 16.02
C GLU C 65 -8.69 -55.82 17.24
N GLU C 66 -8.04 -56.67 18.02
CA GLU C 66 -8.64 -57.15 19.26
C GLU C 66 -8.96 -55.98 20.17
N GLU C 67 -7.96 -55.12 20.38
CA GLU C 67 -8.10 -53.96 21.26
C GLU C 67 -9.20 -53.03 20.76
N LEU C 68 -9.31 -52.90 19.44
CA LEU C 68 -10.33 -52.07 18.81
C LEU C 68 -11.74 -52.62 19.05
N SER C 69 -11.88 -53.93 19.16
CA SER C 69 -13.19 -54.53 19.33
C SER C 69 -13.78 -54.29 20.72
N LYS C 70 -12.94 -53.92 21.67
CA LYS C 70 -13.36 -53.80 23.06
C LYS C 70 -13.87 -52.41 23.43
N VAL C 71 -13.69 -51.46 22.52
CA VAL C 71 -14.06 -50.07 22.80
C VAL C 71 -15.10 -49.56 21.83
N TYR C 72 -15.80 -48.49 22.21
CA TYR C 72 -16.64 -47.72 21.31
C TYR C 72 -17.52 -48.56 20.38
N ARG C 73 -18.39 -49.38 20.98
CA ARG C 73 -19.39 -50.12 20.22
C ARG C 73 -20.76 -49.45 20.42
N ASP C 74 -21.43 -49.12 19.32
CA ASP C 74 -22.65 -48.31 19.41
C ASP C 74 -23.85 -48.63 18.51
N LYS C 75 -23.68 -49.43 17.46
CA LYS C 75 -22.41 -50.01 17.05
C LYS C 75 -21.80 -49.17 15.93
N LYS C 76 -22.39 -48.00 15.69
CA LYS C 76 -22.07 -47.20 14.51
C LYS C 76 -20.69 -46.55 14.51
N THR C 77 -20.07 -46.42 15.69
CA THR C 77 -18.79 -45.70 15.82
C THR C 77 -17.67 -46.24 14.91
N ASN C 78 -17.31 -45.48 13.89
CA ASN C 78 -16.12 -45.77 13.09
C ASN C 78 -14.87 -45.87 13.96
N LYS C 79 -13.99 -46.79 13.63
CA LYS C 79 -12.72 -46.99 14.33
C LYS C 79 -11.84 -47.88 13.47
N GLY C 80 -10.55 -47.97 13.79
CA GLY C 80 -9.66 -48.79 13.00
C GLY C 80 -8.20 -48.40 13.16
N PHE C 81 -7.39 -48.81 12.19
CA PHE C 81 -5.97 -48.53 12.21
C PHE C 81 -5.73 -47.10 11.78
N SER C 82 -4.86 -46.40 12.48
CA SER C 82 -4.34 -45.14 11.96
C SER C 82 -3.04 -45.44 11.22
N HIS C 83 -2.46 -46.61 11.52
CA HIS C 83 -1.16 -47.01 10.95
C HIS C 83 -0.90 -48.50 11.20
N PRO C 84 -0.52 -49.25 10.17
CA PRO C 84 -0.24 -50.67 10.36
C PRO C 84 0.92 -50.88 11.32
N THR C 85 1.02 -52.06 11.92
CA THR C 85 2.18 -52.39 12.74
C THR C 85 3.41 -52.49 11.85
N THR C 86 4.42 -51.68 12.12
CA THR C 86 5.64 -51.77 11.34
C THR C 86 6.82 -52.00 12.26
N VAL C 87 7.81 -52.74 11.77
CA VAL C 87 8.99 -53.11 12.54
C VAL C 87 10.20 -52.97 11.64
N SER C 88 11.01 -51.94 11.87
CA SER C 88 12.01 -51.55 10.87
C SER C 88 13.44 -51.82 11.33
N PRO C 89 14.22 -52.53 10.50
CA PRO C 89 15.60 -52.88 10.87
C PRO C 89 16.52 -51.66 10.80
N ALA C 90 17.78 -51.86 11.18
CA ALA C 90 18.70 -50.77 11.55
C ALA C 90 18.69 -49.57 10.64
N ALA C 91 18.84 -49.81 9.32
CA ALA C 91 19.01 -48.74 8.35
C ALA C 91 17.72 -48.28 7.66
N PHE C 92 16.59 -48.91 7.99
CA PHE C 92 15.33 -48.59 7.34
C PHE C 92 14.66 -47.33 7.89
N ILE C 93 14.19 -46.47 7.00
CA ILE C 93 13.55 -45.21 7.38
C ILE C 93 12.03 -45.31 7.19
N THR C 94 11.61 -45.69 5.99
CA THR C 94 10.21 -46.02 5.77
C THR C 94 9.82 -47.18 6.67
N PRO C 95 8.67 -47.06 7.36
CA PRO C 95 8.20 -48.14 8.25
C PRO C 95 8.03 -49.43 7.45
N TYR C 96 8.58 -50.53 7.96
CA TYR C 96 8.71 -51.77 7.20
C TYR C 96 7.60 -52.77 7.55
N THR C 97 6.95 -53.31 6.54
CA THR C 97 5.88 -54.28 6.76
C THR C 97 5.70 -55.13 5.51
N PRO C 98 6.54 -56.16 5.41
CA PRO C 98 6.75 -56.94 4.20
C PRO C 98 5.63 -57.94 3.92
N LEU C 99 5.44 -58.26 2.64
CA LEU C 99 4.52 -59.33 2.25
C LEU C 99 5.05 -60.68 2.68
N ARG C 100 4.13 -61.54 3.11
CA ARG C 100 4.43 -62.91 3.47
C ARG C 100 4.96 -63.67 2.25
N SER C 101 4.43 -63.37 1.07
CA SER C 101 4.82 -64.07 -0.15
C SER C 101 6.19 -63.64 -0.70
N ASP C 102 6.73 -62.53 -0.23
CA ASP C 102 8.09 -62.13 -0.57
C ASP C 102 9.10 -62.92 0.28
N GLU C 103 9.68 -63.96 -0.33
CA GLU C 103 10.46 -64.99 0.36
C GLU C 103 11.63 -64.46 1.23
N LYS C 104 12.55 -63.77 0.59
CA LYS C 104 13.67 -63.17 1.30
C LYS C 104 13.21 -62.14 2.34
N GLU C 105 12.30 -61.25 1.95
CA GLU C 105 11.85 -60.23 2.88
C GLU C 105 11.10 -60.84 4.07
N ALA C 106 10.30 -61.86 3.79
CA ALA C 106 9.50 -62.49 4.84
C ALA C 106 10.36 -63.31 5.80
N ALA C 107 11.62 -63.55 5.45
CA ALA C 107 12.48 -64.33 6.33
C ALA C 107 13.36 -63.43 7.22
N THR C 108 13.27 -62.11 7.02
CA THR C 108 14.09 -61.17 7.76
C THR C 108 13.92 -61.35 9.26
N GLU C 109 15.04 -61.47 9.98
CA GLU C 109 15.02 -61.65 11.43
C GLU C 109 15.71 -60.48 12.12
N ILE C 110 15.31 -60.20 13.36
CA ILE C 110 15.97 -59.19 14.15
C ILE C 110 17.38 -59.66 14.51
N GLN C 111 18.35 -58.78 14.32
CA GLN C 111 19.74 -59.03 14.71
C GLN C 111 20.03 -58.58 16.14
N PRO C 112 20.97 -59.25 16.82
CA PRO C 112 21.30 -58.84 18.19
C PRO C 112 21.77 -57.38 18.19
N GLY C 113 21.27 -56.58 19.12
CA GLY C 113 21.71 -55.21 19.27
C GLY C 113 21.17 -54.26 18.22
N GLU C 114 20.21 -54.73 17.42
CA GLU C 114 19.69 -53.93 16.32
C GLU C 114 18.74 -52.84 16.82
N PRO C 115 18.95 -51.59 16.37
CA PRO C 115 18.03 -50.47 16.63
C PRO C 115 16.76 -50.67 15.81
N ILE C 116 15.71 -51.16 16.45
CA ILE C 116 14.47 -51.47 15.74
C ILE C 116 13.41 -50.39 15.91
N LYS C 117 12.87 -49.88 14.80
CA LYS C 117 11.77 -48.92 14.85
C LYS C 117 10.40 -49.60 14.86
N ILE C 118 9.58 -49.31 15.88
CA ILE C 118 8.23 -49.85 15.96
C ILE C 118 7.21 -48.72 15.86
N GLN C 119 6.50 -48.66 14.74
CA GLN C 119 5.54 -47.60 14.48
C GLN C 119 4.20 -48.25 14.17
N LEU C 120 3.14 -47.71 14.78
CA LEU C 120 1.78 -48.23 14.60
C LEU C 120 0.80 -47.24 15.21
N GLY C 121 -0.49 -47.51 15.09
CA GLY C 121 -1.46 -46.56 15.60
C GLY C 121 -2.91 -46.96 15.44
N ALA C 122 -3.72 -46.49 16.38
CA ALA C 122 -5.14 -46.71 16.30
C ALA C 122 -5.83 -45.39 15.95
N GLN C 123 -7.11 -45.49 15.64
CA GLN C 123 -7.90 -44.34 15.23
C GLN C 123 -9.34 -44.56 15.67
N ILE C 124 -9.98 -43.50 16.16
CA ILE C 124 -11.38 -43.56 16.57
C ILE C 124 -12.17 -42.38 16.04
N ASP C 125 -13.25 -42.69 15.33
CA ASP C 125 -14.09 -41.69 14.68
C ASP C 125 -13.27 -40.73 13.81
N GLY C 126 -12.24 -41.24 13.18
CA GLY C 126 -11.38 -40.44 12.30
C GLY C 126 -10.25 -39.74 13.03
N TYR C 127 -10.21 -39.89 14.35
CA TYR C 127 -9.22 -39.23 15.18
C TYR C 127 -8.11 -40.19 15.53
N GLY C 128 -6.96 -39.99 14.89
CA GLY C 128 -5.88 -40.94 14.94
C GLY C 128 -4.74 -40.55 15.84
N THR C 129 -4.09 -41.56 16.41
CA THR C 129 -2.81 -41.34 17.04
C THR C 129 -1.79 -42.31 16.45
N ILE C 130 -0.64 -41.81 16.05
CA ILE C 130 0.42 -42.68 15.53
C ILE C 130 1.62 -42.63 16.47
N VAL C 131 2.25 -43.77 16.71
CA VAL C 131 3.36 -43.84 17.65
C VAL C 131 4.56 -44.56 17.06
N CYS C 132 5.76 -44.12 17.43
CA CYS C 132 6.96 -44.82 17.04
C CYS C 132 8.00 -44.74 18.14
N ASP C 133 8.45 -45.92 18.56
CA ASP C 133 9.59 -46.02 19.46
C ASP C 133 10.73 -46.74 18.75
N THR C 134 11.95 -46.48 19.19
CA THR C 134 13.11 -47.24 18.74
C THR C 134 13.73 -47.96 19.93
N ILE C 135 13.96 -49.26 19.79
CA ILE C 135 14.53 -50.05 20.86
C ILE C 135 15.79 -50.75 20.38
N VAL C 136 16.58 -51.25 21.32
CA VAL C 136 17.75 -52.05 21.00
C VAL C 136 17.36 -53.49 21.28
N ALA C 137 17.34 -54.31 20.24
CA ALA C 137 16.95 -55.71 20.35
C ALA C 137 17.94 -56.47 21.21
N LYS C 138 17.40 -57.18 22.19
CA LYS C 138 18.20 -57.99 23.10
C LYS C 138 17.30 -59.05 23.73
N ASN C 139 17.92 -60.04 24.38
CA ASN C 139 17.16 -61.03 25.14
C ASN C 139 16.88 -60.53 26.55
N ALA C 140 15.91 -61.15 27.23
CA ALA C 140 15.58 -60.77 28.60
C ALA C 140 16.79 -60.92 29.52
N ASN C 141 17.64 -61.89 29.21
CA ASN C 141 18.86 -62.10 29.99
C ASN C 141 19.87 -60.98 29.79
N ASP C 142 19.95 -60.49 28.56
CA ASP C 142 20.89 -59.42 28.21
C ASP C 142 20.65 -58.16 29.05
N PRO C 143 21.73 -57.56 29.56
CA PRO C 143 21.71 -56.31 30.32
C PRO C 143 21.30 -55.16 29.41
N ASP C 144 20.70 -54.12 29.95
CA ASP C 144 20.10 -53.13 29.07
C ASP C 144 20.73 -51.73 29.12
N VAL C 145 22.05 -51.67 29.07
CA VAL C 145 22.70 -50.40 28.77
C VAL C 145 22.87 -50.23 27.25
N ILE C 146 22.77 -48.98 26.81
CA ILE C 146 23.05 -48.61 25.44
C ILE C 146 24.25 -47.70 25.55
N GLU C 147 25.30 -48.02 24.80
CA GLU C 147 26.59 -47.41 25.00
C GLU C 147 27.21 -46.92 23.70
N GLY C 148 28.24 -46.09 23.82
CA GLY C 148 29.01 -45.63 22.69
C GLY C 148 28.20 -44.95 21.60
N ARG C 149 28.53 -45.24 20.35
CA ARG C 149 27.87 -44.59 19.21
C ARG C 149 26.38 -44.89 19.18
N GLN C 150 25.97 -46.02 19.75
CA GLN C 150 24.55 -46.29 19.75
C GLN C 150 23.87 -45.37 20.76
N ALA C 151 24.53 -45.17 21.90
CA ALA C 151 24.07 -44.21 22.89
C ALA C 151 23.97 -42.82 22.27
N ASP C 152 24.98 -42.45 21.47
CA ASP C 152 24.93 -41.17 20.77
C ASP C 152 23.69 -41.08 19.86
N LEU C 153 23.47 -42.11 19.06
CA LEU C 153 22.38 -42.10 18.10
C LEU C 153 21.09 -41.89 18.84
N PHE C 154 20.89 -42.64 19.91
CA PHE C 154 19.63 -42.61 20.65
C PHE C 154 19.42 -41.28 21.39
N LEU C 155 20.47 -40.74 22.00
CA LEU C 155 20.34 -39.51 22.74
C LEU C 155 20.15 -38.31 21.80
N ALA C 156 20.81 -38.36 20.64
CA ALA C 156 20.58 -37.35 19.61
C ALA C 156 19.11 -37.29 19.27
N THR C 157 18.50 -38.46 19.08
CA THR C 157 17.08 -38.52 18.73
C THR C 157 16.21 -38.02 19.88
N TYR C 158 16.53 -38.45 21.10
CA TYR C 158 15.75 -38.10 22.27
C TYR C 158 15.75 -36.58 22.48
N TYR C 159 16.93 -35.97 22.42
CA TYR C 159 17.08 -34.54 22.61
C TYR C 159 16.58 -33.71 21.43
N ALA C 160 16.64 -34.27 20.22
CA ALA C 160 16.03 -33.61 19.06
C ALA C 160 14.54 -33.47 19.30
N ASN C 161 13.93 -34.56 19.75
CA ASN C 161 12.51 -34.55 20.03
C ASN C 161 12.19 -33.50 21.08
N GLU C 162 12.86 -33.57 22.24
CA GLU C 162 12.63 -32.65 23.35
C GLU C 162 12.75 -31.19 22.93
N VAL C 163 13.75 -30.88 22.12
CA VAL C 163 13.89 -29.53 21.55
C VAL C 163 12.74 -29.18 20.57
N LEU C 164 12.44 -30.09 19.65
CA LEU C 164 11.38 -29.86 18.67
C LEU C 164 10.02 -29.56 19.33
N LEU C 165 9.64 -30.36 20.31
CA LEU C 165 8.38 -30.14 21.01
C LEU C 165 8.35 -28.76 21.64
N ARG C 166 9.42 -28.40 22.33
CA ARG C 166 9.49 -27.10 22.95
C ARG C 166 9.39 -25.95 21.93
N LEU C 167 10.05 -26.11 20.78
CA LEU C 167 9.97 -25.12 19.72
C LEU C 167 8.56 -25.00 19.16
N MET C 168 7.74 -26.02 19.39
CA MET C 168 6.37 -26.05 18.89
C MET C 168 5.37 -25.31 19.80
N VAL C 169 5.76 -25.01 21.04
CA VAL C 169 4.83 -24.32 21.94
C VAL C 169 4.61 -22.89 21.45
N PRO C 170 3.37 -22.55 21.09
CA PRO C 170 3.10 -21.17 20.64
C PRO C 170 3.67 -20.15 21.63
N PRO C 171 4.38 -19.13 21.14
CA PRO C 171 4.94 -18.11 22.01
C PRO C 171 3.86 -17.55 22.92
N GLY C 172 4.17 -17.40 24.20
CA GLY C 172 3.26 -16.82 25.17
C GLY C 172 2.26 -17.78 25.76
N LEU C 173 2.17 -19.00 25.23
CA LEU C 173 1.16 -19.94 25.71
C LEU C 173 1.36 -20.31 27.18
N LEU C 174 2.61 -20.33 27.64
CA LEU C 174 2.91 -20.81 28.98
C LEU C 174 3.53 -19.75 29.90
N ALA C 175 3.55 -18.50 29.47
CA ALA C 175 4.08 -17.44 30.32
C ALA C 175 3.22 -17.30 31.58
N THR C 176 3.87 -16.98 32.70
CA THR C 176 3.15 -16.78 33.95
C THR C 176 3.28 -15.33 34.39
N GLY C 177 2.49 -14.93 35.37
CA GLY C 177 2.62 -13.61 35.95
C GLY C 177 1.69 -12.53 35.40
N THR C 178 2.19 -11.30 35.36
CA THR C 178 1.38 -10.13 35.03
C THR C 178 0.98 -10.01 33.58
N ASP C 179 0.00 -9.14 33.31
CA ASP C 179 -0.37 -8.73 31.96
C ASP C 179 0.87 -8.33 31.16
N GLU C 180 1.75 -7.52 31.77
CA GLU C 180 2.98 -7.12 31.09
C GLU C 180 3.83 -8.33 30.74
N GLU C 181 3.98 -9.24 31.67
CA GLU C 181 4.80 -10.44 31.44
C GLU C 181 4.20 -11.32 30.34
N LYS C 182 2.90 -11.52 30.37
CA LYS C 182 2.22 -12.31 29.33
C LYS C 182 2.27 -11.63 27.96
N ALA C 183 2.20 -10.30 27.92
CA ALA C 183 2.27 -9.55 26.67
C ALA C 183 3.64 -9.66 26.04
N LYS C 184 4.67 -9.64 26.88
CA LYS C 184 6.04 -9.68 26.40
C LYS C 184 6.36 -11.03 25.77
N ALA C 185 5.94 -12.11 26.45
CA ALA C 185 6.10 -13.46 25.93
C ALA C 185 5.35 -13.63 24.61
N ALA C 186 4.12 -13.13 24.53
CA ALA C 186 3.31 -13.30 23.32
C ALA C 186 3.83 -12.50 22.11
N ALA C 187 4.77 -11.60 22.35
CA ALA C 187 5.33 -10.81 21.25
C ALA C 187 6.51 -11.54 20.60
N VAL C 188 7.02 -12.58 21.25
CA VAL C 188 8.06 -13.39 20.65
C VAL C 188 7.59 -14.11 19.39
N LYS C 189 8.33 -13.97 18.30
CA LYS C 189 7.97 -14.62 17.05
C LYS C 189 8.30 -16.10 17.12
N PRO C 190 7.40 -16.93 16.59
CA PRO C 190 7.67 -18.38 16.57
C PRO C 190 8.87 -18.66 15.67
N PRO C 191 9.61 -19.74 15.95
CA PRO C 191 10.81 -20.04 15.16
C PRO C 191 10.46 -20.32 13.70
N SER C 192 11.27 -19.83 12.78
CA SER C 192 11.16 -20.24 11.38
C SER C 192 11.51 -21.73 11.27
N GLN C 193 11.10 -22.34 10.16
CA GLN C 193 11.43 -23.74 9.94
C GLN C 193 12.94 -23.95 9.71
N ALA C 194 13.60 -22.96 9.10
CA ALA C 194 15.04 -22.98 8.96
C ALA C 194 15.73 -22.94 10.32
N LYS C 195 15.16 -22.17 11.24
CA LYS C 195 15.70 -22.08 12.59
C LYS C 195 15.49 -23.40 13.32
N ILE C 196 14.33 -24.00 13.09
CA ILE C 196 14.04 -25.28 13.70
C ILE C 196 15.06 -26.32 13.24
N SER C 197 15.23 -26.42 11.91
CA SER C 197 16.16 -27.39 11.32
C SER C 197 17.57 -27.19 11.84
N SER C 198 18.02 -25.93 11.86
CA SER C 198 19.39 -25.67 12.28
C SER C 198 19.59 -25.97 13.75
N LEU C 199 18.55 -25.81 14.58
CA LEU C 199 18.72 -26.14 16.00
C LEU C 199 18.78 -27.66 16.20
N LEU C 200 17.97 -28.39 15.45
CA LEU C 200 17.96 -29.83 15.57
C LEU C 200 19.24 -30.46 15.02
N GLU C 201 19.75 -29.89 13.92
CA GLU C 201 21.05 -30.31 13.37
C GLU C 201 22.19 -30.05 14.35
N LYS C 202 22.10 -28.97 15.12
CA LYS C 202 23.09 -28.78 16.19
C LYS C 202 22.93 -29.84 17.27
N VAL C 203 21.72 -30.21 17.60
CA VAL C 203 21.57 -31.25 18.60
C VAL C 203 22.29 -32.53 18.13
N ALA C 204 21.91 -33.02 16.95
CA ALA C 204 22.50 -34.26 16.44
C ALA C 204 24.02 -34.20 16.35
N LYS C 205 24.54 -33.09 15.84
CA LYS C 205 25.98 -32.88 15.74
C LYS C 205 26.69 -32.97 17.08
N ALA C 206 25.98 -32.68 18.17
CA ALA C 206 26.61 -32.80 19.48
C ALA C 206 27.01 -34.25 19.68
N TYR C 207 26.24 -35.14 19.07
CA TYR C 207 26.49 -36.55 19.20
C TYR C 207 27.10 -37.17 17.93
N ASP C 208 27.75 -36.35 17.09
CA ASP C 208 28.27 -36.81 15.78
C ASP C 208 27.25 -37.65 14.98
N CYS C 209 26.00 -37.26 15.04
CA CYS C 209 24.97 -37.86 14.21
C CYS C 209 24.38 -36.81 13.30
N ASN C 210 23.44 -37.23 12.48
CA ASN C 210 22.78 -36.30 11.59
C ASN C 210 21.28 -36.50 11.61
N ILE C 211 20.56 -35.40 11.40
CA ILE C 211 19.14 -35.46 11.21
C ILE C 211 18.83 -36.12 9.87
N ILE C 212 17.88 -37.04 9.86
CA ILE C 212 17.47 -37.65 8.60
C ILE C 212 16.77 -36.61 7.74
N GLU C 213 17.22 -36.45 6.51
CA GLU C 213 16.70 -35.37 5.67
C GLU C 213 15.18 -35.48 5.44
N SER C 214 14.51 -34.33 5.44
CA SER C 214 13.06 -34.25 5.20
C SER C 214 12.22 -35.03 6.20
N THR C 215 12.70 -35.23 7.42
CA THR C 215 11.85 -35.88 8.42
C THR C 215 10.68 -34.95 8.68
N THR C 216 9.45 -35.47 8.59
CA THR C 216 8.26 -34.61 8.57
C THR C 216 7.28 -34.82 9.71
N SER C 217 6.89 -33.73 10.36
CA SER C 217 5.80 -33.74 11.33
C SER C 217 4.56 -33.15 10.65
N TRP C 218 3.43 -33.81 10.84
CA TRP C 218 2.18 -33.43 10.18
C TRP C 218 1.09 -33.03 11.16
N LEU C 219 0.32 -32.01 10.79
CA LEU C 219 -0.93 -31.72 11.50
C LEU C 219 -1.90 -32.86 11.22
N PHE C 220 -2.58 -33.32 12.26
CA PHE C 220 -3.65 -34.28 12.11
C PHE C 220 -5.00 -33.56 12.08
N ASP C 221 -6.01 -34.26 11.56
CA ASP C 221 -7.39 -33.80 11.64
C ASP C 221 -8.24 -35.03 11.40
N LYS C 222 -9.55 -34.91 11.56
CA LYS C 222 -10.46 -36.04 11.34
C LYS C 222 -10.17 -36.69 9.98
N ASN C 223 -9.96 -38.01 10.00
CA ASN C 223 -9.63 -38.78 8.80
C ASN C 223 -8.43 -38.25 8.03
N GLU C 224 -7.46 -37.68 8.73
CA GLU C 224 -6.31 -37.11 8.07
C GLU C 224 -5.04 -37.13 8.93
N ILE C 225 -4.01 -37.85 8.48
CA ILE C 225 -2.76 -37.88 9.24
C ILE C 225 -1.66 -37.11 8.55
N GLU C 226 -2.02 -36.50 7.41
CA GLU C 226 -1.13 -35.59 6.69
C GLU C 226 -1.86 -34.31 6.36
N GLY C 227 -2.20 -33.54 7.38
CA GLY C 227 -3.04 -32.37 7.21
C GLY C 227 -2.35 -31.16 6.61
N LYS C 228 -2.86 -29.99 6.96
CA LYS C 228 -2.62 -28.75 6.23
C LYS C 228 -1.42 -27.96 6.74
N LYS C 229 -0.83 -28.39 7.84
CA LYS C 229 0.45 -27.83 8.26
C LYS C 229 1.48 -28.95 8.30
N LYS C 230 2.74 -28.61 8.06
CA LYS C 230 3.81 -29.58 8.25
C LYS C 230 5.13 -28.91 8.60
N ILE C 231 5.96 -29.66 9.31
CA ILE C 231 7.30 -29.22 9.63
C ILE C 231 8.28 -30.23 9.06
N ILE C 232 9.16 -29.75 8.18
CA ILE C 232 10.13 -30.64 7.53
C ILE C 232 11.54 -30.32 8.02
N LEU C 233 12.17 -31.27 8.71
CA LEU C 233 13.52 -31.02 9.20
C LEU C 233 14.52 -31.20 8.06
N SER C 234 15.57 -30.39 8.01
CA SER C 234 16.62 -30.54 6.99
C SER C 234 16.12 -30.93 5.61
N PRO C 235 15.31 -30.07 4.98
CA PRO C 235 14.87 -30.42 3.62
C PRO C 235 16.03 -30.39 2.63
N GLY C 236 17.02 -29.56 2.91
CA GLY C 236 18.11 -29.35 1.99
C GLY C 236 17.69 -28.44 0.86
N GLU C 237 17.60 -29.01 -0.34
CA GLU C 237 17.17 -28.25 -1.52
C GLU C 237 15.77 -28.65 -1.93
N ASN C 238 15.22 -29.63 -1.22
CA ASN C 238 13.88 -30.12 -1.50
C ASN C 238 12.75 -29.29 -0.89
N ILE C 239 11.56 -29.87 -0.91
CA ILE C 239 10.33 -29.24 -0.41
C ILE C 239 10.46 -28.67 1.01
N LYS C 240 9.99 -27.44 1.22
CA LYS C 240 9.95 -26.85 2.56
C LYS C 240 8.61 -27.08 3.28
N GLY C 241 8.65 -27.08 4.61
CA GLY C 241 7.44 -27.22 5.39
C GLY C 241 6.68 -25.90 5.48
N GLU C 242 5.44 -25.96 5.96
CA GLU C 242 4.64 -24.75 6.07
C GLU C 242 3.57 -24.90 7.16
N GLY C 243 3.42 -23.88 7.99
CA GLY C 243 2.42 -23.91 9.05
C GLY C 243 3.01 -23.75 10.44
N VAL C 244 2.35 -22.95 11.27
CA VAL C 244 2.78 -22.75 12.66
C VAL C 244 1.81 -23.49 13.57
N PRO C 245 2.34 -24.29 14.51
CA PRO C 245 1.47 -25.00 15.45
C PRO C 245 0.64 -24.00 16.25
N GLU C 246 -0.60 -24.35 16.55
CA GLU C 246 -1.50 -23.48 17.31
C GLU C 246 -2.28 -24.28 18.33
N VAL C 247 -2.81 -23.58 19.33
CA VAL C 247 -3.75 -24.19 20.27
C VAL C 247 -4.86 -24.83 19.48
N GLY C 248 -5.19 -26.06 19.81
CA GLY C 248 -6.26 -26.76 19.10
C GLY C 248 -5.73 -27.79 18.10
N ASP C 249 -4.48 -27.63 17.66
CA ASP C 249 -3.87 -28.62 16.76
C ASP C 249 -3.55 -29.95 17.46
N VAL C 250 -3.83 -31.06 16.79
CA VAL C 250 -3.12 -32.29 17.08
C VAL C 250 -2.04 -32.49 16.00
N TRP C 251 -0.84 -32.93 16.41
CA TRP C 251 0.26 -33.19 15.49
C TRP C 251 0.91 -34.57 15.71
N GLY C 252 1.36 -35.18 14.63
CA GLY C 252 2.25 -36.33 14.73
C GLY C 252 3.67 -35.80 14.59
N VAL C 253 4.38 -35.66 15.70
CA VAL C 253 5.70 -35.08 15.67
C VAL C 253 6.73 -36.18 15.45
N GLU C 254 7.49 -36.08 14.36
CA GLU C 254 8.50 -37.08 14.08
C GLU C 254 9.89 -36.48 14.17
N VAL C 255 10.79 -37.23 14.77
CA VAL C 255 12.21 -36.91 14.78
C VAL C 255 13.01 -38.16 14.40
N GLY C 256 14.04 -37.99 13.60
CA GLY C 256 14.90 -39.08 13.22
C GLY C 256 16.35 -38.67 13.07
N CYS C 257 17.24 -39.53 13.54
CA CYS C 257 18.68 -39.30 13.41
C CYS C 257 19.37 -40.52 12.85
N SER C 258 20.59 -40.30 12.38
CA SER C 258 21.36 -41.33 11.71
C SER C 258 22.81 -41.31 12.14
N LEU C 259 23.42 -42.50 12.17
CA LEU C 259 24.86 -42.63 12.35
C LEU C 259 25.59 -42.36 11.03
N GLY C 260 24.84 -42.37 9.93
CA GLY C 260 25.34 -41.97 8.63
C GLY C 260 25.20 -40.47 8.40
N SER C 261 25.15 -40.05 7.15
CA SER C 261 25.18 -38.62 6.83
C SER C 261 23.83 -37.93 6.99
N GLY C 262 22.75 -38.71 7.07
CA GLY C 262 21.41 -38.13 7.10
C GLY C 262 20.79 -38.08 5.71
N LYS C 263 21.60 -38.35 4.69
CA LYS C 263 21.02 -38.55 3.36
C LYS C 263 20.21 -39.85 3.30
N VAL C 264 19.22 -39.88 2.44
CA VAL C 264 18.35 -41.03 2.28
C VAL C 264 18.56 -41.57 0.87
N LYS C 265 18.17 -42.82 0.64
CA LYS C 265 18.20 -43.37 -0.70
C LYS C 265 17.08 -44.38 -0.76
N GLN C 266 16.60 -44.62 -1.97
CA GLN C 266 15.59 -45.64 -2.17
C GLN C 266 16.16 -47.05 -2.01
N PHE C 267 15.50 -47.88 -1.23
CA PHE C 267 15.86 -49.28 -1.08
C PHE C 267 15.17 -50.07 -2.19
N GLU C 268 15.40 -51.37 -2.23
CA GLU C 268 14.84 -52.13 -3.32
C GLU C 268 13.73 -53.06 -2.87
N GLN C 269 13.62 -53.25 -1.55
CA GLN C 269 12.47 -53.94 -0.98
C GLN C 269 11.14 -53.42 -1.55
N ARG C 270 10.14 -54.28 -1.58
CA ARG C 270 8.81 -53.93 -2.09
C ARG C 270 8.07 -52.89 -1.24
N ALA C 271 7.57 -51.85 -1.89
CA ALA C 271 6.71 -50.89 -1.20
C ALA C 271 5.38 -51.56 -0.80
N THR C 272 5.09 -51.64 0.49
CA THR C 272 3.81 -52.19 0.93
C THR C 272 2.97 -51.16 1.67
N LEU C 273 3.59 -50.04 2.06
CA LEU C 273 2.90 -49.01 2.83
C LEU C 273 2.17 -48.07 1.88
N HIS C 274 0.87 -47.93 2.08
CA HIS C 274 0.05 -47.12 1.17
C HIS C 274 -1.05 -46.41 1.91
N ARG C 275 -1.68 -45.42 1.27
CA ARG C 275 -2.92 -44.84 1.79
C ARG C 275 -3.77 -44.28 0.65
N ARG C 276 -5.10 -44.35 0.81
CA ARG C 276 -6.02 -43.78 -0.16
C ARG C 276 -5.89 -42.28 -0.14
N THR C 277 -5.83 -41.69 -1.31
CA THR C 277 -5.92 -40.24 -1.40
C THR C 277 -7.36 -39.81 -1.63
N ASN C 278 -7.53 -38.53 -1.91
CA ASN C 278 -8.85 -38.00 -2.19
C ASN C 278 -9.00 -37.66 -3.66
N ASN C 279 -8.12 -38.24 -4.47
CA ASN C 279 -8.26 -38.13 -5.92
C ASN C 279 -9.21 -39.20 -6.43
N THR C 280 -9.78 -38.95 -7.60
CA THR C 280 -10.69 -39.91 -8.17
C THR C 280 -10.14 -40.36 -9.50
N TYR C 281 -10.61 -41.51 -9.95
CA TYR C 281 -10.09 -42.16 -11.14
C TYR C 281 -11.05 -43.30 -11.43
N ALA C 282 -11.14 -43.70 -12.68
CA ALA C 282 -11.97 -44.84 -13.06
C ALA C 282 -11.07 -46.05 -13.25
N LEU C 283 -11.02 -46.90 -12.24
CA LEU C 283 -10.13 -48.06 -12.30
C LEU C 283 -10.66 -49.07 -13.32
N LYS C 284 -9.76 -49.64 -14.11
CA LYS C 284 -10.13 -50.54 -15.19
C LYS C 284 -9.94 -52.00 -14.81
N ARG C 285 -8.91 -52.28 -14.01
CA ARG C 285 -8.55 -53.66 -13.66
C ARG C 285 -9.37 -54.22 -12.50
N PRO C 286 -9.89 -55.46 -12.68
CA PRO C 286 -10.68 -56.11 -11.63
C PRO C 286 -9.96 -56.14 -10.29
N THR C 287 -8.73 -56.65 -10.23
CA THR C 287 -7.98 -56.59 -8.97
C THR C 287 -7.81 -55.17 -8.42
N SER C 288 -7.64 -54.18 -9.28
CA SER C 288 -7.53 -52.83 -8.78
C SER C 288 -8.84 -52.40 -8.09
N ARG C 289 -10.00 -52.64 -8.73
CA ARG C 289 -11.31 -52.30 -8.12
C ARG C 289 -11.44 -52.97 -6.76
N LYS C 290 -11.17 -54.27 -6.77
CA LYS C 290 -11.35 -55.13 -5.60
C LYS C 290 -10.56 -54.61 -4.40
N ILE C 291 -9.27 -54.37 -4.61
CA ILE C 291 -8.38 -53.84 -3.57
C ILE C 291 -8.84 -52.45 -3.11
N TYR C 292 -9.25 -51.61 -4.06
CA TYR C 292 -9.68 -50.27 -3.69
C TYR C 292 -10.85 -50.31 -2.71
N SER C 293 -11.90 -51.06 -3.04
CA SER C 293 -13.10 -51.18 -2.18
C SER C 293 -12.74 -51.75 -0.82
N GLU C 294 -11.94 -52.80 -0.82
CA GLU C 294 -11.47 -53.42 0.41
C GLU C 294 -10.76 -52.39 1.31
N VAL C 295 -9.83 -51.64 0.73
CA VAL C 295 -9.12 -50.61 1.47
C VAL C 295 -10.08 -49.55 1.99
N GLN C 296 -10.95 -49.06 1.10
CA GLN C 296 -11.84 -47.96 1.44
C GLN C 296 -12.71 -48.36 2.61
N LYS C 297 -13.27 -49.57 2.54
CA LYS C 297 -14.07 -50.11 3.63
C LYS C 297 -13.26 -50.31 4.93
N LYS C 298 -12.12 -50.99 4.87
CA LYS C 298 -11.39 -51.30 6.10
C LYS C 298 -10.57 -50.12 6.70
N PHE C 299 -9.95 -49.33 5.85
CA PHE C 299 -9.00 -48.35 6.37
C PHE C 299 -9.36 -46.88 6.17
N GLY C 300 -10.31 -46.59 5.28
CA GLY C 300 -10.61 -45.21 4.94
C GLY C 300 -9.46 -44.52 4.23
N THR C 301 -9.01 -43.41 4.83
CA THR C 301 -7.90 -42.64 4.30
C THR C 301 -6.62 -42.84 5.11
N PHE C 302 -6.62 -43.80 6.02
CA PHE C 302 -5.47 -44.07 6.88
C PHE C 302 -4.47 -45.05 6.24
N PRO C 303 -3.18 -44.87 6.54
CA PRO C 303 -2.08 -45.74 6.07
C PRO C 303 -2.41 -47.19 6.35
N PHE C 304 -1.97 -48.07 5.44
CA PHE C 304 -2.19 -49.50 5.62
C PHE C 304 -1.08 -50.22 4.86
N SER C 305 -0.92 -51.51 5.12
CA SER C 305 0.07 -52.30 4.42
C SER C 305 -0.59 -53.33 3.53
N LEU C 306 -0.02 -53.56 2.35
CA LEU C 306 -0.54 -54.56 1.43
C LEU C 306 -0.70 -55.92 2.11
N ARG C 307 0.10 -56.17 3.15
CA ARG C 307 0.07 -57.47 3.81
C ARG C 307 -1.21 -57.65 4.64
N GLN C 308 -1.86 -56.54 4.98
CA GLN C 308 -3.11 -56.63 5.73
C GLN C 308 -4.28 -57.10 4.86
N LEU C 309 -4.18 -56.91 3.55
CA LEU C 309 -5.23 -57.33 2.62
C LEU C 309 -5.45 -58.85 2.60
N GLU C 310 -6.55 -59.27 2.00
CA GLU C 310 -6.98 -60.66 2.07
C GLU C 310 -6.17 -61.58 1.18
N ASP C 311 -5.78 -61.08 0.01
CA ASP C 311 -5.04 -61.88 -0.97
C ASP C 311 -3.83 -61.13 -1.51
N GLU C 312 -2.64 -61.63 -1.21
CA GLU C 312 -1.41 -60.94 -1.57
C GLU C 312 -1.23 -60.83 -3.08
N ARG C 313 -1.66 -61.86 -3.81
CA ARG C 313 -1.59 -61.81 -5.27
C ARG C 313 -2.49 -60.74 -5.87
N ASP C 314 -3.69 -60.56 -5.30
CA ASP C 314 -4.61 -59.52 -5.75
C ASP C 314 -4.08 -58.15 -5.33
N ALA C 315 -3.51 -58.09 -4.13
CA ALA C 315 -2.88 -56.88 -3.62
C ALA C 315 -1.77 -56.39 -4.55
N LYS C 316 -0.84 -57.28 -4.88
CA LYS C 316 0.25 -56.93 -5.79
C LYS C 316 -0.28 -56.58 -7.18
N SER C 317 -1.22 -57.38 -7.66
CA SER C 317 -1.82 -57.12 -8.97
C SER C 317 -2.59 -55.79 -9.00
N GLY C 318 -3.34 -55.52 -7.94
CA GLY C 318 -4.25 -54.37 -7.91
C GLY C 318 -3.62 -53.03 -7.58
N VAL C 319 -2.52 -53.06 -6.82
CA VAL C 319 -1.87 -51.83 -6.37
C VAL C 319 -1.29 -51.04 -7.52
N ILE C 320 -0.87 -51.74 -8.57
CA ILE C 320 -0.24 -51.11 -9.71
C ILE C 320 -1.06 -49.94 -10.23
N GLU C 321 -2.33 -50.19 -10.55
CA GLU C 321 -3.16 -49.16 -11.18
C GLU C 321 -3.63 -48.12 -10.18
N CYS C 322 -3.86 -48.53 -8.95
CA CYS C 322 -4.24 -47.59 -7.90
C CYS C 322 -3.16 -46.52 -7.66
N VAL C 323 -1.89 -46.94 -7.66
CA VAL C 323 -0.80 -45.98 -7.46
C VAL C 323 -0.62 -45.09 -8.68
N ARG C 324 -0.51 -45.72 -9.85
CA ARG C 324 -0.37 -44.99 -11.10
C ARG C 324 -1.56 -44.04 -11.34
N GLY C 325 -2.75 -44.45 -10.92
CA GLY C 325 -3.94 -43.64 -11.09
C GLY C 325 -4.04 -42.54 -10.06
N GLY C 326 -3.17 -42.60 -9.07
CA GLY C 326 -3.10 -41.57 -8.04
C GLY C 326 -4.19 -41.64 -6.99
N VAL C 327 -4.84 -42.79 -6.86
CA VAL C 327 -5.85 -42.97 -5.82
C VAL C 327 -5.27 -43.67 -4.58
N PHE C 328 -4.16 -44.37 -4.76
CA PHE C 328 -3.29 -44.76 -3.65
C PHE C 328 -2.04 -43.88 -3.65
N ARG C 329 -1.56 -43.50 -2.48
CA ARG C 329 -0.21 -42.99 -2.38
C ARG C 329 0.68 -44.14 -1.93
N GLN C 330 1.83 -44.26 -2.58
CA GLN C 330 2.79 -45.30 -2.24
C GLN C 330 3.90 -44.68 -1.38
N TYR C 331 4.19 -45.30 -0.25
CA TYR C 331 5.38 -44.92 0.52
C TYR C 331 6.56 -45.80 0.12
N GLU C 332 7.40 -45.28 -0.76
CA GLU C 332 8.61 -45.98 -1.19
C GLU C 332 9.44 -46.39 0.01
N VAL C 333 10.07 -47.56 -0.11
CA VAL C 333 11.02 -48.01 0.88
C VAL C 333 12.28 -47.17 0.72
N THR C 334 12.62 -46.43 1.77
CA THR C 334 13.86 -45.67 1.77
C THR C 334 14.64 -46.00 3.03
N GLY C 335 15.93 -45.72 3.00
CA GLY C 335 16.76 -45.92 4.15
C GLY C 335 18.04 -45.11 4.10
N ASP C 336 18.86 -45.25 5.13
CA ASP C 336 20.08 -44.48 5.22
C ASP C 336 20.98 -44.74 4.03
N LYS C 337 21.42 -43.66 3.40
CA LYS C 337 22.24 -43.75 2.21
C LYS C 337 23.60 -44.41 2.48
N ASP C 338 24.13 -44.25 3.69
CA ASP C 338 25.39 -44.89 4.06
C ASP C 338 25.16 -46.24 4.73
N ASN C 339 23.93 -46.76 4.58
CA ASN C 339 23.59 -48.07 5.16
C ASN C 339 23.80 -48.11 6.68
N ALA C 340 23.87 -46.93 7.30
CA ALA C 340 24.08 -46.80 8.73
C ALA C 340 22.77 -46.88 9.49
N PRO C 341 22.82 -47.26 10.78
CA PRO C 341 21.60 -47.39 11.58
C PRO C 341 20.94 -46.03 11.83
N VAL C 342 19.62 -46.02 11.99
CA VAL C 342 18.88 -44.81 12.29
C VAL C 342 17.93 -45.02 13.45
N CYS C 343 17.57 -43.90 14.08
CA CYS C 343 16.71 -43.89 15.24
C CYS C 343 15.56 -42.88 14.98
N ARG C 344 14.33 -43.30 15.25
CA ARG C 344 13.19 -42.43 15.02
C ARG C 344 12.24 -42.46 16.23
N LEU C 345 11.64 -41.31 16.52
CA LEU C 345 10.55 -41.20 17.49
C LEU C 345 9.39 -40.47 16.84
N LEU C 346 8.17 -40.94 17.11
CA LEU C 346 6.99 -40.23 16.63
C LEU C 346 6.02 -40.16 17.79
N THR C 347 5.59 -38.94 18.09
CA THR C 347 4.70 -38.73 19.20
C THR C 347 3.52 -37.89 18.72
N THR C 348 2.31 -38.38 18.97
CA THR C 348 1.13 -37.63 18.65
C THR C 348 0.85 -36.70 19.82
N ILE C 349 0.73 -35.41 19.54
CA ILE C 349 0.54 -34.43 20.59
C ILE C 349 -0.73 -33.60 20.42
N ALA C 350 -1.16 -32.99 21.53
CA ALA C 350 -2.24 -32.02 21.52
C ALA C 350 -1.71 -30.71 22.05
N ILE C 351 -2.01 -29.61 21.35
CA ILE C 351 -1.66 -28.30 21.86
C ILE C 351 -2.91 -27.71 22.49
N THR C 352 -2.89 -27.54 23.82
CA THR C 352 -4.04 -27.01 24.53
C THR C 352 -3.63 -25.76 25.32
N LYS C 353 -4.58 -25.20 26.08
CA LYS C 353 -4.26 -24.05 26.94
C LYS C 353 -3.34 -24.46 28.08
N ASN C 354 -3.19 -25.76 28.28
CA ASN C 354 -2.22 -26.27 29.25
C ASN C 354 -0.86 -26.48 28.63
N GLY C 355 -0.76 -26.26 27.32
CA GLY C 355 0.49 -26.42 26.61
C GLY C 355 0.51 -27.63 25.69
N ILE C 356 1.66 -28.28 25.58
CA ILE C 356 1.78 -29.48 24.77
C ILE C 356 1.54 -30.73 25.61
N THR C 357 0.47 -31.44 25.31
CA THR C 357 0.23 -32.75 25.91
C THR C 357 0.66 -33.86 24.96
N ARG C 358 1.47 -34.79 25.47
CA ARG C 358 1.88 -35.97 24.70
C ARG C 358 0.75 -37.00 24.76
N ILE C 359 -0.10 -37.01 23.74
CA ILE C 359 -1.29 -37.84 23.74
C ILE C 359 -0.95 -39.34 23.65
N GLY C 360 -0.35 -39.72 22.53
CA GLY C 360 0.16 -41.07 22.34
C GLY C 360 1.60 -40.96 21.88
N GLY C 361 2.48 -41.77 22.46
CA GLY C 361 3.88 -41.72 22.09
C GLY C 361 4.67 -42.88 22.67
N PRO C 362 5.99 -42.89 22.44
CA PRO C 362 6.83 -43.94 23.04
C PRO C 362 6.90 -43.80 24.56
N PRO C 363 7.14 -44.91 25.27
CA PRO C 363 7.32 -44.81 26.73
C PRO C 363 8.53 -43.96 27.05
N ALA C 364 8.51 -43.27 28.18
CA ALA C 364 9.60 -42.37 28.52
C ALA C 364 10.91 -43.15 28.65
N TRP C 365 11.91 -42.72 27.90
CA TRP C 365 13.21 -43.34 27.96
C TRP C 365 13.91 -43.06 29.30
N ASP C 366 14.42 -44.12 29.92
CA ASP C 366 15.22 -44.00 31.14
C ASP C 366 16.66 -43.64 30.77
N LEU C 367 17.05 -42.40 31.03
CA LEU C 367 18.35 -41.87 30.62
C LEU C 367 19.55 -42.52 31.31
N SER C 368 19.33 -43.13 32.47
CA SER C 368 20.41 -43.77 33.18
C SER C 368 20.93 -44.97 32.38
N LYS C 369 20.13 -45.46 31.44
CA LYS C 369 20.52 -46.64 30.67
C LYS C 369 21.51 -46.34 29.54
N PHE C 370 21.78 -45.07 29.28
CA PHE C 370 22.70 -44.67 28.21
C PHE C 370 24.09 -44.32 28.72
N LYS C 371 25.12 -44.80 28.03
CA LYS C 371 26.48 -44.47 28.46
C LYS C 371 27.32 -43.99 27.29
N THR C 372 27.67 -42.71 27.35
CA THR C 372 28.54 -42.09 26.37
C THR C 372 29.16 -40.87 27.00
N ASP C 373 30.36 -40.49 26.59
CA ASP C 373 30.97 -39.28 27.12
C ASP C 373 30.55 -38.01 26.36
N LYS C 374 29.75 -38.17 25.31
CA LYS C 374 29.23 -37.02 24.57
C LYS C 374 28.02 -36.38 25.27
N LYS C 375 27.82 -35.08 25.05
CA LYS C 375 26.69 -34.34 25.63
C LYS C 375 26.50 -32.99 24.93
N ILE C 376 25.30 -32.44 25.03
CA ILE C 376 25.05 -31.13 24.47
C ILE C 376 25.67 -30.06 25.35
N GLU C 377 26.40 -29.13 24.73
CA GLU C 377 26.99 -28.03 25.49
C GLU C 377 26.64 -26.65 24.97
N ASP C 378 25.95 -26.60 23.84
CA ASP C 378 25.50 -25.35 23.26
C ASP C 378 24.52 -24.63 24.17
N GLU C 379 24.87 -23.40 24.53
CA GLU C 379 24.04 -22.60 25.43
C GLU C 379 22.59 -22.45 24.93
N GLU C 380 22.40 -22.05 23.68
CA GLU C 380 21.05 -21.81 23.18
C GLU C 380 20.14 -23.03 23.35
N ILE C 381 20.66 -24.21 23.00
CA ILE C 381 19.88 -25.45 23.09
C ILE C 381 19.61 -25.83 24.53
N LEU C 382 20.63 -25.71 25.38
CA LEU C 382 20.50 -25.97 26.82
C LEU C 382 19.42 -25.10 27.45
N LYS C 383 19.34 -23.85 27.00
CA LYS C 383 18.28 -22.97 27.50
C LYS C 383 16.92 -23.44 27.01
N ILE C 384 16.82 -23.76 25.72
CA ILE C 384 15.56 -24.28 25.19
C ILE C 384 15.06 -25.50 25.96
N LEU C 385 16.00 -26.37 26.32
CA LEU C 385 15.65 -27.62 27.03
C LEU C 385 15.13 -27.39 28.43
N GLU C 386 15.34 -26.17 28.94
CA GLU C 386 14.88 -25.81 30.27
C GLU C 386 13.43 -25.32 30.25
N GLN C 387 12.98 -24.80 29.11
CA GLN C 387 11.59 -24.39 28.95
C GLN C 387 10.62 -25.51 29.28
N PRO C 388 9.45 -25.18 29.83
CA PRO C 388 8.45 -26.19 30.18
C PRO C 388 7.69 -26.62 28.94
N LEU C 389 7.00 -27.75 29.01
CA LEU C 389 6.17 -28.20 27.88
C LEU C 389 4.69 -27.98 28.11
N SER C 390 4.24 -28.18 29.34
CA SER C 390 2.83 -27.99 29.65
C SER C 390 2.59 -27.64 31.12
N LYS C 391 1.33 -27.40 31.47
CA LYS C 391 0.91 -27.03 32.82
C LYS C 391 1.48 -25.68 33.23
N ALA D 20 31.55 17.55 -11.21
CA ALA D 20 31.67 17.24 -9.77
C ALA D 20 30.77 16.08 -9.39
N ILE D 21 31.29 14.89 -9.66
CA ILE D 21 30.54 13.66 -9.51
C ILE D 21 31.49 12.75 -8.77
N SER D 22 30.96 11.96 -7.84
CA SER D 22 31.81 11.11 -7.02
C SER D 22 32.52 10.10 -7.91
N VAL D 23 33.66 9.61 -7.42
CA VAL D 23 34.37 8.56 -8.12
C VAL D 23 33.44 7.37 -8.27
N ASP D 24 32.73 7.04 -7.20
CA ASP D 24 31.86 5.88 -7.18
C ASP D 24 30.77 5.96 -8.25
N VAL D 25 30.14 7.13 -8.36
CA VAL D 25 29.08 7.32 -9.32
C VAL D 25 29.67 7.34 -10.73
N LEU D 26 30.73 8.11 -10.90
CA LEU D 26 31.38 8.27 -12.18
C LEU D 26 31.84 6.92 -12.71
N THR D 27 32.34 6.09 -11.80
CA THR D 27 32.87 4.79 -12.17
C THR D 27 31.75 3.79 -12.48
N LYS D 28 30.65 3.91 -11.77
CA LYS D 28 29.47 3.12 -12.10
C LYS D 28 28.96 3.44 -13.50
N TYR D 29 28.89 4.73 -13.86
CA TYR D 29 28.48 5.09 -15.21
C TYR D 29 29.46 4.51 -16.18
N LYS D 30 30.74 4.61 -15.85
CA LYS D 30 31.79 4.15 -16.77
C LYS D 30 31.75 2.63 -17.00
N THR D 31 31.37 1.88 -15.98
CA THR D 31 31.27 0.44 -16.10
C THR D 31 30.13 0.05 -17.07
N ALA D 32 28.98 0.67 -16.88
CA ALA D 32 27.84 0.53 -17.76
C ALA D 32 28.23 0.86 -19.21
N ALA D 33 28.96 1.95 -19.39
CA ALA D 33 29.39 2.38 -20.71
C ALA D 33 30.24 1.35 -21.41
N GLN D 34 31.14 0.69 -20.67
CA GLN D 34 32.05 -0.27 -21.31
C GLN D 34 31.28 -1.50 -21.73
N ILE D 35 30.34 -1.93 -20.91
CA ILE D 35 29.44 -3.00 -21.31
C ILE D 35 28.66 -2.53 -22.54
N SER D 36 28.04 -1.35 -22.46
CA SER D 36 27.23 -0.84 -23.58
C SER D 36 28.02 -0.81 -24.91
N GLU D 37 29.22 -0.23 -24.88
CA GLU D 37 30.03 -0.10 -26.08
C GLU D 37 30.48 -1.45 -26.65
N LYS D 38 30.77 -2.41 -25.77
CA LYS D 38 31.18 -3.71 -26.25
C LYS D 38 30.02 -4.43 -26.98
N VAL D 39 28.85 -4.43 -26.34
CA VAL D 39 27.65 -5.01 -26.96
C VAL D 39 27.28 -4.30 -28.28
N LEU D 40 27.41 -2.97 -28.30
CA LEU D 40 27.19 -2.17 -29.52
C LEU D 40 28.08 -2.72 -30.63
N ALA D 41 29.32 -3.05 -30.29
CA ALA D 41 30.30 -3.52 -31.26
C ALA D 41 29.90 -4.86 -31.86
N GLU D 42 29.53 -5.81 -31.01
CA GLU D 42 29.09 -7.13 -31.49
C GLU D 42 27.76 -7.07 -32.26
N VAL D 43 26.78 -6.35 -31.73
CA VAL D 43 25.51 -6.18 -32.43
C VAL D 43 25.73 -5.56 -33.81
N SER D 44 26.62 -4.59 -33.90
CA SER D 44 26.92 -3.92 -35.16
C SER D 44 27.45 -4.89 -36.20
N LYS D 45 28.29 -5.84 -35.75
CA LYS D 45 28.81 -6.88 -36.63
C LYS D 45 27.70 -7.66 -37.32
N LEU D 46 26.64 -7.93 -36.58
CA LEU D 46 25.53 -8.75 -37.07
C LEU D 46 24.60 -8.00 -38.03
N CYS D 47 24.77 -6.69 -38.17
CA CYS D 47 23.84 -5.92 -39.01
C CYS D 47 24.24 -5.91 -40.48
N VAL D 48 24.20 -7.10 -41.08
CA VAL D 48 24.56 -7.27 -42.48
C VAL D 48 23.30 -7.42 -43.32
N PRO D 49 23.39 -7.15 -44.64
CA PRO D 49 22.18 -7.32 -45.45
C PRO D 49 21.65 -8.74 -45.32
N GLY D 50 20.33 -8.86 -45.21
CA GLY D 50 19.69 -10.16 -45.08
C GLY D 50 19.40 -10.61 -43.66
N ALA D 51 20.10 -10.04 -42.68
CA ALA D 51 19.86 -10.42 -41.28
C ALA D 51 18.48 -10.00 -40.81
N LYS D 52 17.89 -10.79 -39.92
CA LYS D 52 16.60 -10.45 -39.31
C LYS D 52 16.77 -9.54 -38.11
N ILE D 53 16.04 -8.44 -38.12
CA ILE D 53 16.06 -7.48 -37.02
C ILE D 53 15.78 -8.20 -35.72
N ILE D 54 14.80 -9.10 -35.72
CA ILE D 54 14.43 -9.82 -34.51
C ILE D 54 15.59 -10.65 -33.95
N ASP D 55 16.28 -11.42 -34.80
CA ASP D 55 17.39 -12.24 -34.31
C ASP D 55 18.45 -11.35 -33.68
N ILE D 56 18.73 -10.21 -34.32
CA ILE D 56 19.78 -9.33 -33.83
C ILE D 56 19.44 -8.73 -32.46
N CYS D 57 18.18 -8.29 -32.28
CA CYS D 57 17.73 -7.78 -30.99
C CYS D 57 17.79 -8.80 -29.83
N GLU D 58 17.43 -10.06 -30.10
CA GLU D 58 17.47 -11.10 -29.07
C GLU D 58 18.92 -11.41 -28.69
N GLN D 59 19.76 -11.54 -29.71
CA GLN D 59 21.17 -11.83 -29.51
C GLN D 59 21.83 -10.70 -28.73
N GLY D 60 21.52 -9.46 -29.09
CA GLY D 60 22.05 -8.31 -28.39
C GLY D 60 21.70 -8.33 -26.91
N ASP D 61 20.46 -8.69 -26.61
CA ASP D 61 19.96 -8.71 -25.25
C ASP D 61 20.61 -9.85 -24.44
N LYS D 62 20.86 -10.97 -25.11
CA LYS D 62 21.53 -12.11 -24.50
C LYS D 62 22.98 -11.76 -24.23
N LEU D 63 23.64 -11.13 -25.19
CA LEU D 63 24.99 -10.62 -24.96
C LEU D 63 25.04 -9.68 -23.74
N MET D 64 24.10 -8.75 -23.66
CA MET D 64 24.06 -7.79 -22.57
C MET D 64 23.98 -8.46 -21.20
N GLU D 65 23.09 -9.44 -21.10
CA GLU D 65 22.89 -10.16 -19.85
C GLU D 65 24.15 -10.93 -19.46
N GLU D 66 24.86 -11.44 -20.45
CA GLU D 66 26.15 -12.10 -20.22
C GLU D 66 27.17 -11.09 -19.69
N GLU D 67 27.42 -10.02 -20.44
CA GLU D 67 28.30 -8.96 -19.96
C GLU D 67 27.95 -8.53 -18.54
N LEU D 68 26.65 -8.45 -18.22
CA LEU D 68 26.26 -8.01 -16.88
C LEU D 68 26.60 -9.03 -15.79
N SER D 69 26.59 -10.30 -16.14
CA SER D 69 26.91 -11.33 -15.15
C SER D 69 28.41 -11.41 -14.91
N LYS D 70 29.20 -10.79 -15.78
CA LYS D 70 30.64 -10.80 -15.61
C LYS D 70 31.16 -9.72 -14.63
N VAL D 71 30.29 -8.81 -14.19
CA VAL D 71 30.74 -7.71 -13.32
C VAL D 71 29.92 -7.64 -12.06
N TYR D 72 30.49 -7.07 -11.00
CA TYR D 72 29.79 -7.01 -9.71
C TYR D 72 29.28 -8.38 -9.27
N ARG D 73 30.07 -9.41 -9.54
CA ARG D 73 29.65 -10.79 -9.27
C ARG D 73 29.16 -10.99 -7.84
N LYS D 76 26.52 -8.23 -4.70
CA LYS D 76 25.09 -7.94 -4.79
C LYS D 76 24.79 -6.46 -4.96
N THR D 77 24.91 -6.01 -6.20
CA THR D 77 24.65 -4.63 -6.61
C THR D 77 23.56 -4.68 -7.67
N ASN D 78 22.57 -3.78 -7.58
CA ASN D 78 21.57 -3.64 -8.63
C ASN D 78 22.24 -3.33 -9.94
N LYS D 79 21.75 -3.94 -11.02
CA LYS D 79 22.31 -3.76 -12.35
C LYS D 79 21.35 -4.37 -13.38
N GLY D 80 21.54 -3.99 -14.64
CA GLY D 80 20.71 -4.51 -15.72
C GLY D 80 20.72 -3.58 -16.92
N PHE D 81 19.67 -3.69 -17.74
CA PHE D 81 19.51 -2.86 -18.92
C PHE D 81 19.14 -1.43 -18.56
N SER D 82 19.77 -0.48 -19.24
CA SER D 82 19.28 0.89 -19.25
C SER D 82 18.44 1.08 -20.52
N HIS D 83 18.65 0.22 -21.51
CA HIS D 83 17.91 0.28 -22.77
C HIS D 83 18.02 -1.05 -23.54
N PRO D 84 16.89 -1.58 -24.03
CA PRO D 84 16.94 -2.85 -24.75
C PRO D 84 17.71 -2.68 -26.06
N THR D 85 18.25 -3.77 -26.59
CA THR D 85 18.89 -3.77 -27.89
C THR D 85 17.84 -3.45 -28.96
N THR D 86 18.05 -2.36 -29.69
CA THR D 86 17.15 -2.01 -30.76
C THR D 86 17.94 -1.85 -32.04
N VAL D 87 17.33 -2.30 -33.14
CA VAL D 87 17.94 -2.22 -34.45
C VAL D 87 16.92 -1.59 -35.39
N SER D 88 17.16 -0.36 -35.82
CA SER D 88 16.13 0.45 -36.48
C SER D 88 16.41 0.73 -37.95
N PRO D 89 15.47 0.33 -38.83
CA PRO D 89 15.64 0.49 -40.30
C PRO D 89 15.71 1.96 -40.76
N ALA D 90 16.01 2.13 -42.06
CA ALA D 90 16.20 3.42 -42.72
C ALA D 90 15.40 4.58 -42.15
N ALA D 91 14.07 4.47 -42.22
CA ALA D 91 13.18 5.60 -41.90
C ALA D 91 12.62 5.60 -40.48
N PHE D 92 12.95 4.58 -39.70
CA PHE D 92 12.43 4.45 -38.34
C PHE D 92 13.16 5.39 -37.37
N ILE D 93 12.37 6.08 -36.56
CA ILE D 93 12.95 6.97 -35.55
C ILE D 93 12.89 6.33 -34.15
N THR D 94 11.71 5.91 -33.71
CA THR D 94 11.58 5.16 -32.46
C THR D 94 12.50 3.93 -32.51
N PRO D 95 13.30 3.71 -31.45
CA PRO D 95 14.14 2.50 -31.48
C PRO D 95 13.29 1.24 -31.61
N TYR D 96 13.66 0.39 -32.57
CA TYR D 96 12.83 -0.74 -32.99
C TYR D 96 13.23 -2.07 -32.34
N THR D 97 12.23 -2.75 -31.78
CA THR D 97 12.45 -4.03 -31.12
C THR D 97 11.12 -4.83 -31.04
N PRO D 98 10.77 -5.48 -32.15
CA PRO D 98 9.48 -6.13 -32.39
C PRO D 98 9.25 -7.47 -31.65
N LEU D 99 7.98 -7.77 -31.42
CA LEU D 99 7.59 -9.07 -30.90
C LEU D 99 7.91 -10.12 -31.94
N ARG D 100 8.40 -11.27 -31.49
CA ARG D 100 8.62 -12.38 -32.43
C ARG D 100 7.29 -12.86 -33.01
N SER D 101 6.24 -12.85 -32.20
CA SER D 101 4.94 -13.33 -32.65
C SER D 101 4.21 -12.38 -33.60
N ASP D 102 4.74 -11.18 -33.81
CA ASP D 102 4.20 -10.35 -34.88
C ASP D 102 4.81 -10.80 -36.20
N GLU D 103 4.11 -11.75 -36.85
CA GLU D 103 4.58 -12.45 -38.04
C GLU D 103 5.48 -11.62 -38.97
N LYS D 104 4.94 -10.56 -39.54
CA LYS D 104 5.72 -9.81 -40.53
C LYS D 104 6.72 -8.81 -39.96
N GLU D 105 6.48 -8.31 -38.74
CA GLU D 105 7.46 -7.47 -38.08
C GLU D 105 8.69 -8.31 -37.75
N ALA D 106 8.46 -9.53 -37.26
CA ALA D 106 9.57 -10.42 -36.94
C ALA D 106 10.33 -10.88 -38.18
N ALA D 107 9.71 -10.71 -39.35
CA ALA D 107 10.36 -11.12 -40.58
C ALA D 107 11.17 -9.99 -41.22
N THR D 108 11.10 -8.79 -40.63
CA THR D 108 11.82 -7.65 -41.18
C THR D 108 13.31 -7.99 -41.32
N GLU D 109 13.86 -7.69 -42.49
CA GLU D 109 15.26 -7.96 -42.78
C GLU D 109 16.02 -6.69 -43.08
N ILE D 110 17.32 -6.70 -42.80
CA ILE D 110 18.18 -5.58 -43.15
C ILE D 110 18.46 -5.51 -44.65
N GLN D 111 18.24 -4.34 -45.24
CA GLN D 111 18.47 -4.11 -46.66
C GLN D 111 19.89 -3.62 -46.92
N PRO D 112 20.46 -3.98 -48.08
CA PRO D 112 21.82 -3.56 -48.42
C PRO D 112 21.89 -2.03 -48.46
N GLY D 113 22.93 -1.45 -47.87
CA GLY D 113 23.13 0.00 -47.87
C GLY D 113 22.24 0.80 -46.93
N GLU D 114 21.37 0.12 -46.18
CA GLU D 114 20.45 0.79 -45.27
C GLU D 114 21.18 1.42 -44.07
N PRO D 115 20.85 2.67 -43.73
CA PRO D 115 21.34 3.23 -42.46
C PRO D 115 20.56 2.64 -41.26
N ILE D 116 21.26 1.81 -40.48
CA ILE D 116 20.65 1.11 -39.37
C ILE D 116 21.11 1.79 -38.07
N LYS D 117 20.15 2.23 -37.26
CA LYS D 117 20.48 2.77 -35.94
C LYS D 117 20.50 1.62 -34.93
N ILE D 118 21.60 1.53 -34.19
CA ILE D 118 21.74 0.53 -33.12
C ILE D 118 21.80 1.26 -31.78
N GLN D 119 20.81 1.02 -30.94
CA GLN D 119 20.73 1.73 -29.67
C GLN D 119 20.47 0.75 -28.53
N LEU D 120 21.25 0.86 -27.46
CA LEU D 120 21.13 -0.09 -26.34
C LEU D 120 21.88 0.47 -25.17
N GLY D 121 21.83 -0.23 -24.05
CA GLY D 121 22.50 0.29 -22.88
C GLY D 121 22.37 -0.54 -21.64
N ALA D 122 23.40 -0.40 -20.80
CA ALA D 122 23.49 -1.05 -19.51
C ALA D 122 23.35 -0.01 -18.39
N GLN D 123 22.97 -0.45 -17.20
CA GLN D 123 23.04 0.40 -16.01
C GLN D 123 23.66 -0.35 -14.84
N ILE D 124 24.39 0.38 -13.99
CA ILE D 124 24.90 -0.21 -12.76
C ILE D 124 24.49 0.62 -11.57
N ASP D 125 23.79 -0.01 -10.64
CA ASP D 125 23.30 0.65 -9.43
C ASP D 125 22.42 1.86 -9.75
N GLY D 126 21.66 1.77 -10.83
CA GLY D 126 20.76 2.83 -11.22
C GLY D 126 21.41 3.90 -12.05
N TYR D 127 22.70 3.73 -12.36
CA TYR D 127 23.40 4.66 -13.26
C TYR D 127 23.59 4.07 -14.66
N GLY D 128 22.79 4.56 -15.59
CA GLY D 128 22.78 3.98 -16.92
C GLY D 128 23.50 4.78 -17.98
N THR D 129 24.01 4.08 -18.99
CA THR D 129 24.49 4.74 -20.18
C THR D 129 23.74 4.19 -21.37
N ILE D 130 23.30 5.09 -22.24
CA ILE D 130 22.63 4.67 -23.45
C ILE D 130 23.48 5.11 -24.63
N VAL D 131 23.65 4.22 -25.60
CA VAL D 131 24.45 4.54 -26.76
C VAL D 131 23.65 4.30 -28.02
N CYS D 132 23.94 5.10 -29.04
CA CYS D 132 23.35 4.85 -30.35
C CYS D 132 24.33 5.20 -31.44
N ASP D 133 24.57 4.23 -32.32
CA ASP D 133 25.34 4.44 -33.54
C ASP D 133 24.46 4.19 -34.79
N THR D 134 24.81 4.81 -35.91
CA THR D 134 24.18 4.49 -37.19
C THR D 134 25.25 3.91 -38.12
N ILE D 135 24.98 2.74 -38.69
CA ILE D 135 25.89 2.16 -39.67
C ILE D 135 25.22 1.99 -41.03
N VAL D 136 26.05 1.89 -42.06
CA VAL D 136 25.58 1.48 -43.38
C VAL D 136 25.69 -0.04 -43.50
N ALA D 137 24.56 -0.69 -43.66
CA ALA D 137 24.51 -2.15 -43.73
C ALA D 137 25.26 -2.69 -44.96
N LYS D 138 26.24 -3.55 -44.71
CA LYS D 138 27.06 -4.08 -45.79
C LYS D 138 27.68 -5.43 -45.40
N ASN D 139 28.17 -6.18 -46.39
CA ASN D 139 28.88 -7.43 -46.14
C ASN D 139 30.37 -7.22 -45.83
N ALA D 140 30.97 -8.22 -45.22
CA ALA D 140 32.35 -8.18 -44.72
C ALA D 140 33.32 -7.31 -45.51
N ASN D 141 33.36 -7.51 -46.83
CA ASN D 141 34.28 -6.72 -47.65
C ASN D 141 33.66 -6.01 -48.86
N ASP D 142 32.48 -5.44 -48.68
CA ASP D 142 32.04 -4.40 -49.60
C ASP D 142 32.92 -3.23 -49.21
N PRO D 143 33.21 -2.32 -50.13
CA PRO D 143 34.01 -1.13 -49.79
C PRO D 143 33.36 -0.34 -48.65
N ASP D 144 34.17 0.22 -47.77
CA ASP D 144 33.67 0.92 -46.59
C ASP D 144 33.50 2.43 -46.82
N VAL D 145 33.44 2.84 -48.08
CA VAL D 145 33.22 4.23 -48.43
C VAL D 145 31.72 4.57 -48.38
N ILE D 146 31.41 5.81 -48.02
CA ILE D 146 30.02 6.27 -47.99
C ILE D 146 29.94 7.56 -48.80
N GLU D 147 28.94 7.67 -49.66
CA GLU D 147 28.98 8.68 -50.69
C GLU D 147 27.67 9.38 -50.94
N GLY D 148 27.77 10.52 -51.61
CA GLY D 148 26.61 11.24 -52.09
C GLY D 148 25.71 11.66 -50.94
N ARG D 149 24.42 11.44 -51.13
CA ARG D 149 23.43 11.87 -50.17
C ARG D 149 23.53 11.09 -48.86
N GLN D 150 24.07 9.87 -48.91
CA GLN D 150 24.24 9.14 -47.67
C GLN D 150 25.33 9.80 -46.85
N ALA D 151 26.38 10.23 -47.53
CA ALA D 151 27.48 10.93 -46.88
C ALA D 151 26.94 12.21 -46.26
N ASP D 152 26.11 12.92 -47.00
CA ASP D 152 25.45 14.12 -46.50
C ASP D 152 24.71 13.88 -45.17
N LEU D 153 23.93 12.81 -45.13
CA LEU D 153 23.07 12.50 -44.01
C LEU D 153 23.93 12.24 -42.78
N PHE D 154 24.93 11.39 -42.95
CA PHE D 154 25.82 11.02 -41.86
C PHE D 154 26.60 12.23 -41.36
N LEU D 155 27.18 12.98 -42.29
CA LEU D 155 27.99 14.13 -41.94
C LEU D 155 27.14 15.18 -41.26
N ALA D 156 25.92 15.41 -41.75
CA ALA D 156 25.04 16.36 -41.08
C ALA D 156 24.89 15.96 -39.62
N THR D 157 24.66 14.66 -39.39
CA THR D 157 24.44 14.13 -38.05
C THR D 157 25.70 14.23 -37.18
N TYR D 158 26.83 13.84 -37.75
CA TYR D 158 28.09 13.87 -37.04
C TYR D 158 28.38 15.28 -36.51
N TYR D 159 28.16 16.27 -37.36
CA TYR D 159 28.54 17.64 -37.03
C TYR D 159 27.49 18.31 -36.16
N ALA D 160 26.22 17.93 -36.31
CA ALA D 160 25.22 18.41 -35.38
C ALA D 160 25.57 17.93 -33.98
N ASN D 161 26.13 16.72 -33.89
CA ASN D 161 26.55 16.19 -32.61
C ASN D 161 27.72 17.01 -32.05
N GLU D 162 28.74 17.25 -32.88
CA GLU D 162 29.92 18.01 -32.45
C GLU D 162 29.56 19.43 -32.01
N VAL D 163 28.75 20.12 -32.80
CA VAL D 163 28.23 21.41 -32.40
C VAL D 163 27.42 21.34 -31.10
N LEU D 164 26.48 20.40 -31.02
CA LEU D 164 25.62 20.32 -29.84
C LEU D 164 26.43 20.13 -28.55
N LEU D 165 27.37 19.21 -28.57
CA LEU D 165 28.20 18.96 -27.39
C LEU D 165 28.96 20.23 -26.98
N ARG D 166 29.47 20.97 -27.95
CA ARG D 166 30.19 22.19 -27.63
C ARG D 166 29.24 23.26 -27.06
N LEU D 167 28.00 23.29 -27.54
CA LEU D 167 27.03 24.26 -27.04
C LEU D 167 26.60 23.93 -25.61
N MET D 168 26.91 22.71 -25.17
CA MET D 168 26.53 22.27 -23.82
C MET D 168 27.59 22.57 -22.76
N VAL D 169 28.82 22.85 -23.17
CA VAL D 169 29.82 23.27 -22.20
C VAL D 169 29.37 24.57 -21.52
N PRO D 170 29.15 24.52 -20.18
CA PRO D 170 28.76 25.71 -19.42
C PRO D 170 29.68 26.87 -19.77
N PRO D 171 29.11 28.07 -19.99
CA PRO D 171 29.85 29.25 -20.43
C PRO D 171 31.09 29.51 -19.57
N GLY D 172 32.20 29.80 -20.24
CA GLY D 172 33.41 30.21 -19.55
C GLY D 172 34.20 29.05 -18.99
N LEU D 173 33.61 27.86 -18.96
CA LEU D 173 34.25 26.73 -18.31
C LEU D 173 35.64 26.40 -18.87
N LEU D 174 35.81 26.48 -20.18
CA LEU D 174 37.08 26.12 -20.80
C LEU D 174 37.79 27.32 -21.41
N ALA D 175 37.34 28.53 -21.06
CA ALA D 175 37.96 29.77 -21.57
C ALA D 175 39.45 29.82 -21.28
N THR D 176 40.23 30.30 -22.25
CA THR D 176 41.67 30.53 -22.10
C THR D 176 41.98 32.02 -22.19
N GLY D 177 43.21 32.44 -21.90
CA GLY D 177 43.59 33.83 -22.09
C GLY D 177 43.70 34.67 -20.83
N THR D 178 43.45 35.99 -20.95
CA THR D 178 43.55 36.90 -19.80
C THR D 178 42.40 36.68 -18.83
N ASP D 179 42.55 37.19 -17.61
CA ASP D 179 41.46 37.12 -16.66
C ASP D 179 40.20 37.80 -17.18
N GLU D 180 40.38 38.90 -17.91
CA GLU D 180 39.26 39.66 -18.46
C GLU D 180 38.49 38.85 -19.52
N GLU D 181 39.21 38.12 -20.34
CA GLU D 181 38.59 37.26 -21.35
C GLU D 181 37.84 36.11 -20.69
N LYS D 182 38.45 35.50 -19.68
CA LYS D 182 37.77 34.44 -18.94
C LYS D 182 36.51 34.97 -18.26
N ALA D 183 36.63 36.12 -17.62
CA ALA D 183 35.50 36.71 -16.91
C ALA D 183 34.37 36.97 -17.88
N LYS D 184 34.72 37.53 -19.04
CA LYS D 184 33.77 37.76 -20.11
C LYS D 184 33.07 36.48 -20.63
N ALA D 185 33.84 35.44 -20.93
CA ALA D 185 33.23 34.18 -21.40
C ALA D 185 32.30 33.59 -20.34
N ALA D 186 32.65 33.80 -19.07
CA ALA D 186 31.89 33.26 -17.96
C ALA D 186 30.59 34.02 -17.72
N ALA D 187 30.49 35.25 -18.20
CA ALA D 187 29.29 36.05 -18.00
C ALA D 187 28.33 35.89 -19.16
N VAL D 188 28.77 35.26 -20.23
CA VAL D 188 27.88 35.05 -21.35
C VAL D 188 26.83 34.02 -20.94
N LYS D 189 25.57 34.30 -21.22
CA LYS D 189 24.49 33.40 -20.85
C LYS D 189 24.56 32.08 -21.63
N PRO D 190 24.08 30.99 -21.01
CA PRO D 190 23.94 29.74 -21.75
C PRO D 190 23.06 30.02 -22.97
N PRO D 191 23.37 29.43 -24.12
CA PRO D 191 22.53 29.72 -25.30
C PRO D 191 21.08 29.25 -25.08
N SER D 192 20.10 29.96 -25.66
CA SER D 192 18.72 29.48 -25.57
C SER D 192 18.54 28.21 -26.41
N GLN D 193 17.49 27.44 -26.14
CA GLN D 193 17.26 26.24 -26.92
C GLN D 193 16.84 26.58 -28.35
N ALA D 194 16.09 27.65 -28.52
CA ALA D 194 15.79 28.13 -29.88
C ALA D 194 17.09 28.42 -30.62
N LYS D 195 18.05 29.05 -29.95
CA LYS D 195 19.35 29.31 -30.56
C LYS D 195 20.12 28.02 -30.86
N ILE D 196 20.09 27.08 -29.92
CA ILE D 196 20.65 25.75 -30.13
C ILE D 196 20.02 25.06 -31.36
N SER D 197 18.69 25.15 -31.47
CA SER D 197 17.99 24.54 -32.61
C SER D 197 18.38 25.18 -33.93
N SER D 198 18.39 26.51 -33.97
CA SER D 198 18.66 27.17 -35.23
C SER D 198 20.09 26.87 -35.70
N LEU D 199 21.02 26.71 -34.75
CA LEU D 199 22.39 26.35 -35.11
C LEU D 199 22.51 24.95 -35.71
N LEU D 200 21.91 23.96 -35.06
CA LEU D 200 21.94 22.60 -35.60
C LEU D 200 21.19 22.52 -36.94
N GLU D 201 20.10 23.26 -37.05
CA GLU D 201 19.36 23.36 -38.32
C GLU D 201 20.26 23.88 -39.44
N LYS D 202 21.15 24.83 -39.14
CA LYS D 202 22.11 25.33 -40.12
C LYS D 202 23.14 24.27 -40.51
N VAL D 203 23.61 23.50 -39.53
CA VAL D 203 24.46 22.36 -39.83
C VAL D 203 23.76 21.40 -40.80
N ALA D 204 22.55 20.97 -40.45
CA ALA D 204 21.82 20.03 -41.31
C ALA D 204 21.62 20.61 -42.72
N LYS D 205 21.25 21.89 -42.80
CA LYS D 205 21.00 22.53 -44.09
C LYS D 205 22.24 22.64 -45.00
N ALA D 206 23.42 22.73 -44.40
CA ALA D 206 24.63 22.79 -45.21
C ALA D 206 24.69 21.54 -46.07
N TYR D 207 24.06 20.47 -45.59
CA TYR D 207 24.10 19.16 -46.23
C TYR D 207 22.74 18.81 -46.84
N ASP D 208 21.92 19.83 -47.07
CA ASP D 208 20.58 19.61 -47.61
C ASP D 208 19.77 18.55 -46.84
N CYS D 209 20.00 18.45 -45.53
CA CYS D 209 19.20 17.57 -44.68
C CYS D 209 18.45 18.40 -43.65
N ASN D 210 17.66 17.74 -42.81
CA ASN D 210 16.97 18.40 -41.72
C ASN D 210 17.15 17.68 -40.39
N ILE D 211 17.14 18.46 -39.31
CA ILE D 211 17.16 17.90 -37.96
C ILE D 211 15.82 17.17 -37.76
N ILE D 212 15.85 15.96 -37.19
CA ILE D 212 14.59 15.27 -36.88
C ILE D 212 13.79 16.03 -35.81
N GLU D 213 12.61 16.51 -36.14
CA GLU D 213 11.86 17.32 -35.20
C GLU D 213 11.73 16.68 -33.79
N SER D 214 11.90 17.53 -32.78
CA SER D 214 11.77 17.19 -31.36
C SER D 214 12.76 16.16 -30.80
N THR D 215 13.91 16.01 -31.44
CA THR D 215 14.94 15.11 -30.93
C THR D 215 15.39 15.59 -29.54
N THR D 216 15.30 14.74 -28.54
CA THR D 216 15.47 15.19 -27.16
C THR D 216 16.69 14.61 -26.46
N SER D 217 17.45 15.49 -25.80
CA SER D 217 18.55 15.09 -24.94
C SER D 217 18.07 15.23 -23.52
N TRP D 218 18.33 14.22 -22.70
CA TRP D 218 17.80 14.19 -21.34
C TRP D 218 18.90 14.21 -20.27
N LEU D 219 18.65 14.92 -19.17
CA LEU D 219 19.48 14.77 -17.99
C LEU D 219 19.30 13.36 -17.44
N PHE D 220 20.39 12.71 -17.05
CA PHE D 220 20.28 11.42 -16.38
C PHE D 220 20.50 11.62 -14.87
N ASP D 221 19.99 10.70 -14.05
CA ASP D 221 20.39 10.61 -12.66
C ASP D 221 20.14 9.18 -12.18
N LYS D 222 20.32 8.92 -10.90
CA LYS D 222 20.14 7.58 -10.40
C LYS D 222 18.72 7.07 -10.72
N ASN D 223 18.64 5.91 -11.35
CA ASN D 223 17.36 5.33 -11.73
C ASN D 223 16.54 6.25 -12.64
N GLU D 224 17.18 7.08 -13.43
CA GLU D 224 16.43 8.03 -14.25
C GLU D 224 17.11 8.37 -15.58
N ILE D 225 16.36 8.14 -16.64
CA ILE D 225 16.87 8.26 -17.98
C ILE D 225 16.13 9.40 -18.69
N GLU D 226 15.15 9.96 -18.02
CA GLU D 226 14.49 11.18 -18.50
C GLU D 226 14.28 12.14 -17.33
N GLY D 227 15.36 12.80 -16.93
CA GLY D 227 15.36 13.62 -15.72
C GLY D 227 14.87 15.05 -15.79
N LYS D 228 15.22 15.82 -14.76
CA LYS D 228 14.76 17.19 -14.50
C LYS D 228 15.00 18.19 -15.62
N LYS D 229 15.95 17.90 -16.49
CA LYS D 229 16.28 18.85 -17.54
C LYS D 229 16.30 18.15 -18.88
N LYS D 230 15.96 18.87 -19.93
CA LYS D 230 16.03 18.32 -21.27
C LYS D 230 16.28 19.42 -22.29
N ILE D 231 16.91 19.00 -23.40
CA ILE D 231 17.05 19.85 -24.56
C ILE D 231 16.25 19.24 -25.71
N ILE D 232 15.37 20.05 -26.29
CA ILE D 232 14.54 19.62 -27.41
C ILE D 232 14.86 20.43 -28.67
N LEU D 233 15.47 19.78 -29.65
CA LEU D 233 15.83 20.38 -30.94
C LEU D 233 14.64 20.51 -31.90
N SER D 234 14.61 21.61 -32.66
CA SER D 234 13.51 21.88 -33.59
C SER D 234 12.20 21.39 -33.03
N PRO D 235 11.76 21.98 -31.92
CA PRO D 235 10.52 21.52 -31.30
C PRO D 235 9.30 21.71 -32.20
N GLY D 236 8.36 20.79 -32.14
CA GLY D 236 7.06 21.01 -32.74
C GLY D 236 6.43 22.25 -32.14
N GLU D 237 5.64 22.96 -32.93
CA GLU D 237 4.96 24.19 -32.53
C GLU D 237 4.60 24.28 -31.05
N ASN D 238 4.15 23.17 -30.47
CA ASN D 238 3.60 23.17 -29.11
C ASN D 238 4.59 22.89 -27.96
N ILE D 239 5.83 22.51 -28.29
CA ILE D 239 6.75 22.00 -27.26
C ILE D 239 8.07 22.79 -27.11
N LYS D 240 8.72 22.64 -25.95
CA LYS D 240 10.03 23.25 -25.71
C LYS D 240 10.74 22.53 -24.56
N GLY D 241 12.07 22.52 -24.62
CA GLY D 241 12.87 21.96 -23.54
C GLY D 241 13.07 22.96 -22.40
N GLU D 242 13.67 22.49 -21.30
CA GLU D 242 13.93 23.37 -20.17
C GLU D 242 15.13 22.89 -19.35
N GLY D 243 15.98 23.83 -18.92
CA GLY D 243 17.13 23.52 -18.11
C GLY D 243 18.42 23.64 -18.90
N VAL D 244 19.49 24.08 -18.25
CA VAL D 244 20.76 24.16 -18.95
C VAL D 244 21.71 23.16 -18.31
N PRO D 245 22.61 22.60 -19.12
CA PRO D 245 23.61 21.66 -18.64
C PRO D 245 24.56 22.36 -17.67
N GLU D 246 24.88 21.69 -16.57
CA GLU D 246 25.72 22.21 -15.51
C GLU D 246 26.80 21.20 -15.14
N VAL D 247 27.95 21.71 -14.71
CA VAL D 247 28.98 20.91 -14.07
C VAL D 247 28.36 20.00 -13.00
N GLY D 248 28.68 18.72 -13.03
CA GLY D 248 28.00 17.75 -12.18
C GLY D 248 26.88 16.98 -12.89
N ASP D 249 26.49 17.40 -14.08
CA ASP D 249 25.43 16.69 -14.84
C ASP D 249 25.95 15.47 -15.58
N VAL D 250 25.13 14.42 -15.62
CA VAL D 250 25.23 13.43 -16.68
C VAL D 250 24.04 13.57 -17.66
N TRP D 251 24.32 13.60 -18.96
CA TRP D 251 23.27 13.71 -19.97
C TRP D 251 23.36 12.60 -21.02
N GLY D 252 22.20 12.11 -21.46
CA GLY D 252 22.14 11.31 -22.67
C GLY D 252 21.85 12.23 -23.85
N VAL D 253 22.87 12.48 -24.67
CA VAL D 253 22.81 13.49 -25.71
C VAL D 253 22.48 12.89 -27.07
N GLU D 254 21.34 13.28 -27.63
CA GLU D 254 20.92 12.70 -28.90
C GLU D 254 20.80 13.76 -29.98
N VAL D 255 21.19 13.36 -31.18
CA VAL D 255 21.08 14.17 -32.37
C VAL D 255 20.60 13.23 -33.49
N GLY D 256 19.72 13.72 -34.36
CA GLY D 256 19.32 12.96 -35.52
C GLY D 256 19.00 13.83 -36.72
N CYS D 257 19.39 13.35 -37.88
CA CYS D 257 19.07 14.02 -39.13
C CYS D 257 18.30 13.13 -40.11
N SER D 258 17.68 13.75 -41.10
CA SER D 258 16.88 13.04 -42.09
C SER D 258 17.09 13.60 -43.49
N LEU D 259 16.98 12.73 -44.49
CA LEU D 259 17.09 13.15 -45.88
C LEU D 259 15.74 13.72 -46.33
N GLY D 260 14.73 13.59 -45.49
CA GLY D 260 13.43 14.19 -45.72
C GLY D 260 13.23 15.48 -44.94
N SER D 261 11.97 15.80 -44.67
CA SER D 261 11.59 17.03 -43.99
C SER D 261 12.13 17.11 -42.58
N GLY D 262 12.31 15.96 -41.94
CA GLY D 262 12.60 15.94 -40.53
C GLY D 262 11.28 15.92 -39.77
N LYS D 263 10.19 16.07 -40.50
CA LYS D 263 8.88 15.86 -39.90
C LYS D 263 8.81 14.40 -39.53
N VAL D 264 7.95 14.10 -38.59
CA VAL D 264 7.81 12.80 -38.03
C VAL D 264 6.38 12.37 -38.21
N LYS D 265 6.15 11.09 -38.32
CA LYS D 265 4.84 10.51 -38.35
C LYS D 265 4.73 9.18 -37.63
N GLN D 266 3.60 8.93 -37.05
CA GLN D 266 3.32 7.69 -36.38
C GLN D 266 3.29 6.55 -37.37
N PHE D 267 4.12 5.53 -37.17
CA PHE D 267 4.07 4.35 -38.01
C PHE D 267 2.99 3.38 -37.51
N GLU D 268 2.78 2.27 -38.21
CA GLU D 268 1.67 1.38 -37.87
C GLU D 268 2.10 0.18 -37.02
N GLN D 269 3.41 -0.06 -36.97
CA GLN D 269 3.99 -1.14 -36.16
C GLN D 269 3.60 -1.08 -34.68
N ARG D 270 3.58 -2.24 -34.05
CA ARG D 270 3.24 -2.33 -32.64
C ARG D 270 4.26 -1.64 -31.73
N ALA D 271 3.75 -0.86 -30.79
CA ALA D 271 4.55 -0.25 -29.73
C ALA D 271 5.06 -1.31 -28.76
N THR D 272 6.39 -1.55 -28.76
CA THR D 272 7.00 -2.55 -27.86
C THR D 272 7.87 -1.92 -26.76
N LEU D 273 8.45 -0.76 -27.05
CA LEU D 273 9.35 -0.05 -26.14
C LEU D 273 8.57 0.69 -25.07
N HIS D 274 8.88 0.41 -23.80
CA HIS D 274 8.17 1.02 -22.71
C HIS D 274 9.10 1.25 -21.53
N ARG D 275 8.61 2.00 -20.53
CA ARG D 275 9.30 2.04 -19.27
C ARG D 275 8.29 2.30 -18.18
N ARG D 276 8.57 1.76 -17.00
CA ARG D 276 7.75 1.97 -15.83
C ARG D 276 7.96 3.39 -15.34
N THR D 277 6.90 4.04 -14.89
CA THR D 277 7.00 5.38 -14.32
C THR D 277 6.80 5.29 -12.81
N ASN D 278 6.66 6.44 -12.16
CA ASN D 278 6.40 6.45 -10.72
C ASN D 278 4.93 6.67 -10.33
N ASN D 279 4.05 6.82 -11.31
CA ASN D 279 2.61 6.92 -11.01
C ASN D 279 2.12 5.76 -10.15
N THR D 280 1.11 6.02 -9.32
CA THR D 280 0.67 5.06 -8.31
C THR D 280 -0.67 4.37 -8.62
N TYR D 281 -1.25 4.67 -9.78
CA TYR D 281 -2.51 4.03 -10.22
C TYR D 281 -2.57 2.55 -9.90
N ALA D 282 -3.65 2.15 -9.22
CA ALA D 282 -3.83 0.77 -8.80
C ALA D 282 -4.38 -0.08 -9.94
N LEU D 283 -3.55 -0.97 -10.46
CA LEU D 283 -3.97 -1.85 -11.55
C LEU D 283 -5.03 -2.84 -11.09
N LYS D 284 -6.08 -2.98 -11.89
CA LYS D 284 -7.24 -3.81 -11.53
C LYS D 284 -7.12 -5.22 -12.13
N ARG D 285 -6.38 -5.36 -13.22
CA ARG D 285 -6.32 -6.64 -13.92
C ARG D 285 -5.12 -7.45 -13.50
N PRO D 286 -5.33 -8.73 -13.17
CA PRO D 286 -4.26 -9.58 -12.65
C PRO D 286 -3.06 -9.69 -13.58
N THR D 287 -3.26 -9.70 -14.89
CA THR D 287 -2.10 -9.85 -15.78
C THR D 287 -1.31 -8.55 -15.86
N SER D 288 -2.02 -7.43 -15.74
CA SER D 288 -1.38 -6.13 -15.60
C SER D 288 -0.45 -6.12 -14.37
N ARG D 289 -0.99 -6.49 -13.21
CA ARG D 289 -0.18 -6.56 -11.98
C ARG D 289 1.03 -7.49 -12.12
N LYS D 290 0.81 -8.66 -12.73
CA LYS D 290 1.90 -9.61 -12.94
C LYS D 290 3.04 -9.04 -13.80
N ILE D 291 2.69 -8.35 -14.86
CA ILE D 291 3.66 -7.83 -15.82
C ILE D 291 4.35 -6.62 -15.19
N TYR D 292 3.61 -5.87 -14.38
CA TYR D 292 4.15 -4.70 -13.71
C TYR D 292 5.25 -5.11 -12.74
N SER D 293 4.99 -6.15 -11.96
CA SER D 293 5.95 -6.66 -10.99
C SER D 293 7.16 -7.26 -11.65
N GLU D 294 6.94 -8.04 -12.71
CA GLU D 294 8.04 -8.62 -13.44
C GLU D 294 8.94 -7.49 -13.95
N VAL D 295 8.32 -6.43 -14.47
CA VAL D 295 9.07 -5.31 -15.03
C VAL D 295 9.79 -4.57 -13.90
N GLN D 296 9.09 -4.33 -12.81
CA GLN D 296 9.69 -3.65 -11.68
C GLN D 296 10.97 -4.36 -11.20
N LYS D 297 10.91 -5.67 -11.07
CA LYS D 297 12.02 -6.50 -10.70
C LYS D 297 13.21 -6.52 -11.62
N LYS D 298 12.98 -6.59 -12.90
CA LYS D 298 14.03 -6.72 -13.86
C LYS D 298 14.61 -5.41 -14.39
N PHE D 299 13.79 -4.40 -14.54
CA PHE D 299 14.17 -3.21 -15.23
C PHE D 299 14.08 -1.96 -14.39
N GLY D 300 13.27 -1.97 -13.36
CA GLY D 300 13.10 -0.78 -12.56
C GLY D 300 12.31 0.27 -13.33
N THR D 301 12.91 1.44 -13.55
CA THR D 301 12.29 2.52 -14.30
C THR D 301 12.97 2.68 -15.65
N PHE D 302 13.77 1.69 -16.02
CA PHE D 302 14.50 1.75 -17.25
C PHE D 302 13.67 1.19 -18.41
N PRO D 303 13.87 1.72 -19.61
CA PRO D 303 13.19 1.24 -20.82
C PRO D 303 13.43 -0.26 -21.04
N PHE D 304 12.44 -0.94 -21.63
CA PHE D 304 12.57 -2.35 -21.95
C PHE D 304 11.69 -2.63 -23.16
N SER D 305 11.89 -3.77 -23.81
CA SER D 305 11.00 -4.18 -24.89
C SER D 305 10.04 -5.28 -24.42
N LEU D 306 8.79 -5.25 -24.92
CA LEU D 306 7.82 -6.29 -24.61
C LEU D 306 8.38 -7.65 -24.99
N ARG D 307 9.27 -7.69 -25.97
CA ARG D 307 9.84 -8.97 -26.40
C ARG D 307 10.68 -9.61 -25.30
N GLN D 308 11.22 -8.80 -24.39
CA GLN D 308 12.08 -9.30 -23.31
C GLN D 308 11.30 -10.01 -22.21
N LEU D 309 9.99 -9.81 -22.17
CA LEU D 309 9.24 -10.36 -21.05
C LEU D 309 9.11 -11.88 -21.18
N GLU D 310 8.89 -12.56 -20.06
CA GLU D 310 8.78 -14.01 -20.03
C GLU D 310 7.84 -14.58 -21.09
N ASP D 311 6.65 -13.97 -21.21
CA ASP D 311 5.59 -14.52 -22.03
C ASP D 311 4.87 -13.46 -22.84
N GLU D 312 5.03 -13.49 -24.15
CA GLU D 312 4.46 -12.43 -24.98
C GLU D 312 2.95 -12.25 -24.86
N ARG D 313 2.23 -13.35 -24.64
CA ARG D 313 0.77 -13.23 -24.53
C ARG D 313 0.33 -12.51 -23.26
N ASP D 314 1.02 -12.77 -22.15
CA ASP D 314 0.84 -12.01 -20.92
C ASP D 314 1.25 -10.56 -21.17
N ALA D 315 2.35 -10.37 -21.90
CA ALA D 315 2.86 -9.03 -22.13
C ALA D 315 1.82 -8.16 -22.84
N LYS D 316 1.28 -8.68 -23.94
CA LYS D 316 0.31 -7.93 -24.74
C LYS D 316 -0.96 -7.65 -23.94
N SER D 317 -1.38 -8.62 -23.14
CA SER D 317 -2.58 -8.45 -22.32
C SER D 317 -2.33 -7.48 -21.15
N GLY D 318 -1.20 -7.66 -20.48
CA GLY D 318 -0.88 -6.83 -19.33
C GLY D 318 -0.55 -5.37 -19.64
N VAL D 319 0.08 -5.12 -20.78
CA VAL D 319 0.56 -3.78 -21.11
C VAL D 319 -0.57 -2.76 -21.32
N ILE D 320 -1.75 -3.24 -21.70
CA ILE D 320 -2.85 -2.35 -22.04
C ILE D 320 -3.25 -1.43 -20.88
N GLU D 321 -3.56 -2.02 -19.73
CA GLU D 321 -3.94 -1.23 -18.56
C GLU D 321 -2.77 -0.47 -17.91
N CYS D 322 -1.55 -1.00 -18.04
CA CYS D 322 -0.36 -0.31 -17.54
C CYS D 322 -0.15 1.02 -18.24
N VAL D 323 -0.31 1.02 -19.57
CA VAL D 323 -0.18 2.21 -20.38
C VAL D 323 -1.37 3.14 -20.12
N ARG D 324 -2.57 2.59 -20.19
CA ARG D 324 -3.78 3.37 -19.97
C ARG D 324 -3.78 4.02 -18.58
N GLY D 325 -3.31 3.28 -17.57
CA GLY D 325 -3.30 3.79 -16.20
C GLY D 325 -2.17 4.77 -15.94
N GLY D 326 -1.27 4.92 -16.90
CA GLY D 326 -0.15 5.82 -16.74
C GLY D 326 1.05 5.24 -16.01
N VAL D 327 1.02 3.97 -15.62
CA VAL D 327 2.15 3.39 -14.88
C VAL D 327 3.27 2.84 -15.77
N PHE D 328 2.97 2.62 -17.05
CA PHE D 328 3.97 2.43 -18.09
C PHE D 328 3.80 3.58 -19.06
N ARG D 329 4.93 4.17 -19.44
CA ARG D 329 4.98 5.05 -20.60
C ARG D 329 5.23 4.19 -21.83
N GLN D 330 4.49 4.49 -22.88
CA GLN D 330 4.61 3.77 -24.14
C GLN D 330 5.33 4.71 -25.10
N TYR D 331 6.37 4.22 -25.76
CA TYR D 331 7.00 4.97 -26.84
C TYR D 331 6.45 4.51 -28.19
N GLU D 332 5.53 5.29 -28.74
CA GLU D 332 4.94 4.94 -30.03
C GLU D 332 5.95 4.86 -31.15
N VAL D 333 5.72 3.93 -32.07
CA VAL D 333 6.62 3.80 -33.21
C VAL D 333 6.40 4.97 -34.16
N THR D 334 7.45 5.77 -34.33
CA THR D 334 7.43 6.88 -35.25
C THR D 334 8.56 6.71 -36.24
N GLY D 335 8.43 7.39 -37.38
CA GLY D 335 9.44 7.39 -38.42
C GLY D 335 9.34 8.65 -39.26
N ASP D 336 10.22 8.75 -40.24
CA ASP D 336 10.27 9.93 -41.09
C ASP D 336 8.97 10.15 -41.89
N LYS D 337 8.43 11.37 -41.81
CA LYS D 337 7.17 11.68 -42.48
C LYS D 337 7.25 11.45 -43.99
N ASP D 338 8.42 11.68 -44.58
CA ASP D 338 8.58 11.45 -46.01
C ASP D 338 9.09 10.05 -46.31
N ASN D 339 9.08 9.18 -45.30
CA ASN D 339 9.53 7.80 -45.48
C ASN D 339 10.98 7.75 -45.95
N ALA D 340 11.70 8.83 -45.72
CA ALA D 340 13.11 8.88 -46.08
C ALA D 340 13.99 8.41 -44.93
N PRO D 341 15.24 8.02 -45.22
CA PRO D 341 16.14 7.50 -44.18
C PRO D 341 16.61 8.55 -43.19
N VAL D 342 16.86 8.11 -41.96
CA VAL D 342 17.36 8.95 -40.89
C VAL D 342 18.63 8.39 -40.26
N CYS D 343 19.40 9.28 -39.65
CA CYS D 343 20.66 8.95 -39.04
C CYS D 343 20.60 9.48 -37.61
N ARG D 344 21.06 8.69 -36.64
CA ARG D 344 20.97 9.12 -35.25
C ARG D 344 22.23 8.79 -34.45
N LEU D 345 22.58 9.71 -33.55
CA LEU D 345 23.68 9.51 -32.64
C LEU D 345 23.22 9.80 -31.23
N LEU D 346 23.58 8.93 -30.30
CA LEU D 346 23.31 9.15 -28.89
C LEU D 346 24.57 8.89 -28.08
N THR D 347 24.92 9.84 -27.21
CA THR D 347 26.12 9.73 -26.38
C THR D 347 25.79 10.06 -24.93
N THR D 348 26.30 9.25 -24.01
CA THR D 348 26.17 9.54 -22.60
C THR D 348 27.43 10.29 -22.13
N ILE D 349 27.23 11.51 -21.61
CA ILE D 349 28.33 12.39 -21.22
C ILE D 349 28.29 12.80 -19.75
N ALA D 350 29.46 13.11 -19.21
CA ALA D 350 29.55 13.71 -17.90
C ALA D 350 30.08 15.13 -18.07
N ILE D 351 29.58 16.03 -17.24
CA ILE D 351 30.06 17.40 -17.25
C ILE D 351 30.77 17.64 -15.94
N THR D 352 32.08 17.86 -16.01
CA THR D 352 32.87 18.13 -14.81
C THR D 352 33.58 19.47 -14.94
N LYS D 353 34.40 19.81 -13.94
CA LYS D 353 35.15 21.06 -14.00
C LYS D 353 36.10 21.06 -15.20
N ASN D 354 36.45 19.87 -15.69
CA ASN D 354 37.30 19.76 -16.89
C ASN D 354 36.54 19.71 -18.22
N GLY D 355 35.25 20.02 -18.18
CA GLY D 355 34.45 20.05 -19.39
C GLY D 355 33.66 18.78 -19.65
N ILE D 356 33.44 18.48 -20.92
CA ILE D 356 32.55 17.38 -21.29
C ILE D 356 33.32 16.11 -21.60
N THR D 357 33.00 15.05 -20.87
CA THR D 357 33.59 13.75 -21.09
C THR D 357 32.58 12.80 -21.73
N ARG D 358 33.00 12.07 -22.76
CA ARG D 358 32.14 11.06 -23.37
C ARG D 358 32.28 9.77 -22.58
N ILE D 359 31.28 9.45 -21.78
CA ILE D 359 31.36 8.27 -20.93
C ILE D 359 31.15 7.04 -21.78
N GLY D 360 30.03 7.03 -22.50
CA GLY D 360 29.69 5.92 -23.37
C GLY D 360 29.05 6.45 -24.63
N GLY D 361 29.51 5.98 -25.78
CA GLY D 361 28.95 6.45 -27.02
C GLY D 361 29.32 5.60 -28.21
N PRO D 362 28.92 6.04 -29.40
CA PRO D 362 29.25 5.38 -30.65
C PRO D 362 30.75 5.45 -30.83
N PRO D 363 31.32 4.48 -31.55
CA PRO D 363 32.76 4.53 -31.83
C PRO D 363 33.08 5.69 -32.75
N ALA D 364 34.21 6.35 -32.54
CA ALA D 364 34.68 7.42 -33.42
C ALA D 364 34.58 7.06 -34.91
N TRP D 365 33.91 7.92 -35.66
CA TRP D 365 33.74 7.74 -37.10
C TRP D 365 34.96 8.23 -37.87
N ASP D 366 35.42 7.44 -38.83
CA ASP D 366 36.53 7.84 -39.67
C ASP D 366 36.02 8.76 -40.76
N LEU D 367 36.33 10.05 -40.67
CA LEU D 367 35.79 11.05 -41.58
C LEU D 367 36.31 10.91 -43.01
N SER D 368 37.34 10.09 -43.21
CA SER D 368 37.91 9.92 -44.53
C SER D 368 37.07 8.97 -45.38
N LYS D 369 36.21 8.18 -44.74
CA LYS D 369 35.37 7.26 -45.49
C LYS D 369 34.19 7.95 -46.17
N PHE D 370 34.04 9.26 -45.93
CA PHE D 370 32.90 10.00 -46.47
C PHE D 370 33.27 10.83 -47.70
N LYS D 371 32.45 10.73 -48.74
CA LYS D 371 32.72 11.42 -50.00
C LYS D 371 31.54 12.25 -50.46
N THR D 372 31.70 13.57 -50.39
CA THR D 372 30.68 14.51 -50.81
C THR D 372 31.33 15.84 -51.11
N ASP D 373 30.71 16.59 -52.01
CA ASP D 373 31.20 17.93 -52.34
C ASP D 373 30.67 18.97 -51.34
N LYS D 374 29.72 18.56 -50.51
CA LYS D 374 29.14 19.48 -49.53
C LYS D 374 30.05 19.70 -48.32
N LYS D 375 29.85 20.82 -47.64
CA LYS D 375 30.61 21.16 -46.45
C LYS D 375 30.03 22.39 -45.80
N ILE D 376 30.35 22.57 -44.53
CA ILE D 376 29.90 23.73 -43.77
C ILE D 376 30.80 24.92 -44.08
N GLU D 377 30.16 26.05 -44.41
CA GLU D 377 30.88 27.27 -44.72
C GLU D 377 30.51 28.36 -43.73
N ASP D 378 29.41 28.16 -43.02
CA ASP D 378 28.95 29.12 -42.02
C ASP D 378 30.02 29.41 -40.95
N GLU D 379 30.50 30.66 -40.94
CA GLU D 379 31.53 31.10 -40.01
C GLU D 379 31.24 30.81 -38.53
N GLU D 380 30.02 31.12 -38.10
CA GLU D 380 29.66 30.97 -36.70
C GLU D 380 29.81 29.52 -36.28
N ILE D 381 29.33 28.61 -37.11
CA ILE D 381 29.48 27.17 -36.85
C ILE D 381 30.94 26.69 -36.90
N LEU D 382 31.65 27.06 -37.97
CA LEU D 382 33.07 26.69 -38.05
C LEU D 382 33.82 27.12 -36.80
N LYS D 383 33.47 28.29 -36.28
CA LYS D 383 34.14 28.83 -35.09
C LYS D 383 33.81 28.00 -33.86
N ILE D 384 32.51 27.76 -33.65
CA ILE D 384 32.06 26.83 -32.62
C ILE D 384 32.78 25.48 -32.70
N LEU D 385 33.02 24.99 -33.91
CA LEU D 385 33.68 23.69 -34.06
C LEU D 385 35.14 23.73 -33.66
N GLU D 386 35.71 24.93 -33.55
CA GLU D 386 37.08 25.05 -33.07
C GLU D 386 37.19 24.95 -31.54
N GLN D 387 36.14 25.36 -30.85
CA GLN D 387 36.13 25.30 -29.39
C GLN D 387 36.43 23.87 -28.93
N PRO D 388 37.11 23.76 -27.78
CA PRO D 388 37.41 22.45 -27.19
C PRO D 388 36.20 21.88 -26.46
N LEU D 389 36.13 20.55 -26.36
CA LEU D 389 35.09 19.89 -25.57
C LEU D 389 35.52 19.71 -24.11
N SER D 390 36.83 19.60 -23.90
CA SER D 390 37.37 19.40 -22.55
C SER D 390 38.78 19.98 -22.42
N LYS D 391 39.32 19.95 -21.20
CA LYS D 391 40.72 20.30 -20.98
C LYS D 391 41.43 19.23 -20.15
N ASN D 392 42.56 18.75 -20.66
CA ASN D 392 43.52 17.91 -19.91
C ASN D 392 44.52 17.18 -20.80
S SO4 E . 13.23 46.15 -23.30
O1 SO4 E . 12.16 46.62 -24.19
O2 SO4 E . 13.09 44.72 -23.11
O3 SO4 E . 14.53 46.42 -23.91
O4 SO4 E . 13.14 46.85 -22.03
S SO4 F . -9.82 34.08 10.07
O1 SO4 F . -11.09 34.34 9.37
O2 SO4 F . -9.62 32.64 10.17
O3 SO4 F . -8.71 34.68 9.33
O4 SO4 F . -9.83 34.68 11.41
S SO4 G . -26.90 31.09 20.44
O1 SO4 G . -27.92 31.86 19.74
O2 SO4 G . -27.39 29.72 20.57
O3 SO4 G . -25.64 31.10 19.70
O4 SO4 G . -26.64 31.68 21.76
S SO4 H . -0.22 -17.63 36.01
O1 SO4 H . -1.38 -17.48 36.91
O2 SO4 H . 0.66 -18.68 36.52
O3 SO4 H . -0.70 -18.00 34.67
O4 SO4 H . 0.52 -16.37 35.96
S SO4 I . 6.09 -59.11 -8.61
O1 SO4 I . 4.83 -58.37 -8.44
O2 SO4 I . 6.05 -60.31 -7.78
O3 SO4 I . 6.27 -59.46 -10.01
O4 SO4 I . 7.20 -58.24 -8.25
S SO4 J . -3.04 -8.47 -30.69
O1 SO4 J . -4.32 -8.46 -31.38
O2 SO4 J . -2.94 -9.67 -29.85
O3 SO4 J . -1.94 -8.51 -31.65
O4 SO4 J . -2.96 -7.27 -29.85
S SO4 K . -10.99 0.25 -25.17
O1 SO4 K . -12.35 -0.25 -25.40
O2 SO4 K . -10.10 -0.88 -24.93
O3 SO4 K . -10.55 1.01 -26.34
O4 SO4 K . -11.00 1.14 -24.00
#